data_5HDG
# 
_entry.id   5HDG 
# 
_audit_conform.dict_name       mmcif_pdbx.dic 
_audit_conform.dict_version    5.380 
_audit_conform.dict_location   http://mmcif.pdb.org/dictionaries/ascii/mmcif_pdbx.dic 
# 
loop_
_database_2.database_id 
_database_2.database_code 
_database_2.pdbx_database_accession 
_database_2.pdbx_DOI 
PDB   5HDG         pdb_00005hdg 10.2210/pdb5hdg/pdb 
WWPDB D_1000216867 ?            ?                   
# 
loop_
_pdbx_database_related.db_name 
_pdbx_database_related.details 
_pdbx_database_related.db_id 
_pdbx_database_related.content_type 
PDB . 5HDK unspecified 
PDB . 5HDN unspecified 
# 
_pdbx_database_status.status_code                     REL 
_pdbx_database_status.status_code_sf                  REL 
_pdbx_database_status.status_code_mr                  ? 
_pdbx_database_status.entry_id                        5HDG 
_pdbx_database_status.recvd_initial_deposition_date   2016-01-05 
_pdbx_database_status.SG_entry                        N 
_pdbx_database_status.deposit_site                    RCSB 
_pdbx_database_status.process_site                    PDBJ 
_pdbx_database_status.status_code_cs                  ? 
_pdbx_database_status.methods_development_category    ? 
_pdbx_database_status.pdb_format_compatible           Y 
_pdbx_database_status.status_code_nmr_data            ? 
# 
loop_
_audit_author.name 
_audit_author.pdbx_ordinal 
'Feng, H.'   1 
'Liu, W.'    2 
'Wang, D.C.' 3 
# 
_citation.abstract                  ? 
_citation.abstract_id_CAS           ? 
_citation.book_id_ISBN              ? 
_citation.book_publisher            ? 
_citation.book_publisher_city       ? 
_citation.book_title                ? 
_citation.coordinate_linkage        ? 
_citation.country                   ? 
_citation.database_id_Medline       ? 
_citation.details                   ? 
_citation.id                        primary 
_citation.journal_abbrev            'To Be Published' 
_citation.journal_id_ASTM           ? 
_citation.journal_id_CSD            0353 
_citation.journal_id_ISSN           ? 
_citation.journal_full              ? 
_citation.journal_issue             ? 
_citation.journal_volume            ? 
_citation.language                  ? 
_citation.page_first                ? 
_citation.page_last                 ? 
_citation.title                     'HSF1-DBD crystal structure' 
_citation.year                      ? 
_citation.database_id_CSD           ? 
_citation.pdbx_database_id_DOI      ? 
_citation.pdbx_database_id_PubMed   ? 
_citation.unpublished_flag          ? 
# 
loop_
_citation_author.citation_id 
_citation_author.name 
_citation_author.ordinal 
_citation_author.identifier_ORCID 
primary 'Feng, H.'   1 ? 
primary 'Liu, W.'    2 ? 
primary 'Wang, D.C.' 3 ? 
# 
_cell.angle_alpha                  90.00 
_cell.angle_alpha_esd              ? 
_cell.angle_beta                   90.00 
_cell.angle_beta_esd               ? 
_cell.angle_gamma                  90.00 
_cell.angle_gamma_esd              ? 
_cell.entry_id                     5HDG 
_cell.details                      ? 
_cell.formula_units_Z              ? 
_cell.length_a                     48.610 
_cell.length_a_esd                 ? 
_cell.length_b                     64.420 
_cell.length_b_esd                 ? 
_cell.length_c                     68.770 
_cell.length_c_esd                 ? 
_cell.volume                       ? 
_cell.volume_esd                   ? 
_cell.Z_PDB                        8 
_cell.reciprocal_angle_alpha       ? 
_cell.reciprocal_angle_beta        ? 
_cell.reciprocal_angle_gamma       ? 
_cell.reciprocal_angle_alpha_esd   ? 
_cell.reciprocal_angle_beta_esd    ? 
_cell.reciprocal_angle_gamma_esd   ? 
_cell.reciprocal_length_a          ? 
_cell.reciprocal_length_b          ? 
_cell.reciprocal_length_c          ? 
_cell.reciprocal_length_a_esd      ? 
_cell.reciprocal_length_b_esd      ? 
_cell.reciprocal_length_c_esd      ? 
_cell.pdbx_unique_axis             ? 
# 
_symmetry.entry_id                         5HDG 
_symmetry.cell_setting                     ? 
_symmetry.Int_Tables_number                23 
_symmetry.space_group_name_Hall            ? 
_symmetry.space_group_name_H-M             'I 2 2 2' 
_symmetry.pdbx_full_space_group_name_H-M   ? 
# 
loop_
_entity.id 
_entity.type 
_entity.src_method 
_entity.pdbx_description 
_entity.formula_weight 
_entity.pdbx_number_of_molecules 
_entity.pdbx_ec 
_entity.pdbx_mutation 
_entity.pdbx_fragment 
_entity.details 
1 polymer     man 'Heat shock factor protein 1' 13156.973 1   ? ? 'UNP residues 15-120' ? 
2 non-polymer syn 'SODIUM ION'                  22.990    1   ? ? ?                     ? 
3 water       nat water                         18.015    149 ? ? ?                     ? 
# 
_entity_name_com.entity_id   1 
_entity_name_com.name        'HSF 1,Heat shock transcription factor 1,HSTF 1' 
# 
_entity_poly.entity_id                      1 
_entity_poly.type                           'polypeptide(L)' 
_entity_poly.nstd_linkage                   no 
_entity_poly.nstd_monomer                   no 
_entity_poly.pdbx_seq_one_letter_code       
;HHHHHHVPAFLTKLWTLVSDPDTDALICWSPSGNSFHVFDQGQFAKEVLPKYFKHNNMASFVRQLNMYGFRKVVHIEQGG
LVKPERDDTEFQHPCFLRGQEQLLENIKRKVT
;
_entity_poly.pdbx_seq_one_letter_code_can   
;HHHHHHVPAFLTKLWTLVSDPDTDALICWSPSGNSFHVFDQGQFAKEVLPKYFKHNNMASFVRQLNMYGFRKVVHIEQGG
LVKPERDDTEFQHPCFLRGQEQLLENIKRKVT
;
_entity_poly.pdbx_strand_id                 A 
_entity_poly.pdbx_target_identifier         ? 
# 
loop_
_entity_poly_seq.entity_id 
_entity_poly_seq.num 
_entity_poly_seq.mon_id 
_entity_poly_seq.hetero 
1 1   HIS n 
1 2   HIS n 
1 3   HIS n 
1 4   HIS n 
1 5   HIS n 
1 6   HIS n 
1 7   VAL n 
1 8   PRO n 
1 9   ALA n 
1 10  PHE n 
1 11  LEU n 
1 12  THR n 
1 13  LYS n 
1 14  LEU n 
1 15  TRP n 
1 16  THR n 
1 17  LEU n 
1 18  VAL n 
1 19  SER n 
1 20  ASP n 
1 21  PRO n 
1 22  ASP n 
1 23  THR n 
1 24  ASP n 
1 25  ALA n 
1 26  LEU n 
1 27  ILE n 
1 28  CYS n 
1 29  TRP n 
1 30  SER n 
1 31  PRO n 
1 32  SER n 
1 33  GLY n 
1 34  ASN n 
1 35  SER n 
1 36  PHE n 
1 37  HIS n 
1 38  VAL n 
1 39  PHE n 
1 40  ASP n 
1 41  GLN n 
1 42  GLY n 
1 43  GLN n 
1 44  PHE n 
1 45  ALA n 
1 46  LYS n 
1 47  GLU n 
1 48  VAL n 
1 49  LEU n 
1 50  PRO n 
1 51  LYS n 
1 52  TYR n 
1 53  PHE n 
1 54  LYS n 
1 55  HIS n 
1 56  ASN n 
1 57  ASN n 
1 58  MET n 
1 59  ALA n 
1 60  SER n 
1 61  PHE n 
1 62  VAL n 
1 63  ARG n 
1 64  GLN n 
1 65  LEU n 
1 66  ASN n 
1 67  MET n 
1 68  TYR n 
1 69  GLY n 
1 70  PHE n 
1 71  ARG n 
1 72  LYS n 
1 73  VAL n 
1 74  VAL n 
1 75  HIS n 
1 76  ILE n 
1 77  GLU n 
1 78  GLN n 
1 79  GLY n 
1 80  GLY n 
1 81  LEU n 
1 82  VAL n 
1 83  LYS n 
1 84  PRO n 
1 85  GLU n 
1 86  ARG n 
1 87  ASP n 
1 88  ASP n 
1 89  THR n 
1 90  GLU n 
1 91  PHE n 
1 92  GLN n 
1 93  HIS n 
1 94  PRO n 
1 95  CYS n 
1 96  PHE n 
1 97  LEU n 
1 98  ARG n 
1 99  GLY n 
1 100 GLN n 
1 101 GLU n 
1 102 GLN n 
1 103 LEU n 
1 104 LEU n 
1 105 GLU n 
1 106 ASN n 
1 107 ILE n 
1 108 LYS n 
1 109 ARG n 
1 110 LYS n 
1 111 VAL n 
1 112 THR n 
# 
_entity_src_gen.entity_id                          1 
_entity_src_gen.pdbx_src_id                        1 
_entity_src_gen.pdbx_alt_source_flag               sample 
_entity_src_gen.pdbx_seq_type                      'Biological sequence' 
_entity_src_gen.pdbx_beg_seq_num                   1 
_entity_src_gen.pdbx_end_seq_num                   112 
_entity_src_gen.gene_src_common_name               Human 
_entity_src_gen.gene_src_genus                     ? 
_entity_src_gen.pdbx_gene_src_gene                 'HSF1, HSTF1' 
_entity_src_gen.gene_src_species                   ? 
_entity_src_gen.gene_src_strain                    ? 
_entity_src_gen.gene_src_tissue                    ? 
_entity_src_gen.gene_src_tissue_fraction           ? 
_entity_src_gen.gene_src_details                   ? 
_entity_src_gen.pdbx_gene_src_fragment             ? 
_entity_src_gen.pdbx_gene_src_scientific_name      'Homo sapiens' 
_entity_src_gen.pdbx_gene_src_ncbi_taxonomy_id     9606 
_entity_src_gen.pdbx_gene_src_variant              ? 
_entity_src_gen.pdbx_gene_src_cell_line            ? 
_entity_src_gen.pdbx_gene_src_atcc                 ? 
_entity_src_gen.pdbx_gene_src_organ                ? 
_entity_src_gen.pdbx_gene_src_organelle            ? 
_entity_src_gen.pdbx_gene_src_cell                 ? 
_entity_src_gen.pdbx_gene_src_cellular_location    ? 
_entity_src_gen.host_org_common_name               ? 
_entity_src_gen.pdbx_host_org_scientific_name      'Escherichia coli' 
_entity_src_gen.pdbx_host_org_ncbi_taxonomy_id     562 
_entity_src_gen.host_org_genus                     ? 
_entity_src_gen.pdbx_host_org_gene                 ? 
_entity_src_gen.pdbx_host_org_organ                ? 
_entity_src_gen.host_org_species                   ? 
_entity_src_gen.pdbx_host_org_tissue               ? 
_entity_src_gen.pdbx_host_org_tissue_fraction      ? 
_entity_src_gen.pdbx_host_org_strain               ? 
_entity_src_gen.pdbx_host_org_variant              ? 
_entity_src_gen.pdbx_host_org_cell_line            ? 
_entity_src_gen.pdbx_host_org_atcc                 ? 
_entity_src_gen.pdbx_host_org_culture_collection   ? 
_entity_src_gen.pdbx_host_org_cell                 ? 
_entity_src_gen.pdbx_host_org_organelle            ? 
_entity_src_gen.pdbx_host_org_cellular_location    ? 
_entity_src_gen.pdbx_host_org_vector_type          ? 
_entity_src_gen.pdbx_host_org_vector               ? 
_entity_src_gen.host_org_details                   ? 
_entity_src_gen.expression_system_id               ? 
_entity_src_gen.plasmid_name                       ? 
_entity_src_gen.plasmid_details                    ? 
_entity_src_gen.pdbx_description                   ? 
# 
_struct_ref.id                         1 
_struct_ref.db_name                    UNP 
_struct_ref.db_code                    HSF1_HUMAN 
_struct_ref.pdbx_db_accession          Q00613 
_struct_ref.pdbx_db_isoform            ? 
_struct_ref.entity_id                  1 
_struct_ref.pdbx_seq_one_letter_code   
;VPAFLTKLWTLVSDPDTDALICWSPSGNSFHVFDQGQFAKEVLPKYFKHNNMASFVRQLNMYGFRKVVHIEQGGLVKPER
DDTEFQHPCFLRGQEQLLENIKRKVT
;
_struct_ref.pdbx_align_begin           15 
# 
_struct_ref_seq.align_id                      1 
_struct_ref_seq.ref_id                        1 
_struct_ref_seq.pdbx_PDB_id_code              5HDG 
_struct_ref_seq.pdbx_strand_id                A 
_struct_ref_seq.seq_align_beg                 7 
_struct_ref_seq.pdbx_seq_align_beg_ins_code   ? 
_struct_ref_seq.seq_align_end                 112 
_struct_ref_seq.pdbx_seq_align_end_ins_code   ? 
_struct_ref_seq.pdbx_db_accession             Q00613 
_struct_ref_seq.db_align_beg                  15 
_struct_ref_seq.pdbx_db_align_beg_ins_code    ? 
_struct_ref_seq.db_align_end                  120 
_struct_ref_seq.pdbx_db_align_end_ins_code    ? 
_struct_ref_seq.pdbx_auth_seq_align_beg       15 
_struct_ref_seq.pdbx_auth_seq_align_end       120 
# 
loop_
_struct_ref_seq_dif.align_id 
_struct_ref_seq_dif.pdbx_pdb_id_code 
_struct_ref_seq_dif.mon_id 
_struct_ref_seq_dif.pdbx_pdb_strand_id 
_struct_ref_seq_dif.seq_num 
_struct_ref_seq_dif.pdbx_pdb_ins_code 
_struct_ref_seq_dif.pdbx_seq_db_name 
_struct_ref_seq_dif.pdbx_seq_db_accession_code 
_struct_ref_seq_dif.db_mon_id 
_struct_ref_seq_dif.pdbx_seq_db_seq_num 
_struct_ref_seq_dif.details 
_struct_ref_seq_dif.pdbx_auth_seq_num 
_struct_ref_seq_dif.pdbx_ordinal 
1 5HDG HIS A 1 ? UNP Q00613 ? ? 'expression tag' 9  1 
1 5HDG HIS A 2 ? UNP Q00613 ? ? 'expression tag' 10 2 
1 5HDG HIS A 3 ? UNP Q00613 ? ? 'expression tag' 11 3 
1 5HDG HIS A 4 ? UNP Q00613 ? ? 'expression tag' 12 4 
1 5HDG HIS A 5 ? UNP Q00613 ? ? 'expression tag' 13 5 
1 5HDG HIS A 6 ? UNP Q00613 ? ? 'expression tag' 14 6 
# 
loop_
_chem_comp.id 
_chem_comp.type 
_chem_comp.mon_nstd_flag 
_chem_comp.name 
_chem_comp.pdbx_synonyms 
_chem_comp.formula 
_chem_comp.formula_weight 
ALA 'L-peptide linking' y ALANINE         ? 'C3 H7 N O2'     89.093  
ARG 'L-peptide linking' y ARGININE        ? 'C6 H15 N4 O2 1' 175.209 
ASN 'L-peptide linking' y ASPARAGINE      ? 'C4 H8 N2 O3'    132.118 
ASP 'L-peptide linking' y 'ASPARTIC ACID' ? 'C4 H7 N O4'     133.103 
CYS 'L-peptide linking' y CYSTEINE        ? 'C3 H7 N O2 S'   121.158 
GLN 'L-peptide linking' y GLUTAMINE       ? 'C5 H10 N2 O3'   146.144 
GLU 'L-peptide linking' y 'GLUTAMIC ACID' ? 'C5 H9 N O4'     147.129 
GLY 'peptide linking'   y GLYCINE         ? 'C2 H5 N O2'     75.067  
HIS 'L-peptide linking' y HISTIDINE       ? 'C6 H10 N3 O2 1' 156.162 
HOH non-polymer         . WATER           ? 'H2 O'           18.015  
ILE 'L-peptide linking' y ISOLEUCINE      ? 'C6 H13 N O2'    131.173 
LEU 'L-peptide linking' y LEUCINE         ? 'C6 H13 N O2'    131.173 
LYS 'L-peptide linking' y LYSINE          ? 'C6 H15 N2 O2 1' 147.195 
MET 'L-peptide linking' y METHIONINE      ? 'C5 H11 N O2 S'  149.211 
NA  non-polymer         . 'SODIUM ION'    ? 'Na 1'           22.990  
PHE 'L-peptide linking' y PHENYLALANINE   ? 'C9 H11 N O2'    165.189 
PRO 'L-peptide linking' y PROLINE         ? 'C5 H9 N O2'     115.130 
SER 'L-peptide linking' y SERINE          ? 'C3 H7 N O3'     105.093 
THR 'L-peptide linking' y THREONINE       ? 'C4 H9 N O3'     119.119 
TRP 'L-peptide linking' y TRYPTOPHAN      ? 'C11 H12 N2 O2'  204.225 
TYR 'L-peptide linking' y TYROSINE        ? 'C9 H11 N O3'    181.189 
VAL 'L-peptide linking' y VALINE          ? 'C5 H11 N O2'    117.146 
# 
_exptl.absorpt_coefficient_mu     ? 
_exptl.absorpt_correction_T_max   ? 
_exptl.absorpt_correction_T_min   ? 
_exptl.absorpt_correction_type    ? 
_exptl.absorpt_process_details    ? 
_exptl.entry_id                   5HDG 
_exptl.crystals_number            ? 
_exptl.details                    ? 
_exptl.method                     'X-RAY DIFFRACTION' 
_exptl.method_details             ? 
# 
_exptl_crystal.colour                      ? 
_exptl_crystal.density_diffrn              ? 
_exptl_crystal.density_Matthews            2.16 
_exptl_crystal.density_method              ? 
_exptl_crystal.density_percent_sol         43.04 
_exptl_crystal.description                 ? 
_exptl_crystal.F_000                       ? 
_exptl_crystal.id                          1 
_exptl_crystal.preparation                 ? 
_exptl_crystal.size_max                    ? 
_exptl_crystal.size_mid                    ? 
_exptl_crystal.size_min                    ? 
_exptl_crystal.size_rad                    ? 
_exptl_crystal.colour_lustre               ? 
_exptl_crystal.colour_modifier             ? 
_exptl_crystal.colour_primary              ? 
_exptl_crystal.density_meas                ? 
_exptl_crystal.density_meas_esd            ? 
_exptl_crystal.density_meas_gt             ? 
_exptl_crystal.density_meas_lt             ? 
_exptl_crystal.density_meas_temp           ? 
_exptl_crystal.density_meas_temp_esd       ? 
_exptl_crystal.density_meas_temp_gt        ? 
_exptl_crystal.density_meas_temp_lt        ? 
_exptl_crystal.pdbx_crystal_image_url      ? 
_exptl_crystal.pdbx_crystal_image_format   ? 
_exptl_crystal.pdbx_mosaicity              ? 
_exptl_crystal.pdbx_mosaicity_esd          ? 
# 
_exptl_crystal_grow.apparatus       ? 
_exptl_crystal_grow.atmosphere      ? 
_exptl_crystal_grow.crystal_id      1 
_exptl_crystal_grow.details         ? 
_exptl_crystal_grow.method          'VAPOR DIFFUSION, HANGING DROP' 
_exptl_crystal_grow.method_ref      ? 
_exptl_crystal_grow.pH              7.2 
_exptl_crystal_grow.pressure        ? 
_exptl_crystal_grow.pressure_esd    ? 
_exptl_crystal_grow.seeding         ? 
_exptl_crystal_grow.seeding_ref     ? 
_exptl_crystal_grow.temp            293 
_exptl_crystal_grow.temp_details    ? 
_exptl_crystal_grow.temp_esd        ? 
_exptl_crystal_grow.time            ? 
_exptl_crystal_grow.pdbx_details    '0.2M sodium formate, pH 7.2, 22%(w/v) PEG3350' 
_exptl_crystal_grow.pdbx_pH_range   ? 
# 
_diffrn.ambient_environment    ? 
_diffrn.ambient_temp           100 
_diffrn.ambient_temp_details   ? 
_diffrn.ambient_temp_esd       ? 
_diffrn.crystal_id             1 
_diffrn.crystal_support        ? 
_diffrn.crystal_treatment      ? 
_diffrn.details                ? 
_diffrn.id                     1 
_diffrn.ambient_pressure       ? 
_diffrn.ambient_pressure_esd   ? 
_diffrn.ambient_pressure_gt    ? 
_diffrn.ambient_pressure_lt    ? 
_diffrn.ambient_temp_gt        ? 
_diffrn.ambient_temp_lt        ? 
# 
_diffrn_detector.details                      ? 
_diffrn_detector.detector                     CCD 
_diffrn_detector.diffrn_id                    1 
_diffrn_detector.type                         'ADSC QUANTUM 315r' 
_diffrn_detector.area_resol_mean              ? 
_diffrn_detector.dtime                        ? 
_diffrn_detector.pdbx_frames_total            ? 
_diffrn_detector.pdbx_collection_time_total   ? 
_diffrn_detector.pdbx_collection_date         2014-07-06 
# 
_diffrn_radiation.collimation                      ? 
_diffrn_radiation.diffrn_id                        1 
_diffrn_radiation.filter_edge                      ? 
_diffrn_radiation.inhomogeneity                    ? 
_diffrn_radiation.monochromator                    ? 
_diffrn_radiation.polarisn_norm                    ? 
_diffrn_radiation.polarisn_ratio                   ? 
_diffrn_radiation.probe                            ? 
_diffrn_radiation.type                             ? 
_diffrn_radiation.xray_symbol                      ? 
_diffrn_radiation.wavelength_id                    1 
_diffrn_radiation.pdbx_monochromatic_or_laue_m_l   M 
_diffrn_radiation.pdbx_wavelength_list             ? 
_diffrn_radiation.pdbx_wavelength                  ? 
_diffrn_radiation.pdbx_diffrn_protocol             'SINGLE WAVELENGTH' 
_diffrn_radiation.pdbx_analyzer                    ? 
_diffrn_radiation.pdbx_scattering_type             x-ray 
# 
_diffrn_radiation_wavelength.id           1 
_diffrn_radiation_wavelength.wavelength   0.97915 
_diffrn_radiation_wavelength.wt           1.0 
# 
_diffrn_source.current                     ? 
_diffrn_source.details                     ? 
_diffrn_source.diffrn_id                   1 
_diffrn_source.power                       ? 
_diffrn_source.size                        ? 
_diffrn_source.source                      SYNCHROTRON 
_diffrn_source.target                      ? 
_diffrn_source.type                        'SSRF BEAMLINE BL17U' 
_diffrn_source.voltage                     ? 
_diffrn_source.take-off_angle              ? 
_diffrn_source.pdbx_wavelength_list        0.97915 
_diffrn_source.pdbx_wavelength             ? 
_diffrn_source.pdbx_synchrotron_beamline   BL17U 
_diffrn_source.pdbx_synchrotron_site       SSRF 
# 
_reflns.B_iso_Wilson_estimate            ? 
_reflns.entry_id                         5HDG 
_reflns.data_reduction_details           ? 
_reflns.data_reduction_method            ? 
_reflns.d_resolution_high                1.7 
_reflns.d_resolution_low                 32.21 
_reflns.details                          ? 
_reflns.limit_h_max                      ? 
_reflns.limit_h_min                      ? 
_reflns.limit_k_max                      ? 
_reflns.limit_k_min                      ? 
_reflns.limit_l_max                      ? 
_reflns.limit_l_min                      ? 
_reflns.number_all                       ? 
_reflns.number_obs                       12343 
_reflns.observed_criterion               ? 
_reflns.observed_criterion_F_max         ? 
_reflns.observed_criterion_F_min         ? 
_reflns.observed_criterion_I_max         ? 
_reflns.observed_criterion_I_min         ? 
_reflns.observed_criterion_sigma_F       ? 
_reflns.observed_criterion_sigma_I       ? 
_reflns.percent_possible_obs             99.5 
_reflns.R_free_details                   ? 
_reflns.Rmerge_F_all                     ? 
_reflns.Rmerge_F_obs                     ? 
_reflns.Friedel_coverage                 ? 
_reflns.number_gt                        ? 
_reflns.threshold_expression             ? 
_reflns.pdbx_redundancy                  7.1 
_reflns.pdbx_Rmerge_I_obs                0.120 
_reflns.pdbx_Rmerge_I_all                ? 
_reflns.pdbx_Rsym_value                  0.120 
_reflns.pdbx_netI_over_av_sigmaI         ? 
_reflns.pdbx_netI_over_sigmaI            4.1 
_reflns.pdbx_res_netI_over_av_sigmaI_2   ? 
_reflns.pdbx_res_netI_over_sigmaI_2      ? 
_reflns.pdbx_chi_squared                 ? 
_reflns.pdbx_scaling_rejects             ? 
_reflns.pdbx_d_res_high_opt              ? 
_reflns.pdbx_d_res_low_opt               ? 
_reflns.pdbx_d_res_opt_method            ? 
_reflns.phase_calculation_details        ? 
_reflns.pdbx_Rrim_I_all                  ? 
_reflns.pdbx_Rpim_I_all                  ? 
_reflns.pdbx_d_opt                       ? 
_reflns.pdbx_number_measured_all         ? 
_reflns.pdbx_diffrn_id                   1 
_reflns.pdbx_ordinal                     1 
_reflns.pdbx_CC_half                     ? 
_reflns.pdbx_R_split                     ? 
# 
_reflns_shell.d_res_high                  1.7 
_reflns_shell.d_res_low                   1.73 
_reflns_shell.meanI_over_sigI_all         ? 
_reflns_shell.meanI_over_sigI_obs         3 
_reflns_shell.number_measured_all         ? 
_reflns_shell.number_measured_obs         ? 
_reflns_shell.number_possible             ? 
_reflns_shell.number_unique_all           ? 
_reflns_shell.number_unique_obs           ? 
_reflns_shell.percent_possible_all        99.8 
_reflns_shell.percent_possible_obs        ? 
_reflns_shell.Rmerge_F_all                ? 
_reflns_shell.Rmerge_F_obs                ? 
_reflns_shell.Rmerge_I_all                ? 
_reflns_shell.Rmerge_I_obs                0.527 
_reflns_shell.meanI_over_sigI_gt          ? 
_reflns_shell.meanI_over_uI_all           ? 
_reflns_shell.meanI_over_uI_gt            ? 
_reflns_shell.number_measured_gt          ? 
_reflns_shell.number_unique_gt            ? 
_reflns_shell.percent_possible_gt         ? 
_reflns_shell.Rmerge_F_gt                 ? 
_reflns_shell.Rmerge_I_gt                 ? 
_reflns_shell.pdbx_redundancy             7.3 
_reflns_shell.pdbx_Rsym_value             0.527 
_reflns_shell.pdbx_chi_squared            ? 
_reflns_shell.pdbx_netI_over_sigmaI_all   ? 
_reflns_shell.pdbx_netI_over_sigmaI_obs   ? 
_reflns_shell.pdbx_Rrim_I_all             ? 
_reflns_shell.pdbx_Rpim_I_all             ? 
_reflns_shell.pdbx_rejects                ? 
_reflns_shell.pdbx_ordinal                1 
_reflns_shell.pdbx_diffrn_id              1 
_reflns_shell.pdbx_CC_half                ? 
_reflns_shell.pdbx_R_split                ? 
# 
_refine.aniso_B[1][1]                            ? 
_refine.aniso_B[1][2]                            ? 
_refine.aniso_B[1][3]                            ? 
_refine.aniso_B[2][2]                            ? 
_refine.aniso_B[2][3]                            ? 
_refine.aniso_B[3][3]                            ? 
_refine.B_iso_max                                ? 
_refine.B_iso_mean                               ? 
_refine.B_iso_min                                ? 
_refine.correlation_coeff_Fo_to_Fc               ? 
_refine.correlation_coeff_Fo_to_Fc_free          ? 
_refine.details                                  ? 
_refine.diff_density_max                         ? 
_refine.diff_density_max_esd                     ? 
_refine.diff_density_min                         ? 
_refine.diff_density_min_esd                     ? 
_refine.diff_density_rms                         ? 
_refine.diff_density_rms_esd                     ? 
_refine.entry_id                                 5HDG 
_refine.pdbx_refine_id                           'X-RAY DIFFRACTION' 
_refine.ls_abs_structure_details                 ? 
_refine.ls_abs_structure_Flack                   ? 
_refine.ls_abs_structure_Flack_esd               ? 
_refine.ls_abs_structure_Rogers                  ? 
_refine.ls_abs_structure_Rogers_esd              ? 
_refine.ls_d_res_high                            1.700 
_refine.ls_d_res_low                             32.210 
_refine.ls_extinction_coef                       ? 
_refine.ls_extinction_coef_esd                   ? 
_refine.ls_extinction_expression                 ? 
_refine.ls_extinction_method                     ? 
_refine.ls_goodness_of_fit_all                   ? 
_refine.ls_goodness_of_fit_all_esd               ? 
_refine.ls_goodness_of_fit_obs                   ? 
_refine.ls_goodness_of_fit_obs_esd               ? 
_refine.ls_hydrogen_treatment                    ? 
_refine.ls_matrix_type                           ? 
_refine.ls_number_constraints                    ? 
_refine.ls_number_parameters                     ? 
_refine.ls_number_reflns_all                     ? 
_refine.ls_number_reflns_obs                     12177 
_refine.ls_number_reflns_R_free                  1225 
_refine.ls_number_reflns_R_work                  ? 
_refine.ls_number_restraints                     ? 
_refine.ls_percent_reflns_obs                    99.59 
_refine.ls_percent_reflns_R_free                 10.06 
_refine.ls_R_factor_all                          ? 
_refine.ls_R_factor_obs                          0.1935 
_refine.ls_R_factor_R_free                       0.2184 
_refine.ls_R_factor_R_free_error                 ? 
_refine.ls_R_factor_R_free_error_details         ? 
_refine.ls_R_factor_R_work                       0.1907 
_refine.ls_R_Fsqd_factor_obs                     ? 
_refine.ls_R_I_factor_obs                        ? 
_refine.ls_redundancy_reflns_all                 ? 
_refine.ls_redundancy_reflns_obs                 ? 
_refine.ls_restrained_S_all                      ? 
_refine.ls_restrained_S_obs                      ? 
_refine.ls_shift_over_esd_max                    ? 
_refine.ls_shift_over_esd_mean                   ? 
_refine.ls_structure_factor_coef                 ? 
_refine.ls_weighting_details                     ? 
_refine.ls_weighting_scheme                      ? 
_refine.ls_wR_factor_all                         ? 
_refine.ls_wR_factor_obs                         ? 
_refine.ls_wR_factor_R_free                      ? 
_refine.ls_wR_factor_R_work                      ? 
_refine.occupancy_max                            ? 
_refine.occupancy_min                            ? 
_refine.solvent_model_details                    'FLAT BULK SOLVENT MODEL' 
_refine.solvent_model_param_bsol                 ? 
_refine.solvent_model_param_ksol                 ? 
_refine.ls_R_factor_gt                           ? 
_refine.ls_goodness_of_fit_gt                    ? 
_refine.ls_goodness_of_fit_ref                   ? 
_refine.ls_shift_over_su_max                     ? 
_refine.ls_shift_over_su_max_lt                  ? 
_refine.ls_shift_over_su_mean                    ? 
_refine.ls_shift_over_su_mean_lt                 ? 
_refine.pdbx_ls_sigma_I                          ? 
_refine.pdbx_ls_sigma_F                          1.39 
_refine.pdbx_ls_sigma_Fsqd                       ? 
_refine.pdbx_data_cutoff_high_absF               ? 
_refine.pdbx_data_cutoff_high_rms_absF           ? 
_refine.pdbx_data_cutoff_low_absF                ? 
_refine.pdbx_isotropic_thermal_model             ? 
_refine.pdbx_ls_cross_valid_method               NONE 
_refine.pdbx_method_to_determine_struct          'MOLECULAR REPLACEMENT' 
_refine.pdbx_starting_model                      3HTS 
_refine.pdbx_stereochemistry_target_values       ML 
_refine.pdbx_R_Free_selection_details            ? 
_refine.pdbx_stereochem_target_val_spec_case     ? 
_refine.pdbx_overall_ESU_R                       ? 
_refine.pdbx_overall_ESU_R_Free                  ? 
_refine.pdbx_solvent_vdw_probe_radii             1.11 
_refine.pdbx_solvent_ion_probe_radii             ? 
_refine.pdbx_solvent_shrinkage_radii             0.90 
_refine.pdbx_real_space_R                        ? 
_refine.pdbx_density_correlation                 ? 
_refine.pdbx_pd_number_of_powder_patterns        ? 
_refine.pdbx_pd_number_of_points                 ? 
_refine.pdbx_pd_meas_number_of_points            ? 
_refine.pdbx_pd_proc_ls_prof_R_factor            ? 
_refine.pdbx_pd_proc_ls_prof_wR_factor           ? 
_refine.pdbx_pd_Marquardt_correlation_coeff      ? 
_refine.pdbx_pd_Fsqrd_R_factor                   ? 
_refine.pdbx_pd_ls_matrix_band_width             ? 
_refine.pdbx_overall_phase_error                 22.83 
_refine.pdbx_overall_SU_R_free_Cruickshank_DPI   ? 
_refine.pdbx_overall_SU_R_free_Blow_DPI          ? 
_refine.pdbx_overall_SU_R_Blow_DPI               ? 
_refine.pdbx_TLS_residual_ADP_flag               ? 
_refine.pdbx_diffrn_id                           1 
_refine.overall_SU_B                             ? 
_refine.overall_SU_ML                            0.18 
_refine.overall_SU_R_Cruickshank_DPI             ? 
_refine.overall_SU_R_free                        ? 
_refine.overall_FOM_free_R_set                   ? 
_refine.overall_FOM_work_R_set                   ? 
_refine.pdbx_average_fsc_overall                 ? 
_refine.pdbx_average_fsc_work                    ? 
_refine.pdbx_average_fsc_free                    ? 
# 
_refine_hist.pdbx_refine_id                   'X-RAY DIFFRACTION' 
_refine_hist.cycle_id                         LAST 
_refine_hist.pdbx_number_atoms_protein        780 
_refine_hist.pdbx_number_atoms_nucleic_acid   0 
_refine_hist.pdbx_number_atoms_ligand         1 
_refine_hist.number_atoms_solvent             149 
_refine_hist.number_atoms_total               930 
_refine_hist.d_res_high                       1.700 
_refine_hist.d_res_low                        32.210 
# 
loop_
_refine_ls_restr.pdbx_refine_id 
_refine_ls_restr.criterion 
_refine_ls_restr.dev_ideal 
_refine_ls_restr.dev_ideal_target 
_refine_ls_restr.number 
_refine_ls_restr.rejects 
_refine_ls_restr.type 
_refine_ls_restr.weight 
_refine_ls_restr.pdbx_restraint_function 
'X-RAY DIFFRACTION' ? 0.003  ? 812  ? f_bond_d           ? ? 
'X-RAY DIFFRACTION' ? 0.753  ? 1096 ? f_angle_d          ? ? 
'X-RAY DIFFRACTION' ? 12.696 ? 295  ? f_dihedral_angle_d ? ? 
'X-RAY DIFFRACTION' ? 0.033  ? 114  ? f_chiral_restr     ? ? 
'X-RAY DIFFRACTION' ? 0.004  ? 141  ? f_plane_restr      ? ? 
# 
loop_
_refine_ls_shell.pdbx_refine_id 
_refine_ls_shell.d_res_high 
_refine_ls_shell.d_res_low 
_refine_ls_shell.number_reflns_all 
_refine_ls_shell.number_reflns_obs 
_refine_ls_shell.number_reflns_R_free 
_refine_ls_shell.number_reflns_R_work 
_refine_ls_shell.percent_reflns_obs 
_refine_ls_shell.percent_reflns_R_free 
_refine_ls_shell.R_factor_all 
_refine_ls_shell.R_factor_obs 
_refine_ls_shell.R_factor_R_free 
_refine_ls_shell.R_factor_R_free_error 
_refine_ls_shell.R_factor_R_work 
_refine_ls_shell.redundancy_reflns_all 
_refine_ls_shell.redundancy_reflns_obs 
_refine_ls_shell.wR_factor_all 
_refine_ls_shell.wR_factor_obs 
_refine_ls_shell.wR_factor_R_free 
_refine_ls_shell.wR_factor_R_work 
_refine_ls_shell.pdbx_total_number_of_bins_used 
_refine_ls_shell.pdbx_phase_error 
_refine_ls_shell.pdbx_fsc_work 
_refine_ls_shell.pdbx_fsc_free 
'X-RAY DIFFRACTION' 1.7000 1.7681  . . 134 1218 100.00 . . . 0.2859 . 0.2337 . . . . . . . . . . 
'X-RAY DIFFRACTION' 1.7681 1.8485  . . 134 1185 100.00 . . . 0.2780 . 0.2328 . . . . . . . . . . 
'X-RAY DIFFRACTION' 1.8485 1.9460  . . 136 1196 100.00 . . . 0.2952 . 0.2381 . . . . . . . . . . 
'X-RAY DIFFRACTION' 1.9460 2.0679  . . 132 1204 100.00 . . . 0.2668 . 0.2188 . . . . . . . . . . 
'X-RAY DIFFRACTION' 2.0679 2.2275  . . 135 1212 100.00 . . . 0.2236 . 0.2109 . . . . . . . . . . 
'X-RAY DIFFRACTION' 2.2275 2.4516  . . 132 1212 100.00 . . . 0.2695 . 0.2030 . . . . . . . . . . 
'X-RAY DIFFRACTION' 2.4516 2.8062  . . 143 1224 100.00 . . . 0.2223 . 0.2009 . . . . . . . . . . 
'X-RAY DIFFRACTION' 2.8062 3.5348  . . 139 1239 100.00 . . . 0.2138 . 0.1720 . . . . . . . . . . 
'X-RAY DIFFRACTION' 3.5348 32.2158 . . 140 1262 97.00  . . . 0.1703 . 0.1690 . . . . . . . . . . 
# 
_struct.entry_id                     5HDG 
_struct.title                        'crystal structure of heat shock factor 1-DBD' 
_struct.pdbx_model_details           ? 
_struct.pdbx_formula_weight          ? 
_struct.pdbx_formula_weight_method   ? 
_struct.pdbx_model_type_details      ? 
_struct.pdbx_CASP_flag               ? 
# 
_struct_keywords.entry_id        5HDG 
_struct_keywords.text            'SF1-DBD, TRANSCRIPTION' 
_struct_keywords.pdbx_keywords   TRANSCRIPTION 
# 
loop_
_struct_asym.id 
_struct_asym.pdbx_blank_PDB_chainid_flag 
_struct_asym.pdbx_modified 
_struct_asym.entity_id 
_struct_asym.details 
A N N 1 ? 
B N N 2 ? 
C N N 3 ? 
# 
loop_
_struct_conf.conf_type_id 
_struct_conf.id 
_struct_conf.pdbx_PDB_helix_id 
_struct_conf.beg_label_comp_id 
_struct_conf.beg_label_asym_id 
_struct_conf.beg_label_seq_id 
_struct_conf.pdbx_beg_PDB_ins_code 
_struct_conf.end_label_comp_id 
_struct_conf.end_label_asym_id 
_struct_conf.end_label_seq_id 
_struct_conf.pdbx_end_PDB_ins_code 
_struct_conf.beg_auth_comp_id 
_struct_conf.beg_auth_asym_id 
_struct_conf.beg_auth_seq_id 
_struct_conf.end_auth_comp_id 
_struct_conf.end_auth_asym_id 
_struct_conf.end_auth_seq_id 
_struct_conf.pdbx_PDB_helix_class 
_struct_conf.details 
_struct_conf.pdbx_PDB_helix_length 
HELX_P HELX_P1 AA1 PRO A 8   ? ASP A 20  ? PRO A 16  ASP A 28  1 ? 13 
HELX_P HELX_P2 AA2 PRO A 21  ? ASP A 24  ? PRO A 29  ASP A 32  5 ? 4  
HELX_P HELX_P3 AA3 ASP A 40  ? LYS A 54  ? ASP A 48  LYS A 62  1 ? 15 
HELX_P HELX_P4 AA4 ASN A 57  ? TYR A 68  ? ASN A 65  TYR A 76  1 ? 12 
HELX_P HELX_P5 AA5 GLN A 100 ? ILE A 107 ? GLN A 108 ILE A 115 5 ? 8  
# 
_struct_conf_type.id          HELX_P 
_struct_conf_type.criteria    ? 
_struct_conf_type.reference   ? 
# 
loop_
_struct_conn.id 
_struct_conn.conn_type_id 
_struct_conn.pdbx_leaving_atom_flag 
_struct_conn.pdbx_PDB_id 
_struct_conn.ptnr1_label_asym_id 
_struct_conn.ptnr1_label_comp_id 
_struct_conn.ptnr1_label_seq_id 
_struct_conn.ptnr1_label_atom_id 
_struct_conn.pdbx_ptnr1_label_alt_id 
_struct_conn.pdbx_ptnr1_PDB_ins_code 
_struct_conn.pdbx_ptnr1_standard_comp_id 
_struct_conn.ptnr1_symmetry 
_struct_conn.ptnr2_label_asym_id 
_struct_conn.ptnr2_label_comp_id 
_struct_conn.ptnr2_label_seq_id 
_struct_conn.ptnr2_label_atom_id 
_struct_conn.pdbx_ptnr2_label_alt_id 
_struct_conn.pdbx_ptnr2_PDB_ins_code 
_struct_conn.ptnr1_auth_asym_id 
_struct_conn.ptnr1_auth_comp_id 
_struct_conn.ptnr1_auth_seq_id 
_struct_conn.ptnr2_auth_asym_id 
_struct_conn.ptnr2_auth_comp_id 
_struct_conn.ptnr2_auth_seq_id 
_struct_conn.ptnr2_symmetry 
_struct_conn.pdbx_ptnr3_label_atom_id 
_struct_conn.pdbx_ptnr3_label_seq_id 
_struct_conn.pdbx_ptnr3_label_comp_id 
_struct_conn.pdbx_ptnr3_label_asym_id 
_struct_conn.pdbx_ptnr3_label_alt_id 
_struct_conn.pdbx_ptnr3_PDB_ins_code 
_struct_conn.details 
_struct_conn.pdbx_dist_value 
_struct_conn.pdbx_value_order 
_struct_conn.pdbx_role 
metalc1 metalc ? ? A LEU 17 O   ? ? ? 1_555 B NA . NA ? ? A LEU 25 A NA 201 1_555 ? ? ? ? ? ? ? 2.966 ? ? 
metalc2 metalc ? ? A VAL 18 O   ? ? ? 1_555 B NA . NA ? ? A VAL 26 A NA 201 1_555 ? ? ? ? ? ? ? 2.458 ? ? 
metalc3 metalc ? ? A ASP 20 O   ? ? ? 1_555 B NA . NA ? ? A ASP 28 A NA 201 1_555 ? ? ? ? ? ? ? 2.434 ? ? 
metalc4 metalc ? ? A THR 23 OG1 ? ? ? 1_555 B NA . NA ? ? A THR 31 A NA 201 1_555 ? ? ? ? ? ? ? 2.514 ? ? 
metalc5 metalc ? ? A ASP 24 OD1 ? ? ? 1_555 B NA . NA ? ? A ASP 32 A NA 201 1_555 ? ? ? ? ? ? ? 2.392 ? ? 
metalc6 metalc ? ? A ILE 27 O   ? ? ? 1_555 B NA . NA ? ? A ILE 35 A NA 201 1_555 ? ? ? ? ? ? ? 2.406 ? ? 
# 
_struct_conn_type.id          metalc 
_struct_conn_type.criteria    ? 
_struct_conn_type.reference   ? 
# 
_struct_sheet.id               AA1 
_struct_sheet.type             ? 
_struct_sheet.number_strands   4 
_struct_sheet.details          ? 
# 
loop_
_struct_sheet_order.sheet_id 
_struct_sheet_order.range_id_1 
_struct_sheet_order.range_id_2 
_struct_sheet_order.offset 
_struct_sheet_order.sense 
AA1 1 2 ? anti-parallel 
AA1 2 3 ? anti-parallel 
AA1 3 4 ? anti-parallel 
# 
loop_
_struct_sheet_range.sheet_id 
_struct_sheet_range.id 
_struct_sheet_range.beg_label_comp_id 
_struct_sheet_range.beg_label_asym_id 
_struct_sheet_range.beg_label_seq_id 
_struct_sheet_range.pdbx_beg_PDB_ins_code 
_struct_sheet_range.end_label_comp_id 
_struct_sheet_range.end_label_asym_id 
_struct_sheet_range.end_label_seq_id 
_struct_sheet_range.pdbx_end_PDB_ins_code 
_struct_sheet_range.beg_auth_comp_id 
_struct_sheet_range.beg_auth_asym_id 
_struct_sheet_range.beg_auth_seq_id 
_struct_sheet_range.end_auth_comp_id 
_struct_sheet_range.end_auth_asym_id 
_struct_sheet_range.end_auth_seq_id 
AA1 1 ILE A 27 ? TRP A 29 ? ILE A 35 TRP A 37  
AA1 2 PHE A 36 ? VAL A 38 ? PHE A 44 VAL A 46  
AA1 3 THR A 89 ? GLN A 92 ? THR A 97 GLN A 100 
AA1 4 ARG A 71 ? VAL A 73 ? ARG A 79 VAL A 81  
# 
loop_
_pdbx_struct_sheet_hbond.sheet_id 
_pdbx_struct_sheet_hbond.range_id_1 
_pdbx_struct_sheet_hbond.range_id_2 
_pdbx_struct_sheet_hbond.range_1_label_atom_id 
_pdbx_struct_sheet_hbond.range_1_label_comp_id 
_pdbx_struct_sheet_hbond.range_1_label_asym_id 
_pdbx_struct_sheet_hbond.range_1_label_seq_id 
_pdbx_struct_sheet_hbond.range_1_PDB_ins_code 
_pdbx_struct_sheet_hbond.range_1_auth_atom_id 
_pdbx_struct_sheet_hbond.range_1_auth_comp_id 
_pdbx_struct_sheet_hbond.range_1_auth_asym_id 
_pdbx_struct_sheet_hbond.range_1_auth_seq_id 
_pdbx_struct_sheet_hbond.range_2_label_atom_id 
_pdbx_struct_sheet_hbond.range_2_label_comp_id 
_pdbx_struct_sheet_hbond.range_2_label_asym_id 
_pdbx_struct_sheet_hbond.range_2_label_seq_id 
_pdbx_struct_sheet_hbond.range_2_PDB_ins_code 
_pdbx_struct_sheet_hbond.range_2_auth_atom_id 
_pdbx_struct_sheet_hbond.range_2_auth_comp_id 
_pdbx_struct_sheet_hbond.range_2_auth_asym_id 
_pdbx_struct_sheet_hbond.range_2_auth_seq_id 
AA1 1 2 N CYS A 28 ? N CYS A 36 O HIS A 37 ? O HIS A 45 
AA1 2 3 N PHE A 36 ? N PHE A 44 O PHE A 91 ? O PHE A 99 
AA1 3 4 O GLU A 90 ? O GLU A 98 N VAL A 73 ? N VAL A 81 
# 
_struct_site.id                   AC1 
_struct_site.pdbx_evidence_code   Software 
_struct_site.pdbx_auth_asym_id    A 
_struct_site.pdbx_auth_comp_id    NA 
_struct_site.pdbx_auth_seq_id     201 
_struct_site.pdbx_auth_ins_code   ? 
_struct_site.pdbx_num_residues    6 
_struct_site.details              'binding site for residue NA A 201' 
# 
loop_
_struct_site_gen.id 
_struct_site_gen.site_id 
_struct_site_gen.pdbx_num_res 
_struct_site_gen.label_comp_id 
_struct_site_gen.label_asym_id 
_struct_site_gen.label_seq_id 
_struct_site_gen.pdbx_auth_ins_code 
_struct_site_gen.auth_comp_id 
_struct_site_gen.auth_asym_id 
_struct_site_gen.auth_seq_id 
_struct_site_gen.label_atom_id 
_struct_site_gen.label_alt_id 
_struct_site_gen.symmetry 
_struct_site_gen.details 
1 AC1 6 LEU A 17 ? LEU A 25 . ? 1_555 ? 
2 AC1 6 VAL A 18 ? VAL A 26 . ? 1_555 ? 
3 AC1 6 ASP A 20 ? ASP A 28 . ? 1_555 ? 
4 AC1 6 THR A 23 ? THR A 31 . ? 1_555 ? 
5 AC1 6 ASP A 24 ? ASP A 32 . ? 1_555 ? 
6 AC1 6 ILE A 27 ? ILE A 35 . ? 1_555 ? 
# 
_atom_sites.entry_id                    5HDG 
_atom_sites.fract_transf_matrix[1][1]   0.01831584 
_atom_sites.fract_transf_matrix[1][2]   0.00240864 
_atom_sites.fract_transf_matrix[1][3]   -0.00905184 
_atom_sites.fract_transf_matrix[2][1]   -0.00661345 
_atom_sites.fract_transf_matrix[2][2]   0.00861769 
_atom_sites.fract_transf_matrix[2][3]   -0.01108879 
_atom_sites.fract_transf_matrix[3][1]   0.00233579 
_atom_sites.fract_transf_matrix[3][2]   0.01197399 
_atom_sites.fract_transf_matrix[3][3]   0.00791254 
_atom_sites.fract_transf_vector[1]      -0.128963 
_atom_sites.fract_transf_vector[2]      -0.285204 
_atom_sites.fract_transf_vector[3]      -0.169619 
# 
loop_
_atom_type.symbol 
C  
N  
NA 
O  
S  
# 
loop_
_atom_site.group_PDB 
_atom_site.id 
_atom_site.type_symbol 
_atom_site.label_atom_id 
_atom_site.label_alt_id 
_atom_site.label_comp_id 
_atom_site.label_asym_id 
_atom_site.label_entity_id 
_atom_site.label_seq_id 
_atom_site.pdbx_PDB_ins_code 
_atom_site.Cartn_x 
_atom_site.Cartn_y 
_atom_site.Cartn_z 
_atom_site.occupancy 
_atom_site.B_iso_or_equiv 
_atom_site.pdbx_formal_charge 
_atom_site.auth_seq_id 
_atom_site.auth_comp_id 
_atom_site.auth_asym_id 
_atom_site.auth_atom_id 
_atom_site.pdbx_PDB_model_num 
ATOM   1   N  N   . HIS A 1 6   ? -7.487  -5.511  17.422  1.00 61.70  ? 14  HIS A N   1 
ATOM   2   C  CA  . HIS A 1 6   ? -8.001  -5.705  16.071  1.00 47.55  ? 14  HIS A CA  1 
ATOM   3   C  C   . HIS A 1 6   ? -7.315  -4.799  15.059  1.00 41.41  ? 14  HIS A C   1 
ATOM   4   O  O   . HIS A 1 6   ? -7.450  -3.576  15.114  1.00 51.56  ? 14  HIS A O   1 
ATOM   5   C  CB  . HIS A 1 6   ? -9.511  -5.464  16.030  1.00 62.16  ? 14  HIS A CB  1 
ATOM   6   C  CG  . HIS A 1 6   ? -10.061 -5.329  14.643  1.00 58.01  ? 14  HIS A CG  1 
ATOM   7   N  ND1 . HIS A 1 6   ? -10.346 -4.107  14.071  1.00 51.51  ? 14  HIS A ND1 1 
ATOM   8   C  CD2 . HIS A 1 6   ? -10.373 -6.261  13.711  1.00 53.57  ? 14  HIS A CD2 1 
ATOM   9   C  CE1 . HIS A 1 6   ? -10.814 -4.293  12.849  1.00 54.99  ? 14  HIS A CE1 1 
ATOM   10  N  NE2 . HIS A 1 6   ? -10.839 -5.591  12.606  1.00 45.43  ? 14  HIS A NE2 1 
ATOM   11  N  N   . VAL A 1 7   ? -6.576  -5.405  14.136  1.00 42.65  ? 15  VAL A N   1 
ATOM   12  C  CA  . VAL A 1 7   ? -6.019  -4.669  13.011  1.00 35.07  ? 15  VAL A CA  1 
ATOM   13  C  C   . VAL A 1 7   ? -6.907  -4.883  11.791  1.00 29.07  ? 15  VAL A C   1 
ATOM   14  O  O   . VAL A 1 7   ? -7.184  -6.021  11.414  1.00 30.96  ? 15  VAL A O   1 
ATOM   15  C  CB  . VAL A 1 7   ? -4.565  -5.095  12.698  1.00 45.15  ? 15  VAL A CB  1 
ATOM   16  C  CG1 . VAL A 1 7   ? -4.418  -6.611  12.747  1.00 52.91  ? 15  VAL A CG1 1 
ATOM   17  C  CG2 . VAL A 1 7   ? -4.122  -4.542  11.348  1.00 32.15  ? 15  VAL A CG2 1 
ATOM   18  N  N   . PRO A 1 8   ? -7.385  -3.781  11.194  1.00 30.61  ? 16  PRO A N   1 
ATOM   19  C  CA  . PRO A 1 8   ? -8.253  -3.825  10.014  1.00 29.29  ? 16  PRO A CA  1 
ATOM   20  C  C   . PRO A 1 8   ? -7.696  -4.711  8.906   1.00 32.04  ? 16  PRO A C   1 
ATOM   21  O  O   . PRO A 1 8   ? -6.506  -4.639  8.592   1.00 28.18  ? 16  PRO A O   1 
ATOM   22  C  CB  . PRO A 1 8   ? -8.307  -2.364  9.574   1.00 29.04  ? 16  PRO A CB  1 
ATOM   23  C  CG  . PRO A 1 8   ? -8.141  -1.601  10.837  1.00 29.57  ? 16  PRO A CG  1 
ATOM   24  C  CD  . PRO A 1 8   ? -7.179  -2.403  11.670  1.00 31.57  ? 16  PRO A CD  1 
ATOM   25  N  N   . ALA A 1 9   ? -8.559  -5.545  8.334   1.00 27.17  ? 17  ALA A N   1 
ATOM   26  C  CA  . ALA A 1 9   ? -8.166  -6.490  7.296   1.00 26.75  ? 17  ALA A CA  1 
ATOM   27  C  C   . ALA A 1 9   ? -7.477  -5.802  6.121   1.00 24.70  ? 17  ALA A C   1 
ATOM   28  O  O   . ALA A 1 9   ? -6.605  -6.389  5.474   1.00 27.75  ? 17  ALA A O   1 
ATOM   29  C  CB  . ALA A 1 9   ? -9.382  -7.269  6.810   1.00 27.28  ? 17  ALA A CB  1 
ATOM   30  N  N   . PHE A 1 10  ? -7.867  -4.558  5.849   1.00 24.69  ? 18  PHE A N   1 
ATOM   31  C  CA  . PHE A 1 10  ? -7.280  -3.812  4.743   1.00 20.87  ? 18  PHE A CA  1 
ATOM   32  C  C   . PHE A 1 10  ? -5.781  -3.648  4.941   1.00 22.62  ? 18  PHE A C   1 
ATOM   33  O  O   . PHE A 1 10  ? -4.999  -3.837  4.009   1.00 20.61  ? 18  PHE A O   1 
ATOM   34  C  CB  . PHE A 1 10  ? -7.936  -2.439  4.596   1.00 24.40  ? 18  PHE A CB  1 
ATOM   35  C  CG  . PHE A 1 10  ? -7.234  -1.541  3.616   1.00 25.68  ? 18  PHE A CG  1 
ATOM   36  C  CD1 . PHE A 1 10  ? -7.450  -1.677  2.256   1.00 25.89  ? 18  PHE A CD1 1 
ATOM   37  C  CD2 . PHE A 1 10  ? -6.348  -0.566  4.056   1.00 24.28  ? 18  PHE A CD2 1 
ATOM   38  C  CE1 . PHE A 1 10  ? -6.800  -0.857  1.350   1.00 24.14  ? 18  PHE A CE1 1 
ATOM   39  C  CE2 . PHE A 1 10  ? -5.694  0.255   3.153   1.00 24.27  ? 18  PHE A CE2 1 
ATOM   40  C  CZ  . PHE A 1 10  ? -5.921  0.108   1.800   1.00 23.29  ? 18  PHE A CZ  1 
ATOM   41  N  N   . LEU A 1 11  ? -5.388  -3.297  6.163   1.00 24.28  ? 19  LEU A N   1 
ATOM   42  C  CA  . LEU A 1 11  ? -3.985  -3.041  6.469   1.00 18.21  ? 19  LEU A CA  1 
ATOM   43  C  C   . LEU A 1 11  ? -3.145  -4.311  6.419   1.00 20.36  ? 19  LEU A C   1 
ATOM   44  O  O   . LEU A 1 11  ? -2.028  -4.300  5.902   1.00 21.38  ? 19  LEU A O   1 
ATOM   45  C  CB  . LEU A 1 11  ? -3.853  -2.383  7.842   1.00 22.98  ? 19  LEU A CB  1 
ATOM   46  C  CG  . LEU A 1 11  ? -4.514  -1.010  7.965   1.00 22.37  ? 19  LEU A CG  1 
ATOM   47  C  CD1 . LEU A 1 11  ? -4.513  -0.541  9.413   1.00 25.97  ? 19  LEU A CD1 1 
ATOM   48  C  CD2 . LEU A 1 11  ? -3.815  -0.001  7.062   1.00 24.31  ? 19  LEU A CD2 1 
ATOM   49  N  N   . THR A 1 12  ? -3.675  -5.403  6.962   1.00 20.70  ? 20  THR A N   1 
ATOM   50  C  CA  . THR A 1 12  ? -2.974  -6.680  6.920   1.00 18.17  ? 20  THR A CA  1 
ATOM   51  C  C   . THR A 1 12  ? -2.781  -7.140  5.477   1.00 21.19  ? 20  THR A C   1 
ATOM   52  O  O   . THR A 1 12  ? -1.692  -7.561  5.082   1.00 27.54  ? 20  THR A O   1 
ATOM   53  C  CB  . THR A 1 12  ? -3.728  -7.768  7.709   1.00 27.80  ? 20  THR A CB  1 
ATOM   54  O  OG1 . THR A 1 12  ? -3.810  -7.384  9.087   1.00 28.95  ? 20  THR A OG1 1 
ATOM   55  C  CG2 . THR A 1 12  ? -3.007  -9.104  7.602   1.00 35.09  ? 20  THR A CG2 1 
ATOM   56  N  N   . LYS A 1 13  ? -3.845  -7.048  4.689   1.00 23.05  ? 21  LYS A N   1 
ATOM   57  C  CA  . LYS A 1 13  ? -3.779  -7.426  3.284   1.00 19.80  ? 21  LYS A CA  1 
ATOM   58  C  C   . LYS A 1 13  ? -2.802  -6.538  2.517   1.00 24.79  ? 21  LYS A C   1 
ATOM   59  O  O   . LYS A 1 13  ? -2.032  -7.024  1.687   1.00 24.64  ? 21  LYS A O   1 
ATOM   60  C  CB  . LYS A 1 13  ? -5.167  -7.363  2.648   1.00 27.01  ? 21  LYS A CB  1 
ATOM   61  C  CG  . LYS A 1 13  ? -5.993  -8.622  2.870   1.00 32.35  ? 21  LYS A CG  1 
ATOM   62  C  CD  . LYS A 1 13  ? -7.482  -8.324  2.897   1.00 38.13  ? 21  LYS A CD  1 
ATOM   63  C  CE  . LYS A 1 13  ? -7.901  -7.451  1.733   1.00 39.53  ? 21  LYS A CE  1 
ATOM   64  N  NZ  . LYS A 1 13  ? -9.388  -7.360  1.625   1.00 53.41  ? 21  LYS A NZ  1 
ATOM   65  N  N   . LEU A 1 14  ? -2.833  -5.241  2.804   1.00 23.19  ? 22  LEU A N   1 
ATOM   66  C  CA  . LEU A 1 14  ? -1.945  -4.294  2.140   1.00 19.22  ? 22  LEU A CA  1 
ATOM   67  C  C   . LEU A 1 14  ? -0.484  -4.607  2.455   1.00 22.66  ? 22  LEU A C   1 
ATOM   68  O  O   . LEU A 1 14  ? 0.358   -4.634  1.557   1.00 18.53  ? 22  LEU A O   1 
ATOM   69  C  CB  . LEU A 1 14  ? -2.278  -2.860  2.546   1.00 18.94  ? 22  LEU A CB  1 
ATOM   70  C  CG  . LEU A 1 14  ? -1.386  -1.781  1.924   1.00 18.10  ? 22  LEU A CG  1 
ATOM   71  C  CD1 . LEU A 1 14  ? -1.481  -1.799  0.406   1.00 23.23  ? 22  LEU A CD1 1 
ATOM   72  C  CD2 . LEU A 1 14  ? -1.736  -0.404  2.476   1.00 22.04  ? 22  LEU A CD2 1 
ATOM   73  N  N   . TRP A 1 15  ? -0.188  -4.852  3.730   1.00 19.20  ? 23  TRP A N   1 
ATOM   74  C  CA  . TRP A 1 15  ? 1.175   -5.178  4.152   1.00 16.03  ? 23  TRP A CA  1 
ATOM   75  C  C   . TRP A 1 15  ? 1.699   -6.445  3.472   1.00 20.61  ? 23  TRP A C   1 
ATOM   76  O  O   . TRP A 1 15  ? 2.832   -6.488  2.998   1.00 20.32  ? 23  TRP A O   1 
ATOM   77  C  CB  . TRP A 1 15  ? 1.234   -5.337  5.674   1.00 18.88  ? 23  TRP A CB  1 
ATOM   78  C  CG  . TRP A 1 15  ? 2.631   -5.335  6.223   1.00 20.29  ? 23  TRP A CG  1 
ATOM   79  C  CD1 . TRP A 1 15  ? 3.323   -4.259  6.691   1.00 17.38  ? 23  TRP A CD1 1 
ATOM   80  C  CD2 . TRP A 1 15  ? 3.502   -6.463  6.354   1.00 22.11  ? 23  TRP A CD2 1 
ATOM   81  N  NE1 . TRP A 1 15  ? 4.575   -4.647  7.109   1.00 20.63  ? 23  TRP A NE1 1 
ATOM   82  C  CE2 . TRP A 1 15  ? 4.707   -5.996  6.914   1.00 23.21  ? 23  TRP A CE2 1 
ATOM   83  C  CE3 . TRP A 1 15  ? 3.379   -7.824  6.055   1.00 27.28  ? 23  TRP A CE3 1 
ATOM   84  C  CZ2 . TRP A 1 15  ? 5.784   -6.839  7.176   1.00 24.77  ? 23  TRP A CZ2 1 
ATOM   85  C  CZ3 . TRP A 1 15  ? 4.446   -8.661  6.316   1.00 26.70  ? 23  TRP A CZ3 1 
ATOM   86  C  CH2 . TRP A 1 15  ? 5.635   -8.165  6.872   1.00 27.90  ? 23  TRP A CH2 1 
ATOM   87  N  N   . THR A 1 16  ? 0.862   -7.476  3.422   1.00 19.91  ? 24  THR A N   1 
ATOM   88  C  CA  . THR A 1 16  ? 1.248   -8.742  2.804   1.00 20.15  ? 24  THR A CA  1 
ATOM   89  C  C   . THR A 1 16  ? 1.470   -8.576  1.302   1.00 19.94  ? 24  THR A C   1 
ATOM   90  O  O   . THR A 1 16  ? 2.407   -9.139  0.735   1.00 22.45  ? 24  THR A O   1 
ATOM   91  C  CB  . THR A 1 16  ? 0.185   -9.826  3.050   1.00 25.05  ? 24  THR A CB  1 
ATOM   92  O  OG1 . THR A 1 16  ? -0.019  -9.976  4.460   1.00 32.95  ? 24  THR A OG1 1 
ATOM   93  C  CG2 . THR A 1 16  ? 0.629   -11.159 2.464   1.00 26.45  ? 24  THR A CG2 1 
ATOM   94  N  N   . LEU A 1 17  ? 0.606   -7.789  0.668   1.00 22.87  ? 25  LEU A N   1 
ATOM   95  C  CA  . LEU A 1 17  ? 0.690   -7.543  -0.768  1.00 22.34  ? 25  LEU A CA  1 
ATOM   96  C  C   . LEU A 1 17  ? 1.968   -6.793  -1.144  1.00 23.39  ? 25  LEU A C   1 
ATOM   97  O  O   . LEU A 1 17  ? 2.666   -7.165  -2.092  1.00 22.41  ? 25  LEU A O   1 
ATOM   98  C  CB  . LEU A 1 17  ? -0.536  -6.762  -1.237  1.00 22.89  ? 25  LEU A CB  1 
ATOM   99  C  CG  . LEU A 1 17  ? -0.493  -6.159  -2.642  1.00 24.23  ? 25  LEU A CG  1 
ATOM   100 C  CD1 . LEU A 1 17  ? -0.336  -7.237  -3.703  1.00 26.24  ? 25  LEU A CD1 1 
ATOM   101 C  CD2 . LEU A 1 17  ? -1.739  -5.322  -2.890  1.00 22.49  ? 25  LEU A CD2 1 
ATOM   102 N  N   . VAL A 1 18  ? 2.270   -5.734  -0.399  1.00 19.99  ? 26  VAL A N   1 
ATOM   103 C  CA  . VAL A 1 18  ? 3.489   -4.965  -0.634  1.00 15.36  ? 26  VAL A CA  1 
ATOM   104 C  C   . VAL A 1 18  ? 4.724   -5.843  -0.448  1.00 16.34  ? 26  VAL A C   1 
ATOM   105 O  O   . VAL A 1 18  ? 5.640   -5.824  -1.270  1.00 20.86  ? 26  VAL A O   1 
ATOM   106 C  CB  . VAL A 1 18  ? 3.573   -3.740  0.305   1.00 15.46  ? 26  VAL A CB  1 
ATOM   107 C  CG1 . VAL A 1 18  ? 4.894   -3.008  0.110   1.00 15.61  ? 26  VAL A CG1 1 
ATOM   108 C  CG2 . VAL A 1 18  ? 2.403   -2.796  0.057   1.00 17.00  ? 26  VAL A CG2 1 
ATOM   109 N  N   . SER A 1 19  ? 4.729   -6.634  0.621   1.00 18.78  ? 27  SER A N   1 
ATOM   110 C  CA  . SER A 1 19  ? 5.890   -7.452  0.969   1.00 19.46  ? 27  SER A CA  1 
ATOM   111 C  C   . SER A 1 19  ? 6.133   -8.613  0.004   1.00 24.82  ? 27  SER A C   1 
ATOM   112 O  O   . SER A 1 19  ? 7.260   -9.082  -0.132  1.00 24.71  ? 27  SER A O   1 
ATOM   113 C  CB  . SER A 1 19  ? 5.739   -7.998  2.389   1.00 20.60  ? 27  SER A CB  1 
ATOM   114 O  OG  . SER A 1 19  ? 5.716   -6.947  3.338   1.00 20.57  ? 27  SER A OG  1 
ATOM   115 N  N   . ASP A 1 20  ? 5.077   -9.080  -0.655  1.00 21.39  ? 28  ASP A N   1 
ATOM   116 C  CA  . ASP A 1 20  ? 5.180   -10.227 -1.558  1.00 26.61  ? 28  ASP A CA  1 
ATOM   117 C  C   . ASP A 1 20  ? 6.094   -9.929  -2.750  1.00 28.23  ? 28  ASP A C   1 
ATOM   118 O  O   . ASP A 1 20  ? 5.810   -9.035  -3.545  1.00 26.69  ? 28  ASP A O   1 
ATOM   119 C  CB  . ASP A 1 20  ? 3.787   -10.635 -2.047  1.00 21.22  ? 28  ASP A CB  1 
ATOM   120 C  CG  . ASP A 1 20  ? 3.753   -12.041 -2.633  1.00 35.35  ? 28  ASP A CG  1 
ATOM   121 O  OD1 . ASP A 1 20  ? 4.812   -12.557 -3.044  1.00 34.14  ? 28  ASP A OD1 1 
ATOM   122 O  OD2 . ASP A 1 20  ? 2.656   -12.632 -2.681  1.00 38.01  ? 28  ASP A OD2 1 
ATOM   123 N  N   . PRO A 1 21  ? 7.199   -10.682 -2.876  1.00 28.40  ? 29  PRO A N   1 
ATOM   124 C  CA  . PRO A 1 21  ? 8.126   -10.486 -3.997  1.00 29.46  ? 29  PRO A CA  1 
ATOM   125 C  C   . PRO A 1 21  ? 7.477   -10.763 -5.352  1.00 30.68  ? 29  PRO A C   1 
ATOM   126 O  O   . PRO A 1 21  ? 7.891   -10.184 -6.354  1.00 29.15  ? 29  PRO A O   1 
ATOM   127 C  CB  . PRO A 1 21  ? 9.246   -11.495 -3.711  1.00 29.59  ? 29  PRO A CB  1 
ATOM   128 C  CG  . PRO A 1 21  ? 8.645   -12.494 -2.786  1.00 35.09  ? 29  PRO A CG  1 
ATOM   129 C  CD  . PRO A 1 21  ? 7.665   -11.730 -1.954  1.00 29.06  ? 29  PRO A CD  1 
ATOM   130 N  N   . ASP A 1 22  ? 6.463   -11.625 -5.369  1.00 29.37  ? 30  ASP A N   1 
ATOM   131 C  CA  . ASP A 1 22  ? 5.780   -11.983 -6.607  1.00 32.65  ? 30  ASP A CA  1 
ATOM   132 C  C   . ASP A 1 22  ? 4.954   -10.833 -7.180  1.00 35.47  ? 30  ASP A C   1 
ATOM   133 O  O   . ASP A 1 22  ? 4.483   -10.909 -8.313  1.00 34.86  ? 30  ASP A O   1 
ATOM   134 C  CB  . ASP A 1 22  ? 4.876   -13.200 -6.384  1.00 38.25  ? 30  ASP A CB  1 
ATOM   135 C  CG  . ASP A 1 22  ? 5.662   -14.480 -6.179  1.00 50.07  ? 30  ASP A CG  1 
ATOM   136 O  OD1 . ASP A 1 22  ? 6.867   -14.497 -6.507  1.00 52.54  ? 30  ASP A OD1 1 
ATOM   137 O  OD2 . ASP A 1 22  ? 5.074   -15.470 -5.697  1.00 53.60  ? 30  ASP A OD2 1 
ATOM   138 N  N   . THR A 1 23  ? 4.779   -9.771  -6.402  1.00 27.09  ? 31  THR A N   1 
ATOM   139 C  CA  . THR A 1 23  ? 3.983   -8.637  -6.852  1.00 20.30  ? 31  THR A CA  1 
ATOM   140 C  C   . THR A 1 23  ? 4.803   -7.360  -7.004  1.00 23.26  ? 31  THR A C   1 
ATOM   141 O  O   . THR A 1 23  ? 4.259   -6.311  -7.355  1.00 23.40  ? 31  THR A O   1 
ATOM   142 C  CB  . THR A 1 23  ? 2.825   -8.347  -5.879  1.00 29.83  ? 31  THR A CB  1 
ATOM   143 O  OG1 . THR A 1 23  ? 3.360   -8.011  -4.593  1.00 24.32  ? 31  THR A OG1 1 
ATOM   144 C  CG2 . THR A 1 23  ? 1.911   -9.563  -5.747  1.00 29.28  ? 31  THR A CG2 1 
ATOM   145 N  N   . ASP A 1 24  ? 6.105   -7.449  -6.744  1.00 26.09  ? 32  ASP A N   1 
ATOM   146 C  CA  . ASP A 1 24  ? 6.965   -6.266  -6.673  1.00 22.88  ? 32  ASP A CA  1 
ATOM   147 C  C   . ASP A 1 24  ? 7.034   -5.462  -7.971  1.00 25.62  ? 32  ASP A C   1 
ATOM   148 O  O   . ASP A 1 24  ? 7.408   -4.290  -7.958  1.00 26.92  ? 32  ASP A O   1 
ATOM   149 C  CB  . ASP A 1 24  ? 8.379   -6.668  -6.251  1.00 29.02  ? 32  ASP A CB  1 
ATOM   150 C  CG  . ASP A 1 24  ? 8.495   -6.918  -4.760  1.00 27.91  ? 32  ASP A CG  1 
ATOM   151 O  OD1 . ASP A 1 24  ? 7.551   -6.571  -4.017  1.00 25.50  ? 32  ASP A OD1 1 
ATOM   152 O  OD2 . ASP A 1 24  ? 9.539   -7.451  -4.326  1.00 25.90  ? 32  ASP A OD2 1 
ATOM   153 N  N   . ALA A 1 25  ? 6.669   -6.085  -9.086  1.00 28.69  ? 33  ALA A N   1 
ATOM   154 C  CA  . ALA A 1 25  ? 6.649   -5.390  -10.368 1.00 24.22  ? 33  ALA A CA  1 
ATOM   155 C  C   . ALA A 1 25  ? 5.558   -4.320  -10.408 1.00 23.61  ? 33  ALA A C   1 
ATOM   156 O  O   . ALA A 1 25  ? 5.631   -3.373  -11.193 1.00 26.38  ? 33  ALA A O   1 
ATOM   157 C  CB  . ALA A 1 25  ? 6.457   -6.384  -11.506 1.00 28.27  ? 33  ALA A CB  1 
ATOM   158 N  N   . LEU A 1 26  ? 4.550   -4.470  -9.558  1.00 25.53  ? 34  LEU A N   1 
ATOM   159 C  CA  . LEU A 1 26  ? 3.440   -3.526  -9.529  1.00 22.07  ? 34  LEU A CA  1 
ATOM   160 C  C   . LEU A 1 26  ? 3.320   -2.794  -8.194  1.00 17.69  ? 34  LEU A C   1 
ATOM   161 O  O   . LEU A 1 26  ? 2.838   -1.664  -8.146  1.00 22.01  ? 34  LEU A O   1 
ATOM   162 C  CB  . LEU A 1 26  ? 2.130   -4.244  -9.845  1.00 27.63  ? 34  LEU A CB  1 
ATOM   163 C  CG  . LEU A 1 26  ? 1.992   -4.710  -11.295 1.00 34.04  ? 34  LEU A CG  1 
ATOM   164 C  CD1 . LEU A 1 26  ? 0.766   -5.585  -11.476 1.00 37.17  ? 34  LEU A CD1 1 
ATOM   165 C  CD2 . LEU A 1 26  ? 1.934   -3.507  -12.219 1.00 33.49  ? 34  LEU A CD2 1 
ATOM   166 N  N   . ILE A 1 27  ? 3.745   -3.440  -7.113  1.00 20.37  ? 35  ILE A N   1 
ATOM   167 C  CA  . ILE A 1 27  ? 3.678   -2.814  -5.793  1.00 19.98  ? 35  ILE A CA  1 
ATOM   168 C  C   . ILE A 1 27  ? 4.772   -3.372  -4.874  1.00 16.05  ? 35  ILE A C   1 
ATOM   169 O  O   . ILE A 1 27  ? 4.875   -4.577  -4.661  1.00 18.09  ? 35  ILE A O   1 
ATOM   170 C  CB  . ILE A 1 27  ? 2.261   -2.985  -5.156  1.00 19.11  ? 35  ILE A CB  1 
ATOM   171 C  CG1 . ILE A 1 27  ? 2.166   -2.247  -3.815  1.00 17.56  ? 35  ILE A CG1 1 
ATOM   172 C  CG2 . ILE A 1 27  ? 1.852   -4.463  -5.041  1.00 17.84  ? 35  ILE A CG2 1 
ATOM   173 C  CD1 . ILE A 1 27  ? 0.743   -2.174  -3.259  1.00 15.92  ? 35  ILE A CD1 1 
ATOM   174 N  N   . CYS A 1 28  ? 5.608   -2.483  -4.343  1.00 18.69  ? 36  CYS A N   1 
ATOM   175 C  CA  . CYS A 1 28  ? 6.761   -2.921  -3.566  1.00 16.77  ? 36  CYS A CA  1 
ATOM   176 C  C   . CYS A 1 28  ? 7.180   -1.898  -2.519  1.00 15.81  ? 36  CYS A C   1 
ATOM   177 O  O   . CYS A 1 28  ? 6.795   -0.733  -2.588  1.00 19.70  ? 36  CYS A O   1 
ATOM   178 C  CB  . CYS A 1 28  ? 7.949   -3.205  -4.489  1.00 19.43  ? 36  CYS A CB  1 
ATOM   179 S  SG  . CYS A 1 28  ? 8.688   -1.721  -5.223  1.00 24.74  ? 36  CYS A SG  1 
ATOM   180 N  N   . TRP A 1 29  ? 7.980   -2.348  -1.559  1.00 17.07  ? 37  TRP A N   1 
ATOM   181 C  CA  . TRP A 1 29  ? 8.632   -1.447  -0.614  1.00 14.81  ? 37  TRP A CA  1 
ATOM   182 C  C   . TRP A 1 29  ? 9.683   -0.580  -1.304  1.00 16.59  ? 37  TRP A C   1 
ATOM   183 O  O   . TRP A 1 29  ? 10.361  -1.020  -2.231  1.00 19.04  ? 37  TRP A O   1 
ATOM   184 C  CB  . TRP A 1 29  ? 9.300   -2.236  0.517   1.00 17.36  ? 37  TRP A CB  1 
ATOM   185 C  CG  . TRP A 1 29  ? 8.345   -2.942  1.433   1.00 20.19  ? 37  TRP A CG  1 
ATOM   186 C  CD1 . TRP A 1 29  ? 8.128   -4.285  1.508   1.00 19.02  ? 37  TRP A CD1 1 
ATOM   187 C  CD2 . TRP A 1 29  ? 7.487   -2.341  2.409   1.00 16.94  ? 37  TRP A CD2 1 
ATOM   188 N  NE1 . TRP A 1 29  ? 7.186   -4.560  2.468   1.00 18.52  ? 37  TRP A NE1 1 
ATOM   189 C  CE2 . TRP A 1 29  ? 6.775   -3.383  3.035   1.00 16.89  ? 37  TRP A CE2 1 
ATOM   190 C  CE3 . TRP A 1 29  ? 7.248   -1.023  2.811   1.00 16.39  ? 37  TRP A CE3 1 
ATOM   191 C  CZ2 . TRP A 1 29  ? 5.838   -3.151  4.041   1.00 15.09  ? 37  TRP A CZ2 1 
ATOM   192 C  CZ3 . TRP A 1 29  ? 6.320   -0.794  3.814   1.00 17.29  ? 37  TRP A CZ3 1 
ATOM   193 C  CH2 . TRP A 1 29  ? 5.624   -1.853  4.415   1.00 17.60  ? 37  TRP A CH2 1 
ATOM   194 N  N   . SER A 1 30  ? 9.828   0.652   -0.830  1.00 15.60  ? 38  SER A N   1 
ATOM   195 C  CA  . SER A 1 30  ? 10.946  1.500   -1.232  1.00 16.77  ? 38  SER A CA  1 
ATOM   196 C  C   . SER A 1 30  ? 12.233  0.886   -0.674  1.00 15.92  ? 38  SER A C   1 
ATOM   197 O  O   . SER A 1 30  ? 12.171  0.026   0.198   1.00 18.66  ? 38  SER A O   1 
ATOM   198 C  CB  . SER A 1 30  ? 10.742  2.926   -0.719  1.00 19.43  ? 38  SER A CB  1 
ATOM   199 O  OG  . SER A 1 30  ? 10.738  2.946   0.699   1.00 18.82  ? 38  SER A OG  1 
ATOM   200 N  N   . PRO A 1 31  ? 13.403  1.305   -1.185  1.00 17.23  ? 39  PRO A N   1 
ATOM   201 C  CA  . PRO A 1 31  ? 14.655  0.721   -0.688  1.00 20.59  ? 39  PRO A CA  1 
ATOM   202 C  C   . PRO A 1 31  ? 14.811  0.761   0.838   1.00 15.38  ? 39  PRO A C   1 
ATOM   203 O  O   . PRO A 1 31  ? 15.258  -0.226  1.422   1.00 19.79  ? 39  PRO A O   1 
ATOM   204 C  CB  . PRO A 1 31  ? 15.723  1.583   -1.366  1.00 21.80  ? 39  PRO A CB  1 
ATOM   205 C  CG  . PRO A 1 31  ? 15.096  1.969   -2.659  1.00 21.10  ? 39  PRO A CG  1 
ATOM   206 C  CD  . PRO A 1 31  ? 13.635  2.194   -2.339  1.00 18.14  ? 39  PRO A CD  1 
ATOM   207 N  N   . SER A 1 32  ? 14.425  1.865   1.471   1.00 17.36  ? 40  SER A N   1 
ATOM   208 C  CA  . SER A 1 32  ? 14.568  1.995   2.920   1.00 18.20  ? 40  SER A CA  1 
ATOM   209 C  C   . SER A 1 32  ? 13.469  1.266   3.684   1.00 19.74  ? 40  SER A C   1 
ATOM   210 O  O   . SER A 1 32  ? 13.559  1.103   4.898   1.00 19.60  ? 40  SER A O   1 
ATOM   211 C  CB  . SER A 1 32  ? 14.568  3.466   3.327   1.00 20.93  ? 40  SER A CB  1 
ATOM   212 O  OG  . SER A 1 32  ? 13.300  4.042   3.079   1.00 26.15  ? 40  SER A OG  1 
ATOM   213 N  N   . GLY A 1 33  ? 12.430  0.844   2.969   1.00 16.11  ? 41  GLY A N   1 
ATOM   214 C  CA  . GLY A 1 33  ? 11.323  0.119   3.569   1.00 17.78  ? 41  GLY A CA  1 
ATOM   215 C  C   . GLY A 1 33  ? 10.370  0.980   4.376   1.00 16.19  ? 41  GLY A C   1 
ATOM   216 O  O   . GLY A 1 33  ? 9.592   0.463   5.177   1.00 19.54  ? 41  GLY A O   1 
ATOM   217 N  N   . ASN A 1 34  ? 10.421  2.292   4.167   1.00 15.31  ? 42  ASN A N   1 
ATOM   218 C  CA  . ASN A 1 34  ? 9.597   3.211   4.949   1.00 15.96  ? 42  ASN A CA  1 
ATOM   219 C  C   . ASN A 1 34  ? 8.382   3.718   4.177   1.00 18.42  ? 42  ASN A C   1 
ATOM   220 O  O   . ASN A 1 34  ? 7.604   4.521   4.687   1.00 18.52  ? 42  ASN A O   1 
ATOM   221 C  CB  . ASN A 1 34  ? 10.437  4.398   5.433   1.00 18.80  ? 42  ASN A CB  1 
ATOM   222 C  CG  . ASN A 1 34  ? 10.828  5.341   4.310   1.00 31.50  ? 42  ASN A CG  1 
ATOM   223 O  OD1 . ASN A 1 34  ? 10.850  4.963   3.137   1.00 39.32  ? 42  ASN A OD1 1 
ATOM   224 N  ND2 . ASN A 1 34  ? 11.151  6.580   4.668   1.00 41.49  ? 42  ASN A ND2 1 
ATOM   225 N  N   . SER A 1 35  ? 8.231   3.239   2.949   1.00 15.06  ? 43  SER A N   1 
ATOM   226 C  CA  . SER A 1 35  ? 7.119   3.622   2.085   1.00 15.98  ? 43  SER A CA  1 
ATOM   227 C  C   . SER A 1 35  ? 6.937   2.542   1.029   1.00 14.88  ? 43  SER A C   1 
ATOM   228 O  O   . SER A 1 35  ? 7.760   1.638   0.922   1.00 15.91  ? 43  SER A O   1 
ATOM   229 C  CB  . SER A 1 35  ? 7.382   4.974   1.425   1.00 15.50  ? 43  SER A CB  1 
ATOM   230 O  OG  . SER A 1 35  ? 8.516   4.904   0.570   1.00 20.28  ? 43  SER A OG  1 
ATOM   231 N  N   . PHE A 1 36  ? 5.867   2.622   0.245   1.00 16.53  ? 44  PHE A N   1 
ATOM   232 C  CA  . PHE A 1 36  ? 5.710   1.669   -0.846  1.00 16.16  ? 44  PHE A CA  1 
ATOM   233 C  C   . PHE A 1 36  ? 5.356   2.365   -2.153  1.00 15.33  ? 44  PHE A C   1 
ATOM   234 O  O   . PHE A 1 36  ? 4.844   3.487   -2.163  1.00 18.93  ? 44  PHE A O   1 
ATOM   235 C  CB  . PHE A 1 36  ? 4.670   0.589   -0.493  1.00 19.79  ? 44  PHE A CB  1 
ATOM   236 C  CG  . PHE A 1 36  ? 3.242   1.071   -0.448  1.00 19.78  ? 44  PHE A CG  1 
ATOM   237 C  CD1 . PHE A 1 36  ? 2.724   1.651   0.699   1.00 20.01  ? 44  PHE A CD1 1 
ATOM   238 C  CD2 . PHE A 1 36  ? 2.403   0.895   -1.541  1.00 21.66  ? 44  PHE A CD2 1 
ATOM   239 C  CE1 . PHE A 1 36  ? 1.402   2.075   0.748   1.00 23.75  ? 44  PHE A CE1 1 
ATOM   240 C  CE2 . PHE A 1 36  ? 1.082   1.319   -1.500  1.00 27.82  ? 44  PHE A CE2 1 
ATOM   241 C  CZ  . PHE A 1 36  ? 0.583   1.909   -0.350  1.00 20.58  ? 44  PHE A CZ  1 
ATOM   242 N  N   . HIS A 1 37  ? 5.663   1.693   -3.254  1.00 16.34  ? 45  HIS A N   1 
ATOM   243 C  CA  . HIS A 1 37  ? 5.426   2.230   -4.584  1.00 19.97  ? 45  HIS A CA  1 
ATOM   244 C  C   . HIS A 1 37  ? 4.334   1.455   -5.291  1.00 18.07  ? 45  HIS A C   1 
ATOM   245 O  O   . HIS A 1 37  ? 4.233   0.240   -5.141  1.00 18.99  ? 45  HIS A O   1 
ATOM   246 C  CB  . HIS A 1 37  ? 6.698   2.174   -5.432  1.00 18.58  ? 45  HIS A CB  1 
ATOM   247 C  CG  . HIS A 1 37  ? 7.770   3.121   -4.993  1.00 22.22  ? 45  HIS A CG  1 
ATOM   248 N  ND1 . HIS A 1 37  ? 7.839   4.423   -5.439  1.00 21.30  ? 45  HIS A ND1 1 
ATOM   249 C  CD2 . HIS A 1 37  ? 8.824   2.951   -4.161  1.00 25.04  ? 45  HIS A CD2 1 
ATOM   250 C  CE1 . HIS A 1 37  ? 8.883   5.019   -4.890  1.00 26.23  ? 45  HIS A CE1 1 
ATOM   251 N  NE2 . HIS A 1 37  ? 9.500   4.146   -4.112  1.00 21.00  ? 45  HIS A NE2 1 
ATOM   252 N  N   . VAL A 1 38  ? 3.522   2.162   -6.067  1.00 18.28  ? 46  VAL A N   1 
ATOM   253 C  CA  . VAL A 1 38  ? 2.621   1.511   -7.008  1.00 19.13  ? 46  VAL A CA  1 
ATOM   254 C  C   . VAL A 1 38  ? 3.057   1.881   -8.420  1.00 24.96  ? 46  VAL A C   1 
ATOM   255 O  O   . VAL A 1 38  ? 3.089   3.056   -8.781  1.00 26.93  ? 46  VAL A O   1 
ATOM   256 C  CB  . VAL A 1 38  ? 1.153   1.913   -6.784  1.00 26.46  ? 46  VAL A CB  1 
ATOM   257 C  CG1 . VAL A 1 38  ? 0.273   1.339   -7.889  1.00 28.22  ? 46  VAL A CG1 1 
ATOM   258 C  CG2 . VAL A 1 38  ? 0.675   1.436   -5.420  1.00 25.44  ? 46  VAL A CG2 1 
ATOM   259 N  N   . PHE A 1 39  ? 3.420   0.873   -9.205  1.00 22.48  ? 47  PHE A N   1 
ATOM   260 C  CA  . PHE A 1 39  ? 3.799   1.087   -10.596 1.00 30.61  ? 47  PHE A CA  1 
ATOM   261 C  C   . PHE A 1 39  ? 2.635   0.720   -11.505 1.00 31.11  ? 47  PHE A C   1 
ATOM   262 O  O   . PHE A 1 39  ? 1.859   -0.181  -11.182 1.00 35.04  ? 47  PHE A O   1 
ATOM   263 C  CB  . PHE A 1 39  ? 5.025   0.254   -10.972 1.00 29.95  ? 47  PHE A CB  1 
ATOM   264 C  CG  . PHE A 1 39  ? 6.174   0.387   -10.018 1.00 29.77  ? 47  PHE A CG  1 
ATOM   265 C  CD1 . PHE A 1 39  ? 6.893   1.566   -9.935  1.00 32.24  ? 47  PHE A CD1 1 
ATOM   266 C  CD2 . PHE A 1 39  ? 6.549   -0.680  -9.220  1.00 27.97  ? 47  PHE A CD2 1 
ATOM   267 C  CE1 . PHE A 1 39  ? 7.957   1.685   -9.061  1.00 30.89  ? 47  PHE A CE1 1 
ATOM   268 C  CE2 . PHE A 1 39  ? 7.613   -0.570  -8.343  1.00 27.65  ? 47  PHE A CE2 1 
ATOM   269 C  CZ  . PHE A 1 39  ? 8.318   0.614   -8.266  1.00 27.65  ? 47  PHE A CZ  1 
ATOM   270 N  N   . ASP A 1 40  ? 2.526   1.415   -12.636 1.00 42.94  ? 48  ASP A N   1 
ATOM   271 C  CA  . ASP A 1 40  ? 1.541   1.080   -13.662 1.00 25.76  ? 48  ASP A CA  1 
ATOM   272 C  C   . ASP A 1 40  ? 0.134   1.019   -13.069 1.00 27.88  ? 48  ASP A C   1 
ATOM   273 O  O   . ASP A 1 40  ? -0.441  -0.062  -12.953 1.00 35.43  ? 48  ASP A O   1 
ATOM   274 C  CB  . ASP A 1 40  ? 1.897   -0.255  -14.317 1.00 34.16  ? 48  ASP A CB  1 
ATOM   275 C  CG  . ASP A 1 40  ? 1.812   -0.209  -15.829 1.00 48.09  ? 48  ASP A CG  1 
ATOM   276 O  OD1 . ASP A 1 40  ? 1.105   0.672   -16.361 1.00 49.83  ? 48  ASP A OD1 1 
ATOM   277 O  OD2 . ASP A 1 40  ? 2.455   -1.057  -16.483 1.00 42.62  ? 48  ASP A OD2 1 
ATOM   278 N  N   . GLN A 1 41  ? -0.403  2.175   -12.683 1.00 35.18  ? 49  GLN A N   1 
ATOM   279 C  CA  . GLN A 1 41  ? -1.680  2.243   -11.971 1.00 35.72  ? 49  GLN A CA  1 
ATOM   280 C  C   . GLN A 1 41  ? -2.820  1.540   -12.701 1.00 39.41  ? 49  GLN A C   1 
ATOM   281 O  O   . GLN A 1 41  ? -3.646  0.875   -12.075 1.00 32.50  ? 49  GLN A O   1 
ATOM   282 C  CB  . GLN A 1 41  ? -2.070  3.698   -11.711 1.00 40.97  ? 49  GLN A CB  1 
ATOM   283 C  CG  . GLN A 1 41  ? -1.513  4.273   -10.422 1.00 54.56  ? 49  GLN A CG  1 
ATOM   284 C  CD  . GLN A 1 41  ? -2.246  5.525   -9.984  1.00 57.90  ? 49  GLN A CD  1 
ATOM   285 O  OE1 . GLN A 1 41  ? -3.260  5.904   -10.571 1.00 52.21  ? 49  GLN A OE1 1 
ATOM   286 N  NE2 . GLN A 1 41  ? -1.745  6.167   -8.939  1.00 59.01  ? 49  GLN A NE2 1 
ATOM   287 N  N   . GLY A 1 42  ? -2.864  1.695   -14.019 1.00 35.50  ? 50  GLY A N   1 
ATOM   288 C  CA  . GLY A 1 42  ? -3.886  1.051   -14.824 1.00 33.72  ? 50  GLY A CA  1 
ATOM   289 C  C   . GLY A 1 42  ? -3.836  -0.462  -14.714 1.00 38.70  ? 50  GLY A C   1 
ATOM   290 O  O   . GLY A 1 42  ? -4.867  -1.120  -14.587 1.00 39.24  ? 50  GLY A O   1 
ATOM   291 N  N   . GLN A 1 43  ? -2.629  -1.015  -14.761 1.00 28.51  ? 51  GLN A N   1 
ATOM   292 C  CA  . GLN A 1 43  ? -2.449  -2.456  -14.643 1.00 28.93  ? 51  GLN A CA  1 
ATOM   293 C  C   . GLN A 1 43  ? -2.670  -2.915  -13.207 1.00 29.91  ? 51  GLN A C   1 
ATOM   294 O  O   . GLN A 1 43  ? -3.237  -3.981  -12.963 1.00 31.84  ? 51  GLN A O   1 
ATOM   295 C  CB  . GLN A 1 43  ? -1.053  -2.864  -15.117 1.00 28.25  ? 51  GLN A CB  1 
ATOM   296 C  CG  . GLN A 1 43  ? -0.840  -4.361  -15.196 1.00 40.48  ? 51  GLN A CG  1 
ATOM   297 C  CD  . GLN A 1 43  ? -1.670  -5.007  -16.288 1.00 42.96  ? 51  GLN A CD  1 
ATOM   298 O  OE1 . GLN A 1 43  ? -2.199  -4.327  -17.167 1.00 42.44  ? 51  GLN A OE1 1 
ATOM   299 N  NE2 . GLN A 1 43  ? -1.782  -6.327  -16.241 1.00 47.97  ? 51  GLN A NE2 1 
ATOM   300 N  N   . PHE A 1 44  ? -2.210  -2.098  -12.265 1.00 25.79  ? 52  PHE A N   1 
ATOM   301 C  CA  . PHE A 1 44  ? -2.395  -2.363  -10.843 1.00 28.95  ? 52  PHE A CA  1 
ATOM   302 C  C   . PHE A 1 44  ? -3.876  -2.486  -10.496 1.00 23.51  ? 52  PHE A C   1 
ATOM   303 O  O   . PHE A 1 44  ? -4.292  -3.431  -9.825  1.00 20.51  ? 52  PHE A O   1 
ATOM   304 C  CB  . PHE A 1 44  ? -1.744  -1.254  -10.014 1.00 27.37  ? 52  PHE A CB  1 
ATOM   305 C  CG  . PHE A 1 44  ? -1.971  -1.382  -8.537  1.00 26.88  ? 52  PHE A CG  1 
ATOM   306 C  CD1 . PHE A 1 44  ? -1.264  -2.308  -7.789  1.00 26.00  ? 52  PHE A CD1 1 
ATOM   307 C  CD2 . PHE A 1 44  ? -2.882  -0.562  -7.893  1.00 24.44  ? 52  PHE A CD2 1 
ATOM   308 C  CE1 . PHE A 1 44  ? -1.468  -2.420  -6.426  1.00 25.54  ? 52  PHE A CE1 1 
ATOM   309 C  CE2 . PHE A 1 44  ? -3.090  -0.669  -6.530  1.00 20.09  ? 52  PHE A CE2 1 
ATOM   310 C  CZ  . PHE A 1 44  ? -2.384  -1.600  -5.797  1.00 21.55  ? 52  PHE A CZ  1 
ATOM   311 N  N   . ALA A 1 45  ? -4.666  -1.529  -10.969 1.00 25.09  ? 53  ALA A N   1 
ATOM   312 C  CA  . ALA A 1 45  ? -6.103  -1.516  -10.704 1.00 22.19  ? 53  ALA A CA  1 
ATOM   313 C  C   . ALA A 1 45  ? -6.822  -2.651  -11.422 1.00 30.11  ? 53  ALA A C   1 
ATOM   314 O  O   . ALA A 1 45  ? -7.838  -3.154  -10.943 1.00 28.09  ? 53  ALA A O   1 
ATOM   315 C  CB  . ALA A 1 45  ? -6.698  -0.180  -11.108 1.00 26.20  ? 53  ALA A CB  1 
ATOM   316 N  N   . LYS A 1 46  ? -6.295  -3.054  -12.573 1.00 31.11  ? 54  LYS A N   1 
ATOM   317 C  CA  . LYS A 1 46  ? -6.939  -4.091  -13.369 1.00 33.76  ? 54  LYS A CA  1 
ATOM   318 C  C   . LYS A 1 46  ? -6.590  -5.492  -12.879 1.00 32.07  ? 54  LYS A C   1 
ATOM   319 O  O   . LYS A 1 46  ? -7.412  -6.403  -12.950 1.00 35.29  ? 54  LYS A O   1 
ATOM   320 C  CB  . LYS A 1 46  ? -6.549  -3.950  -14.844 1.00 36.46  ? 54  LYS A CB  1 
ATOM   321 C  CG  . LYS A 1 46  ? -7.131  -5.032  -15.741 1.00 45.06  ? 54  LYS A CG  1 
ATOM   322 C  CD  . LYS A 1 46  ? -6.865  -4.744  -17.208 1.00 52.34  ? 54  LYS A CD  1 
ATOM   323 C  CE  . LYS A 1 46  ? -7.213  -5.944  -18.076 1.00 45.95  ? 54  LYS A CE  1 
ATOM   324 N  NZ  . LYS A 1 46  ? -6.534  -5.880  -19.400 1.00 62.31  ? 54  LYS A NZ  1 
ATOM   325 N  N   . GLU A 1 47  ? -5.373  -5.660  -12.374 1.00 27.74  ? 55  GLU A N   1 
ATOM   326 C  CA  . GLU A 1 47  ? -4.867  -6.991  -12.060 1.00 29.09  ? 55  GLU A CA  1 
ATOM   327 C  C   . GLU A 1 47  ? -4.750  -7.281  -10.567 1.00 33.76  ? 55  GLU A C   1 
ATOM   328 O  O   . GLU A 1 47  ? -5.172  -8.339  -10.105 1.00 35.96  ? 55  GLU A O   1 
ATOM   329 C  CB  . GLU A 1 47  ? -3.508  -7.202  -12.733 1.00 47.16  ? 55  GLU A CB  1 
ATOM   330 C  CG  . GLU A 1 47  ? -3.561  -8.265  -13.829 1.00 57.94  ? 55  GLU A CG  1 
ATOM   331 C  CD  . GLU A 1 47  ? -2.187  -8.647  -14.361 1.00 89.41  ? 55  GLU A CD  1 
ATOM   332 O  OE1 . GLU A 1 47  ? -1.259  -7.812  -14.257 1.00 71.68  ? 55  GLU A OE1 1 
ATOM   333 O  OE2 . GLU A 1 47  ? -2.032  -9.776  -14.880 1.00 105.18 ? 55  GLU A OE2 1 
ATOM   334 N  N   . VAL A 1 48  ? -4.174  -6.350  -9.812  1.00 23.81  ? 56  VAL A N   1 
ATOM   335 C  CA  . VAL A 1 48  ? -3.894  -6.592  -8.401  1.00 24.40  ? 56  VAL A CA  1 
ATOM   336 C  C   . VAL A 1 48  ? -5.098  -6.330  -7.497  1.00 24.34  ? 56  VAL A C   1 
ATOM   337 O  O   . VAL A 1 48  ? -5.443  -7.163  -6.661  1.00 24.93  ? 56  VAL A O   1 
ATOM   338 C  CB  . VAL A 1 48  ? -2.712  -5.731  -7.921  1.00 23.37  ? 56  VAL A CB  1 
ATOM   339 C  CG1 . VAL A 1 48  ? -2.553  -5.837  -6.418  1.00 26.65  ? 56  VAL A CG1 1 
ATOM   340 C  CG2 . VAL A 1 48  ? -1.434  -6.161  -8.629  1.00 28.48  ? 56  VAL A CG2 1 
ATOM   341 N  N   . LEU A 1 49  ? -5.733  -5.176  -7.663  1.00 21.37  ? 57  LEU A N   1 
ATOM   342 C  CA  . LEU A 1 49  ? -6.870  -4.818  -6.819  1.00 24.25  ? 57  LEU A CA  1 
ATOM   343 C  C   . LEU A 1 49  ? -8.021  -5.841  -6.852  1.00 25.40  ? 57  LEU A C   1 
ATOM   344 O  O   . LEU A 1 49  ? -8.606  -6.123  -5.811  1.00 23.06  ? 57  LEU A O   1 
ATOM   345 C  CB  . LEU A 1 49  ? -7.392  -3.424  -7.191  1.00 22.46  ? 57  LEU A CB  1 
ATOM   346 C  CG  . LEU A 1 49  ? -6.455  -2.259  -6.865  1.00 22.60  ? 57  LEU A CG  1 
ATOM   347 C  CD1 . LEU A 1 49  ? -7.085  -0.929  -7.239  1.00 22.44  ? 57  LEU A CD1 1 
ATOM   348 C  CD2 . LEU A 1 49  ? -6.079  -2.280  -5.391  1.00 24.21  ? 57  LEU A CD2 1 
ATOM   349 N  N   . PRO A 1 50  ? -8.361  -6.397  -8.036  1.00 24.05  ? 58  PRO A N   1 
ATOM   350 C  CA  . PRO A 1 50  ? -9.429  -7.408  -7.991  1.00 22.29  ? 58  PRO A CA  1 
ATOM   351 C  C   . PRO A 1 50  ? -9.057  -8.657  -7.199  1.00 22.81  ? 58  PRO A C   1 
ATOM   352 O  O   . PRO A 1 50  ? -9.894  -9.198  -6.477  1.00 28.55  ? 58  PRO A O   1 
ATOM   353 C  CB  . PRO A 1 50  ? -9.640  -7.764  -9.467  1.00 21.56  ? 58  PRO A CB  1 
ATOM   354 C  CG  . PRO A 1 50  ? -9.196  -6.557  -10.207 1.00 27.96  ? 58  PRO A CG  1 
ATOM   355 C  CD  . PRO A 1 50  ? -8.030  -6.022  -9.424  1.00 21.04  ? 58  PRO A CD  1 
ATOM   356 N  N   . LYS A 1 51  ? -7.817  -9.113  -7.333  1.00 24.94  ? 59  LYS A N   1 
ATOM   357 C  CA  . LYS A 1 51  ? -7.392  -10.336 -6.667  1.00 26.76  ? 59  LYS A CA  1 
ATOM   358 C  C   . LYS A 1 51  ? -7.325  -10.160 -5.154  1.00 31.79  ? 59  LYS A C   1 
ATOM   359 O  O   . LYS A 1 51  ? -7.728  -11.044 -4.400  1.00 31.93  ? 59  LYS A O   1 
ATOM   360 C  CB  . LYS A 1 51  ? -6.034  -10.796 -7.206  1.00 25.90  ? 59  LYS A CB  1 
ATOM   361 C  CG  . LYS A 1 51  ? -5.406  -11.926 -6.407  1.00 33.09  ? 59  LYS A CG  1 
ATOM   362 C  CD  . LYS A 1 51  ? -4.188  -12.500 -7.110  1.00 32.68  ? 59  LYS A CD  1 
ATOM   363 C  CE  . LYS A 1 51  ? -3.391  -13.399 -6.179  1.00 46.50  ? 59  LYS A CE  1 
ATOM   364 N  NZ  . LYS A 1 51  ? -4.272  -14.326 -5.415  1.00 59.09  ? 59  LYS A NZ  1 
ATOM   365 N  N   . TYR A 1 52  ? -6.834  -9.006  -4.715  1.00 23.86  ? 60  TYR A N   1 
ATOM   366 C  CA  . TYR A 1 52  ? -6.567  -8.784  -3.298  1.00 25.80  ? 60  TYR A CA  1 
ATOM   367 C  C   . TYR A 1 52  ? -7.674  -8.023  -2.569  1.00 23.05  ? 60  TYR A C   1 
ATOM   368 O  O   . TYR A 1 52  ? -7.928  -8.282  -1.395  1.00 34.79  ? 60  TYR A O   1 
ATOM   369 C  CB  . TYR A 1 52  ? -5.225  -8.055  -3.133  1.00 23.68  ? 60  TYR A CB  1 
ATOM   370 C  CG  . TYR A 1 52  ? -4.049  -8.927  -3.508  1.00 24.99  ? 60  TYR A CG  1 
ATOM   371 C  CD1 . TYR A 1 52  ? -3.433  -9.740  -2.564  1.00 37.04  ? 60  TYR A CD1 1 
ATOM   372 C  CD2 . TYR A 1 52  ? -3.576  -8.967  -4.814  1.00 23.14  ? 60  TYR A CD2 1 
ATOM   373 C  CE1 . TYR A 1 52  ? -2.367  -10.553 -2.905  1.00 44.49  ? 60  TYR A CE1 1 
ATOM   374 C  CE2 . TYR A 1 52  ? -2.513  -9.779  -5.165  1.00 25.11  ? 60  TYR A CE2 1 
ATOM   375 C  CZ  . TYR A 1 52  ? -1.912  -10.570 -4.207  1.00 36.69  ? 60  TYR A CZ  1 
ATOM   376 O  OH  . TYR A 1 52  ? -0.851  -11.378 -4.552  1.00 43.22  ? 60  TYR A OH  1 
ATOM   377 N  N   . PHE A 1 53  ? -8.339  -7.096  -3.255  1.00 22.28  ? 61  PHE A N   1 
ATOM   378 C  CA  . PHE A 1 53  ? -9.354  -6.273  -2.601  1.00 22.68  ? 61  PHE A CA  1 
ATOM   379 C  C   . PHE A 1 53  ? -10.745 -6.379  -3.235  1.00 28.96  ? 61  PHE A C   1 
ATOM   380 O  O   . PHE A 1 53  ? -11.677 -5.713  -2.794  1.00 23.66  ? 61  PHE A O   1 
ATOM   381 C  CB  . PHE A 1 53  ? -8.904  -4.811  -2.582  1.00 23.97  ? 61  PHE A CB  1 
ATOM   382 C  CG  . PHE A 1 53  ? -7.612  -4.591  -1.850  1.00 24.72  ? 61  PHE A CG  1 
ATOM   383 C  CD1 . PHE A 1 53  ? -7.588  -4.530  -0.465  1.00 28.21  ? 61  PHE A CD1 1 
ATOM   384 C  CD2 . PHE A 1 53  ? -6.423  -4.448  -2.544  1.00 29.42  ? 61  PHE A CD2 1 
ATOM   385 C  CE1 . PHE A 1 53  ? -6.398  -4.328  0.213   1.00 26.31  ? 61  PHE A CE1 1 
ATOM   386 C  CE2 . PHE A 1 53  ? -5.230  -4.249  -1.871  1.00 30.75  ? 61  PHE A CE2 1 
ATOM   387 C  CZ  . PHE A 1 53  ? -5.219  -4.187  -0.492  1.00 26.78  ? 61  PHE A CZ  1 
ATOM   388 N  N   . LYS A 1 54  ? -10.868 -7.218  -4.261  1.00 27.23  ? 62  LYS A N   1 
ATOM   389 C  CA  . LYS A 1 54  ? -12.153 -7.551  -4.892  1.00 21.12  ? 62  LYS A CA  1 
ATOM   390 C  C   . LYS A 1 54  ? -12.844 -6.377  -5.592  1.00 24.58  ? 62  LYS A C   1 
ATOM   391 O  O   . LYS A 1 54  ? -14.074 -6.344  -5.695  1.00 24.86  ? 62  LYS A O   1 
ATOM   392 C  CB  . LYS A 1 54  ? -13.117 -8.156  -3.863  1.00 23.25  ? 62  LYS A CB  1 
ATOM   393 C  CG  . LYS A 1 54  ? -12.506 -9.225  -2.972  1.00 26.00  ? 62  LYS A CG  1 
ATOM   394 C  CD  . LYS A 1 54  ? -11.876 -10.342 -3.777  1.00 28.60  ? 62  LYS A CD  1 
ATOM   395 C  CE  . LYS A 1 54  ? -11.081 -11.275 -2.877  1.00 38.63  ? 62  LYS A CE  1 
ATOM   396 N  NZ  . LYS A 1 54  ? -10.407 -12.353 -3.650  1.00 40.69  ? 62  LYS A NZ  1 
ATOM   397 N  N   . HIS A 1 55  ? -12.059 -5.423  -6.081  1.00 21.37  ? 63  HIS A N   1 
ATOM   398 C  CA  . HIS A 1 55  ? -12.586 -4.363  -6.938  1.00 24.07  ? 63  HIS A CA  1 
ATOM   399 C  C   . HIS A 1 55  ? -11.492 -3.912  -7.890  1.00 22.25  ? 63  HIS A C   1 
ATOM   400 O  O   . HIS A 1 55  ? -10.348 -4.318  -7.745  1.00 25.98  ? 63  HIS A O   1 
ATOM   401 C  CB  . HIS A 1 55  ? -13.108 -3.182  -6.118  1.00 23.84  ? 63  HIS A CB  1 
ATOM   402 C  CG  . HIS A 1 55  ? -12.047 -2.472  -5.334  1.00 21.42  ? 63  HIS A CG  1 
ATOM   403 N  ND1 . HIS A 1 55  ? -11.282 -1.458  -5.869  1.00 22.00  ? 63  HIS A ND1 1 
ATOM   404 C  CD2 . HIS A 1 55  ? -11.634 -2.622  -4.054  1.00 26.26  ? 63  HIS A CD2 1 
ATOM   405 C  CE1 . HIS A 1 55  ? -10.439 -1.017  -4.952  1.00 26.98  ? 63  HIS A CE1 1 
ATOM   406 N  NE2 . HIS A 1 55  ? -10.632 -1.706  -3.842  1.00 22.33  ? 63  HIS A NE2 1 
ATOM   407 N  N   . ASN A 1 56  ? -11.838 -3.076  -8.863  1.00 23.06  ? 64  ASN A N   1 
ATOM   408 C  CA  . ASN A 1 56  ? -10.868 -2.646  -9.865  1.00 23.13  ? 64  ASN A CA  1 
ATOM   409 C  C   . ASN A 1 56  ? -10.663 -1.138  -9.867  1.00 25.56  ? 64  ASN A C   1 
ATOM   410 O  O   . ASN A 1 56  ? -10.253 -0.561  -10.875 1.00 27.94  ? 64  ASN A O   1 
ATOM   411 C  CB  . ASN A 1 56  ? -11.308 -3.109  -11.257 1.00 25.58  ? 64  ASN A CB  1 
ATOM   412 C  CG  . ASN A 1 56  ? -12.477 -2.302  -11.802 1.00 29.88  ? 64  ASN A CG  1 
ATOM   413 O  OD1 . ASN A 1 56  ? -13.246 -1.705  -11.048 1.00 29.00  ? 64  ASN A OD1 1 
ATOM   414 N  ND2 . ASN A 1 56  ? -12.613 -2.280  -13.124 1.00 33.51  ? 64  ASN A ND2 1 
ATOM   415 N  N   . ASN A 1 57  ? -10.948 -0.502  -8.737  1.00 26.11  ? 65  ASN A N   1 
ATOM   416 C  CA  . ASN A 1 57  ? -11.009 0.953   -8.688  1.00 24.30  ? 65  ASN A CA  1 
ATOM   417 C  C   . ASN A 1 57  ? -9.906  1.560   -7.831  1.00 27.19  ? 65  ASN A C   1 
ATOM   418 O  O   . ASN A 1 57  ? -9.908  1.412   -6.611  1.00 30.19  ? 65  ASN A O   1 
ATOM   419 C  CB  . ASN A 1 57  ? -12.377 1.395   -8.169  1.00 28.16  ? 65  ASN A CB  1 
ATOM   420 C  CG  . ASN A 1 57  ? -12.582 2.889   -8.269  1.00 35.15  ? 65  ASN A CG  1 
ATOM   421 O  OD1 . ASN A 1 57  ? -12.307 3.628   -7.325  1.00 36.39  ? 65  ASN A OD1 1 
ATOM   422 N  ND2 . ASN A 1 57  ? -13.070 3.345   -9.416  1.00 49.76  ? 65  ASN A ND2 1 
ATOM   423 N  N   . MET A 1 58  ? -8.968  2.242   -8.480  1.00 26.68  ? 66  MET A N   1 
ATOM   424 C  CA  . MET A 1 58  ? -7.841  2.864   -7.792  1.00 27.10  ? 66  MET A CA  1 
ATOM   425 C  C   . MET A 1 58  ? -8.303  3.899   -6.770  1.00 33.21  ? 66  MET A C   1 
ATOM   426 O  O   . MET A 1 58  ? -7.752  3.986   -5.672  1.00 27.77  ? 66  MET A O   1 
ATOM   427 C  CB  . MET A 1 58  ? -6.896  3.522   -8.799  1.00 29.65  ? 66  MET A CB  1 
ATOM   428 C  CG  . MET A 1 58  ? -5.607  4.053   -8.189  1.00 28.75  ? 66  MET A CG  1 
ATOM   429 S  SD  . MET A 1 58  ? -4.567  2.733   -7.528  1.00 31.38  ? 66  MET A SD  1 
ATOM   430 C  CE  . MET A 1 58  ? -3.160  3.669   -6.939  1.00 26.36  ? 66  MET A CE  1 
ATOM   431 N  N   . ALA A 1 59  ? -9.319  4.676   -7.135  1.00 33.87  ? 67  ALA A N   1 
ATOM   432 C  CA  . ALA A 1 59  ? -9.832  5.731   -6.264  1.00 28.99  ? 67  ALA A CA  1 
ATOM   433 C  C   . ALA A 1 59  ? -10.337 5.170   -4.938  1.00 26.96  ? 67  ALA A C   1 
ATOM   434 O  O   . ALA A 1 59  ? -10.161 5.791   -3.889  1.00 31.76  ? 67  ALA A O   1 
ATOM   435 C  CB  . ALA A 1 59  ? -10.937 6.508   -6.967  1.00 34.13  ? 67  ALA A CB  1 
ATOM   436 N  N   . SER A 1 60  ? -10.958 3.995   -4.989  1.00 23.85  ? 68  SER A N   1 
ATOM   437 C  CA  . SER A 1 60  ? -11.450 3.332   -3.787  1.00 29.21  ? 68  SER A CA  1 
ATOM   438 C  C   . SER A 1 60  ? -10.294 2.876   -2.903  1.00 30.16  ? 68  SER A C   1 
ATOM   439 O  O   . SER A 1 60  ? -10.354 2.986   -1.677  1.00 27.73  ? 68  SER A O   1 
ATOM   440 C  CB  . SER A 1 60  ? -12.330 2.135   -4.153  1.00 34.16  ? 68  SER A CB  1 
ATOM   441 O  OG  . SER A 1 60  ? -13.505 2.553   -4.821  1.00 45.23  ? 68  SER A OG  1 
ATOM   442 N  N   . PHE A 1 61  ? -9.251  2.355   -3.540  1.00 25.90  ? 69  PHE A N   1 
ATOM   443 C  CA  . PHE A 1 61  ? -8.048  1.912   -2.841  1.00 23.05  ? 69  PHE A CA  1 
ATOM   444 C  C   . PHE A 1 61  ? -7.369  3.087   -2.142  1.00 21.92  ? 69  PHE A C   1 
ATOM   445 O  O   . PHE A 1 61  ? -6.981  2.999   -0.975  1.00 23.78  ? 69  PHE A O   1 
ATOM   446 C  CB  . PHE A 1 61  ? -7.088  1.242   -3.831  1.00 21.76  ? 69  PHE A CB  1 
ATOM   447 C  CG  . PHE A 1 61  ? -5.735  0.927   -3.257  1.00 22.27  ? 69  PHE A CG  1 
ATOM   448 C  CD1 . PHE A 1 61  ? -5.575  -0.101  -2.345  1.00 20.10  ? 69  PHE A CD1 1 
ATOM   449 C  CD2 . PHE A 1 61  ? -4.620  1.650   -3.649  1.00 21.87  ? 69  PHE A CD2 1 
ATOM   450 C  CE1 . PHE A 1 61  ? -4.328  -0.396  -1.821  1.00 24.28  ? 69  PHE A CE1 1 
ATOM   451 C  CE2 . PHE A 1 61  ? -3.367  1.357   -3.131  1.00 22.28  ? 69  PHE A CE2 1 
ATOM   452 C  CZ  . PHE A 1 61  ? -3.222  0.334   -2.219  1.00 22.06  ? 69  PHE A CZ  1 
ATOM   453 N  N   . VAL A 1 62  ? -7.246  4.193   -2.864  1.00 22.34  ? 70  VAL A N   1 
ATOM   454 C  CA  . VAL A 1 62  ? -6.592  5.386   -2.353  1.00 23.76  ? 70  VAL A CA  1 
ATOM   455 C  C   . VAL A 1 62  ? -7.433  6.028   -1.244  1.00 25.49  ? 70  VAL A C   1 
ATOM   456 O  O   . VAL A 1 62  ? -6.900  6.619   -0.303  1.00 26.85  ? 70  VAL A O   1 
ATOM   457 C  CB  . VAL A 1 62  ? -6.331  6.387   -3.498  1.00 30.92  ? 70  VAL A CB  1 
ATOM   458 C  CG1 . VAL A 1 62  ? -5.760  7.670   -2.972  1.00 26.37  ? 70  VAL A CG1 1 
ATOM   459 C  CG2 . VAL A 1 62  ? -5.379  5.778   -4.517  1.00 27.73  ? 70  VAL A CG2 1 
ATOM   460 N  N   . ARG A 1 63  ? -8.751  5.884   -1.340  1.00 28.78  ? 71  ARG A N   1 
ATOM   461 C  CA  . ARG A 1 63  ? -9.647  6.399   -0.312  1.00 26.71  ? 71  ARG A CA  1 
ATOM   462 C  C   . ARG A 1 63  ? -9.409  5.681   1.018   1.00 27.57  ? 71  ARG A C   1 
ATOM   463 O  O   . ARG A 1 63  ? -9.442  6.302   2.084   1.00 26.18  ? 71  ARG A O   1 
ATOM   464 C  CB  . ARG A 1 63  ? -11.105 6.250   -0.753  1.00 32.63  ? 71  ARG A CB  1 
ATOM   465 C  CG  . ARG A 1 63  ? -12.063 7.231   -0.104  1.00 43.15  ? 71  ARG A CG  1 
ATOM   466 C  CD  . ARG A 1 63  ? -13.130 7.690   -1.090  1.00 49.25  ? 71  ARG A CD  1 
ATOM   467 N  NE  . ARG A 1 63  ? -13.765 6.567   -1.776  1.00 41.47  ? 71  ARG A NE  1 
ATOM   468 C  CZ  . ARG A 1 63  ? -13.872 6.459   -3.098  1.00 46.55  ? 71  ARG A CZ  1 
ATOM   469 N  NH1 . ARG A 1 63  ? -13.384 7.407   -3.888  1.00 51.04  ? 71  ARG A NH1 1 
ATOM   470 N  NH2 . ARG A 1 63  ? -14.465 5.402   -3.633  1.00 37.58  ? 71  ARG A NH2 1 
ATOM   471 N  N   . GLN A 1 64  ? -9.160  4.375   0.951   1.00 22.42  ? 72  GLN A N   1 
ATOM   472 C  CA  . GLN A 1 64  ? -8.827  3.599   2.143   1.00 24.43  ? 72  GLN A CA  1 
ATOM   473 C  C   . GLN A 1 64  ? -7.488  4.037   2.736   1.00 25.10  ? 72  GLN A C   1 
ATOM   474 O  O   . GLN A 1 64  ? -7.350  4.122   3.956   1.00 25.55  ? 72  GLN A O   1 
ATOM   475 C  CB  . GLN A 1 64  ? -8.785  2.100   1.829   1.00 24.21  ? 72  GLN A CB  1 
ATOM   476 C  CG  . GLN A 1 64  ? -10.144 1.450   1.628   1.00 36.63  ? 72  GLN A CG  1 
ATOM   477 C  CD  . GLN A 1 64  ? -10.451 0.403   2.688   1.00 42.55  ? 72  GLN A CD  1 
ATOM   478 O  OE1 . GLN A 1 64  ? -10.292 0.649   3.884   1.00 34.55  ? 72  GLN A OE1 1 
ATOM   479 N  NE2 . GLN A 1 64  ? -10.887 -0.776  2.251   1.00 36.73  ? 72  GLN A NE2 1 
ATOM   480 N  N   . LEU A 1 65  ? -6.502  4.297   1.878   1.00 20.47  ? 73  LEU A N   1 
ATOM   481 C  CA  . LEU A 1 65  ? -5.205  4.789   2.346   1.00 17.03  ? 73  LEU A CA  1 
ATOM   482 C  C   . LEU A 1 65  ? -5.376  6.107   3.086   1.00 25.09  ? 73  LEU A C   1 
ATOM   483 O  O   . LEU A 1 65  ? -4.829  6.298   4.174   1.00 21.66  ? 73  LEU A O   1 
ATOM   484 C  CB  . LEU A 1 65  ? -4.229  4.968   1.181   1.00 17.53  ? 73  LEU A CB  1 
ATOM   485 C  CG  . LEU A 1 65  ? -3.803  3.710   0.426   1.00 17.51  ? 73  LEU A CG  1 
ATOM   486 C  CD1 . LEU A 1 65  ? -2.912  4.074   -0.756  1.00 21.49  ? 73  LEU A CD1 1 
ATOM   487 C  CD2 . LEU A 1 65  ? -3.089  2.755   1.361   1.00 21.79  ? 73  LEU A CD2 1 
ATOM   488 N  N   . ASN A 1 66  ? -6.150  7.009   2.494   1.00 24.05  ? 74  ASN A N   1 
ATOM   489 C  CA  . ASN A 1 66  ? -6.416  8.308   3.104   1.00 26.55  ? 74  ASN A CA  1 
ATOM   490 C  C   . ASN A 1 66  ? -7.128  8.177   4.445   1.00 28.02  ? 74  ASN A C   1 
ATOM   491 O  O   . ASN A 1 66  ? -6.860  8.937   5.375   1.00 26.11  ? 74  ASN A O   1 
ATOM   492 C  CB  . ASN A 1 66  ? -7.241  9.178   2.153   1.00 28.20  ? 74  ASN A CB  1 
ATOM   493 C  CG  . ASN A 1 66  ? -7.506  10.560  2.711   1.00 42.23  ? 74  ASN A CG  1 
ATOM   494 O  OD1 . ASN A 1 66  ? -8.652  10.927  2.969   1.00 42.98  ? 74  ASN A OD1 1 
ATOM   495 N  ND2 . ASN A 1 66  ? -6.446  11.333  2.905   1.00 30.36  ? 74  ASN A ND2 1 
ATOM   496 N  N   . MET A 1 67  ? -8.027  7.201   4.542   1.00 24.52  ? 75  MET A N   1 
ATOM   497 C  CA  . MET A 1 67  ? -8.767  6.961   5.775   1.00 27.52  ? 75  MET A CA  1 
ATOM   498 C  C   . MET A 1 67  ? -7.836  6.581   6.927   1.00 38.21  ? 75  MET A C   1 
ATOM   499 O  O   . MET A 1 67  ? -8.097  6.918   8.082   1.00 30.06  ? 75  MET A O   1 
ATOM   500 C  CB  . MET A 1 67  ? -9.815  5.864   5.564   1.00 34.37  ? 75  MET A CB  1 
ATOM   501 C  CG  . MET A 1 67  ? -10.682 5.594   6.784   1.00 55.38  ? 75  MET A CG  1 
ATOM   502 S  SD  . MET A 1 67  ? -12.023 4.433   6.461   1.00 50.38  ? 75  MET A SD  1 
ATOM   503 C  CE  . MET A 1 67  ? -11.107 2.968   5.994   1.00 42.47  ? 75  MET A CE  1 
ATOM   504 N  N   . TYR A 1 68  ? -6.743  5.894   6.608   1.00 22.08  ? 76  TYR A N   1 
ATOM   505 C  CA  . TYR A 1 68  ? -5.815  5.436   7.635   1.00 24.34  ? 76  TYR A CA  1 
ATOM   506 C  C   . TYR A 1 68  ? -4.612  6.361   7.797   1.00 22.55  ? 76  TYR A C   1 
ATOM   507 O  O   . TYR A 1 68  ? -3.634  6.013   8.457   1.00 25.90  ? 76  TYR A O   1 
ATOM   508 C  CB  . TYR A 1 68  ? -5.356  4.006   7.333   1.00 23.36  ? 76  TYR A CB  1 
ATOM   509 C  CG  . TYR A 1 68  ? -6.442  2.993   7.607   1.00 24.49  ? 76  TYR A CG  1 
ATOM   510 C  CD1 . TYR A 1 68  ? -6.860  2.734   8.908   1.00 20.95  ? 76  TYR A CD1 1 
ATOM   511 C  CD2 . TYR A 1 68  ? -7.067  2.313   6.572   1.00 26.09  ? 76  TYR A CD2 1 
ATOM   512 C  CE1 . TYR A 1 68  ? -7.863  1.818   9.168   1.00 30.89  ? 76  TYR A CE1 1 
ATOM   513 C  CE2 . TYR A 1 68  ? -8.069  1.393   6.824   1.00 23.25  ? 76  TYR A CE2 1 
ATOM   514 C  CZ  . TYR A 1 68  ? -8.464  1.152   8.123   1.00 30.93  ? 76  TYR A CZ  1 
ATOM   515 O  OH  . TYR A 1 68  ? -9.465  0.240   8.372   1.00 31.63  ? 76  TYR A OH  1 
ATOM   516 N  N   . GLY A 1 69  ? -4.696  7.544   7.199   1.00 20.02  ? 77  GLY A N   1 
ATOM   517 C  CA  . GLY A 1 69  ? -3.709  8.582   7.437   1.00 26.58  ? 77  GLY A CA  1 
ATOM   518 C  C   . GLY A 1 69  ? -2.447  8.469   6.608   1.00 22.49  ? 77  GLY A C   1 
ATOM   519 O  O   . GLY A 1 69  ? -1.443  9.118   6.910   1.00 23.82  ? 77  GLY A O   1 
ATOM   520 N  N   . PHE A 1 70  ? -2.485  7.646   5.565   1.00 19.70  ? 78  PHE A N   1 
ATOM   521 C  CA  . PHE A 1 70  ? -1.353  7.548   4.651   1.00 21.74  ? 78  PHE A CA  1 
ATOM   522 C  C   . PHE A 1 70  ? -1.128  8.867   3.927   1.00 25.03  ? 78  PHE A C   1 
ATOM   523 O  O   . PHE A 1 70  ? -2.073  9.610   3.656   1.00 25.23  ? 78  PHE A O   1 
ATOM   524 C  CB  . PHE A 1 70  ? -1.563  6.422   3.632   1.00 19.23  ? 78  PHE A CB  1 
ATOM   525 C  CG  . PHE A 1 70  ? -1.239  5.053   4.161   1.00 16.62  ? 78  PHE A CG  1 
ATOM   526 C  CD1 . PHE A 1 70  ? -2.111  4.398   5.012   1.00 20.58  ? 78  PHE A CD1 1 
ATOM   527 C  CD2 . PHE A 1 70  ? -0.060  4.417   3.796   1.00 18.28  ? 78  PHE A CD2 1 
ATOM   528 C  CE1 . PHE A 1 70  ? -1.818  3.135   5.495   1.00 20.29  ? 78  PHE A CE1 1 
ATOM   529 C  CE2 . PHE A 1 70  ? 0.238   3.155   4.272   1.00 17.83  ? 78  PHE A CE2 1 
ATOM   530 C  CZ  . PHE A 1 70  ? -0.641  2.513   5.124   1.00 19.56  ? 78  PHE A CZ  1 
ATOM   531 N  N   . ARG A 1 71  ? 0.132   9.154   3.628   1.00 18.76  ? 79  ARG A N   1 
ATOM   532 C  CA  . ARG A 1 71  ? 0.502   10.349  2.889   1.00 19.23  ? 79  ARG A CA  1 
ATOM   533 C  C   . ARG A 1 71  ? 1.147   9.967   1.568   1.00 20.05  ? 79  ARG A C   1 
ATOM   534 O  O   . ARG A 1 71  ? 1.544   8.816   1.367   1.00 22.77  ? 79  ARG A O   1 
ATOM   535 C  CB  . ARG A 1 71  ? 1.463   11.216  3.703   1.00 23.71  ? 79  ARG A CB  1 
ATOM   536 C  CG  . ARG A 1 71  ? 1.028   11.446  5.138   1.00 37.99  ? 79  ARG A CG  1 
ATOM   537 C  CD  . ARG A 1 71  ? -0.109  12.438  5.212   1.00 35.88  ? 79  ARG A CD  1 
ATOM   538 N  NE  . ARG A 1 71  ? 0.267   13.734  4.654   1.00 54.28  ? 79  ARG A NE  1 
ATOM   539 C  CZ  . ARG A 1 71  ? 0.956   14.659  5.313   1.00 49.19  ? 79  ARG A CZ  1 
ATOM   540 N  NH1 . ARG A 1 71  ? 1.351   14.432  6.559   1.00 48.52  ? 79  ARG A NH1 1 
ATOM   541 N  NH2 . ARG A 1 71  ? 1.254   15.811  4.725   1.00 45.45  ? 79  ARG A NH2 1 
ATOM   542 N  N   . LYS A 1 72  ? 1.254   10.940  0.672   1.00 21.71  ? 80  LYS A N   1 
ATOM   543 C  CA  . LYS A 1 72  ? 1.892   10.727  -0.617  1.00 19.35  ? 80  LYS A CA  1 
ATOM   544 C  C   . LYS A 1 72  ? 3.292   11.337  -0.611  1.00 24.22  ? 80  LYS A C   1 
ATOM   545 O  O   . LYS A 1 72  ? 3.505   12.412  -0.052  1.00 25.24  ? 80  LYS A O   1 
ATOM   546 C  CB  . LYS A 1 72  ? 1.037   11.324  -1.739  1.00 28.46  ? 80  LYS A CB  1 
ATOM   547 C  CG  . LYS A 1 72  ? 1.389   10.820  -3.128  1.00 38.34  ? 80  LYS A CG  1 
ATOM   548 C  CD  . LYS A 1 72  ? 0.389   11.312  -4.167  1.00 43.19  ? 80  LYS A CD  1 
ATOM   549 C  CE  . LYS A 1 72  ? 0.507   12.813  -4.382  1.00 44.85  ? 80  LYS A CE  1 
ATOM   550 N  NZ  . LYS A 1 72  ? -0.351  13.282  -5.504  1.00 56.93  ? 80  LYS A NZ  1 
ATOM   551 N  N   . VAL A 1 73  ? 4.247   10.639  -1.217  1.00 20.89  ? 81  VAL A N   1 
ATOM   552 C  CA  . VAL A 1 73  ? 5.620   11.128  -1.290  1.00 22.75  ? 81  VAL A CA  1 
ATOM   553 C  C   . VAL A 1 73  ? 5.963   11.506  -2.724  1.00 23.35  ? 81  VAL A C   1 
ATOM   554 O  O   . VAL A 1 73  ? 5.849   10.686  -3.634  1.00 26.14  ? 81  VAL A O   1 
ATOM   555 C  CB  . VAL A 1 73  ? 6.630   10.075  -0.785  1.00 22.67  ? 81  VAL A CB  1 
ATOM   556 C  CG1 . VAL A 1 73  ? 8.035   10.648  -0.777  1.00 21.19  ? 81  VAL A CG1 1 
ATOM   557 C  CG2 . VAL A 1 73  ? 6.248   9.596   0.605   1.00 20.65  ? 81  VAL A CG2 1 
ATOM   558 N  N   . VAL A 1 74  ? 6.383   12.751  -2.923  1.00 26.78  ? 82  VAL A N   1 
ATOM   559 C  CA  . VAL A 1 74  ? 6.712   13.232  -4.259  1.00 27.46  ? 82  VAL A CA  1 
ATOM   560 C  C   . VAL A 1 74  ? 8.108   13.843  -4.315  1.00 33.41  ? 82  VAL A C   1 
ATOM   561 O  O   . VAL A 1 74  ? 8.687   14.203  -3.288  1.00 27.32  ? 82  VAL A O   1 
ATOM   562 C  CB  . VAL A 1 74  ? 5.691   14.281  -4.750  1.00 28.94  ? 82  VAL A CB  1 
ATOM   563 C  CG1 . VAL A 1 74  ? 4.293   13.687  -4.787  1.00 33.54  ? 82  VAL A CG1 1 
ATOM   564 C  CG2 . VAL A 1 74  ? 5.723   15.514  -3.863  1.00 29.89  ? 82  VAL A CG2 1 
ATOM   565 N  N   . HIS A 1 75  ? 8.645   13.951  -5.524  1.00 31.74  ? 83  HIS A N   1 
ATOM   566 C  CA  . HIS A 1 75  ? 9.934   14.595  -5.723  1.00 31.05  ? 83  HIS A CA  1 
ATOM   567 C  C   . HIS A 1 75  ? 9.822   16.094  -5.509  1.00 30.69  ? 83  HIS A C   1 
ATOM   568 O  O   . HIS A 1 75  ? 8.764   16.689  -5.714  1.00 36.23  ? 83  HIS A O   1 
ATOM   569 C  CB  . HIS A 1 75  ? 10.480  14.312  -7.125  1.00 31.07  ? 83  HIS A CB  1 
ATOM   570 C  CG  . HIS A 1 75  ? 10.868  12.885  -7.347  1.00 50.96  ? 83  HIS A CG  1 
ATOM   571 N  ND1 . HIS A 1 75  ? 9.960   11.914  -7.712  1.00 57.26  ? 83  HIS A ND1 1 
ATOM   572 C  CD2 . HIS A 1 75  ? 12.068  12.263  -7.259  1.00 62.64  ? 83  HIS A CD2 1 
ATOM   573 C  CE1 . HIS A 1 75  ? 10.584  10.757  -7.840  1.00 61.72  ? 83  HIS A CE1 1 
ATOM   574 N  NE2 . HIS A 1 75  ? 11.863  10.941  -7.570  1.00 65.79  ? 83  HIS A NE2 1 
ATOM   575 N  N   . ILE A 1 76  ? 10.923  16.697  -5.087  1.00 28.01  ? 84  ILE A N   1 
ATOM   576 C  CA  . ILE A 1 76  ? 11.013  18.141  -4.970  1.00 36.82  ? 84  ILE A CA  1 
ATOM   577 C  C   . ILE A 1 76  ? 11.119  18.781  -6.355  1.00 47.71  ? 84  ILE A C   1 
ATOM   578 O  O   . ILE A 1 76  ? 11.925  18.351  -7.180  1.00 46.48  ? 84  ILE A O   1 
ATOM   579 C  CB  . ILE A 1 76  ? 12.228  18.548  -4.119  1.00 35.05  ? 84  ILE A CB  1 
ATOM   580 C  CG1 . ILE A 1 76  ? 11.985  18.222  -2.643  1.00 25.94  ? 84  ILE A CG1 1 
ATOM   581 C  CG2 . ILE A 1 76  ? 12.539  20.012  -4.310  1.00 36.47  ? 84  ILE A CG2 1 
ATOM   582 C  CD1 . ILE A 1 76  ? 13.222  18.352  -1.781  1.00 29.62  ? 84  ILE A CD1 1 
ATOM   583 N  N   . GLU A 1 77  ? 10.299  19.797  -6.614  1.00 47.31  ? 85  GLU A N   1 
ATOM   584 C  CA  . GLU A 1 77  ? 10.396  20.546  -7.864  1.00 57.13  ? 85  GLU A CA  1 
ATOM   585 C  C   . GLU A 1 77  ? 11.500  21.597  -7.787  1.00 55.71  ? 85  GLU A C   1 
ATOM   586 O  O   . GLU A 1 77  ? 12.687  21.266  -7.767  1.00 64.41  ? 85  GLU A O   1 
ATOM   587 C  CB  . GLU A 1 77  ? 9.062   21.214  -8.206  1.00 55.86  ? 85  GLU A CB  1 
ATOM   588 C  CG  . GLU A 1 77  ? 8.312   20.551  -9.350  1.00 71.87  ? 85  GLU A CG  1 
ATOM   589 C  CD  . GLU A 1 77  ? 7.814   19.164  -8.997  1.00 81.45  ? 85  GLU A CD  1 
ATOM   590 O  OE1 . GLU A 1 77  ? 7.478   18.935  -7.817  1.00 76.94  ? 85  GLU A OE1 1 
ATOM   591 O  OE2 . GLU A 1 77  ? 7.759   18.303  -9.900  1.00 72.67  ? 85  GLU A OE2 1 
ATOM   592 N  N   . ASP A 1 88  ? 4.885   5.014   -9.943  1.00 56.38  ? 96  ASP A N   1 
ATOM   593 C  CA  . ASP A 1 88  ? 5.215   6.433   -9.928  1.00 56.55  ? 96  ASP A CA  1 
ATOM   594 C  C   . ASP A 1 88  ? 4.423   7.135   -8.821  1.00 45.97  ? 96  ASP A C   1 
ATOM   595 O  O   . ASP A 1 88  ? 4.475   8.358   -8.676  1.00 51.24  ? 96  ASP A O   1 
ATOM   596 C  CB  . ASP A 1 88  ? 4.925   7.068   -11.290 1.00 65.43  ? 96  ASP A CB  1 
ATOM   597 C  CG  . ASP A 1 88  ? 5.540   8.453   -11.440 1.00 84.74  ? 96  ASP A CG  1 
ATOM   598 O  OD1 . ASP A 1 88  ? 6.294   8.880   -10.539 1.00 69.79  ? 96  ASP A OD1 1 
ATOM   599 O  OD2 . ASP A 1 88  ? 5.274   9.116   -12.466 1.00 82.00  ? 96  ASP A OD2 1 
ATOM   600 N  N   . THR A 1 89  ? 3.680   6.359   -8.041  1.00 32.95  ? 97  THR A N   1 
ATOM   601 C  CA  . THR A 1 89  ? 3.073   6.908   -6.835  1.00 26.23  ? 97  THR A CA  1 
ATOM   602 C  C   . THR A 1 89  ? 3.649   6.215   -5.610  1.00 23.08  ? 97  THR A C   1 
ATOM   603 O  O   . THR A 1 89  ? 3.746   4.989   -5.552  1.00 27.46  ? 97  THR A O   1 
ATOM   604 C  CB  . THR A 1 89  ? 1.532   6.789   -6.834  1.00 43.09  ? 97  THR A CB  1 
ATOM   605 O  OG1 . THR A 1 89  ? 1.137   5.419   -6.972  1.00 54.51  ? 97  THR A OG1 1 
ATOM   606 C  CG2 . THR A 1 89  ? 0.939   7.606   -7.967  1.00 41.80  ? 97  THR A CG2 1 
ATOM   607 N  N   . GLU A 1 90  ? 4.051   7.027   -4.641  1.00 22.26  ? 98  GLU A N   1 
ATOM   608 C  CA  . GLU A 1 90  ? 4.666   6.542   -3.418  1.00 23.17  ? 98  GLU A CA  1 
ATOM   609 C  C   . GLU A 1 90  ? 3.805   6.937   -2.225  1.00 14.91  ? 98  GLU A C   1 
ATOM   610 O  O   . GLU A 1 90  ? 3.497   8.111   -2.040  1.00 21.39  ? 98  GLU A O   1 
ATOM   611 C  CB  . GLU A 1 90  ? 6.082   7.105   -3.277  1.00 20.06  ? 98  GLU A CB  1 
ATOM   612 C  CG  . GLU A 1 90  ? 6.869   6.556   -2.093  1.00 22.30  ? 98  GLU A CG  1 
ATOM   613 C  CD  . GLU A 1 90  ? 8.278   7.114   -2.021  1.00 29.29  ? 98  GLU A CD  1 
ATOM   614 O  OE1 . GLU A 1 90  ? 8.672   7.865   -2.940  1.00 26.23  ? 98  GLU A OE1 1 
ATOM   615 O  OE2 . GLU A 1 90  ? 8.992   6.803   -1.043  1.00 24.19  ? 98  GLU A OE2 1 
ATOM   616 N  N   . PHE A 1 91  ? 3.399   5.948   -1.435  1.00 17.72  ? 99  PHE A N   1 
ATOM   617 C  CA  . PHE A 1 91  ? 2.569   6.189   -0.256  1.00 18.22  ? 99  PHE A CA  1 
ATOM   618 C  C   . PHE A 1 91  ? 3.302   5.782   1.009   1.00 18.42  ? 99  PHE A C   1 
ATOM   619 O  O   . PHE A 1 91  ? 4.199   4.943   0.965   1.00 18.04  ? 99  PHE A O   1 
ATOM   620 C  CB  . PHE A 1 91  ? 1.257   5.417   -0.343  1.00 18.53  ? 99  PHE A CB  1 
ATOM   621 C  CG  . PHE A 1 91  ? 0.405   5.796   -1.513  1.00 22.69  ? 99  PHE A CG  1 
ATOM   622 C  CD1 . PHE A 1 91  ? -0.341  6.959   -1.488  1.00 23.28  ? 99  PHE A CD1 1 
ATOM   623 C  CD2 . PHE A 1 91  ? 0.336   4.980   -2.628  1.00 25.23  ? 99  PHE A CD2 1 
ATOM   624 C  CE1 . PHE A 1 91  ? -1.137  7.307   -2.559  1.00 32.45  ? 99  PHE A CE1 1 
ATOM   625 C  CE2 . PHE A 1 91  ? -0.462  5.322   -3.702  1.00 26.10  ? 99  PHE A CE2 1 
ATOM   626 C  CZ  . PHE A 1 91  ? -1.198  6.486   -3.665  1.00 21.43  ? 99  PHE A CZ  1 
ATOM   627 N  N   . GLN A 1 92  ? 2.914   6.358   2.142   1.00 19.64  ? 100 GLN A N   1 
ATOM   628 C  CA  . GLN A 1 92  ? 3.579   6.015   3.388   1.00 16.64  ? 100 GLN A CA  1 
ATOM   629 C  C   . GLN A 1 92  ? 2.758   6.296   4.635   1.00 17.53  ? 100 GLN A C   1 
ATOM   630 O  O   . GLN A 1 92  ? 1.859   7.140   4.646   1.00 23.69  ? 100 GLN A O   1 
ATOM   631 C  CB  . GLN A 1 92  ? 4.909   6.760   3.499   1.00 17.30  ? 100 GLN A CB  1 
ATOM   632 C  CG  . GLN A 1 92  ? 4.786   8.246   3.760   1.00 22.20  ? 100 GLN A CG  1 
ATOM   633 C  CD  . GLN A 1 92  ? 6.129   8.884   4.059   1.00 24.08  ? 100 GLN A CD  1 
ATOM   634 O  OE1 . GLN A 1 92  ? 7.177   8.330   3.728   1.00 26.65  ? 100 GLN A OE1 1 
ATOM   635 N  NE2 . GLN A 1 92  ? 6.103   10.051  4.694   1.00 27.97  ? 100 GLN A NE2 1 
ATOM   636 N  N   . HIS A 1 93  ? 3.098   5.563   5.685   1.00 18.47  ? 101 HIS A N   1 
ATOM   637 C  CA  . HIS A 1 93  ? 2.583   5.783   7.027   1.00 18.70  ? 101 HIS A CA  1 
ATOM   638 C  C   . HIS A 1 93  ? 3.713   5.404   7.980   1.00 18.03  ? 101 HIS A C   1 
ATOM   639 O  O   . HIS A 1 93  ? 4.415   4.422   7.737   1.00 19.69  ? 101 HIS A O   1 
ATOM   640 C  CB  . HIS A 1 93  ? 1.322   4.949   7.274   1.00 20.55  ? 101 HIS A CB  1 
ATOM   641 C  CG  . HIS A 1 93  ? 0.652   5.233   8.583   1.00 21.50  ? 101 HIS A CG  1 
ATOM   642 N  ND1 . HIS A 1 93  ? 1.198   4.864   9.793   1.00 21.95  ? 101 HIS A ND1 1 
ATOM   643 C  CD2 . HIS A 1 93  ? -0.523  5.842   8.868   1.00 24.15  ? 101 HIS A CD2 1 
ATOM   644 C  CE1 . HIS A 1 93  ? 0.389   5.236   10.770  1.00 27.64  ? 101 HIS A CE1 1 
ATOM   645 N  NE2 . HIS A 1 93  ? -0.662  5.831   10.237  1.00 22.97  ? 101 HIS A NE2 1 
ATOM   646 N  N   . PRO A 1 94  ? 3.913   6.187   9.054   1.00 19.79  ? 102 PRO A N   1 
ATOM   647 C  CA  . PRO A 1 94  ? 5.018   5.917   9.984   1.00 19.91  ? 102 PRO A CA  1 
ATOM   648 C  C   . PRO A 1 94  ? 4.967   4.526   10.624  1.00 21.85  ? 102 PRO A C   1 
ATOM   649 O  O   . PRO A 1 94  ? 5.990   4.047   11.112  1.00 24.71  ? 102 PRO A O   1 
ATOM   650 C  CB  . PRO A 1 94  ? 4.853   7.007   11.049  1.00 27.80  ? 102 PRO A CB  1 
ATOM   651 C  CG  . PRO A 1 94  ? 4.115   8.104   10.359  1.00 34.49  ? 102 PRO A CG  1 
ATOM   652 C  CD  . PRO A 1 94  ? 3.190   7.425   9.395   1.00 21.24  ? 102 PRO A CD  1 
ATOM   653 N  N   . CYS A 1 95  ? 3.799   3.888   10.624  1.00 20.21  ? 103 CYS A N   1 
ATOM   654 C  CA  . CYS A 1 95  ? 3.659   2.561   11.223  1.00 19.24  ? 103 CYS A CA  1 
ATOM   655 C  C   . CYS A 1 95  ? 3.456   1.463   10.183  1.00 14.91  ? 103 CYS A C   1 
ATOM   656 O  O   . CYS A 1 95  ? 3.081   0.337   10.520  1.00 21.13  ? 103 CYS A O   1 
ATOM   657 C  CB  . CYS A 1 95  ? 2.499   2.546   12.215  1.00 23.24  ? 103 CYS A CB  1 
ATOM   658 S  SG  . CYS A 1 95  ? 2.733   3.642   13.623  1.00 29.69  ? 103 CYS A SG  1 
ATOM   659 N  N   . PHE A 1 96  ? 3.708   1.794   8.922   1.00 19.81  ? 104 PHE A N   1 
ATOM   660 C  CA  . PHE A 1 96  ? 3.619   0.831   7.832   1.00 19.36  ? 104 PHE A CA  1 
ATOM   661 C  C   . PHE A 1 96  ? 5.025   0.618   7.275   1.00 14.89  ? 104 PHE A C   1 
ATOM   662 O  O   . PHE A 1 96  ? 5.478   1.364   6.409   1.00 16.59  ? 104 PHE A O   1 
ATOM   663 C  CB  . PHE A 1 96  ? 2.656   1.331   6.748   1.00 18.86  ? 104 PHE A CB  1 
ATOM   664 C  CG  . PHE A 1 96  ? 2.336   0.307   5.691   1.00 18.68  ? 104 PHE A CG  1 
ATOM   665 C  CD1 . PHE A 1 96  ? 1.408   -0.690  5.932   1.00 18.90  ? 104 PHE A CD1 1 
ATOM   666 C  CD2 . PHE A 1 96  ? 2.949   0.358   4.451   1.00 20.13  ? 104 PHE A CD2 1 
ATOM   667 C  CE1 . PHE A 1 96  ? 1.110   -1.635  4.963   1.00 18.41  ? 104 PHE A CE1 1 
ATOM   668 C  CE2 . PHE A 1 96  ? 2.657   -0.580  3.477   1.00 20.17  ? 104 PHE A CE2 1 
ATOM   669 C  CZ  . PHE A 1 96  ? 1.732   -1.575  3.734   1.00 21.88  ? 104 PHE A CZ  1 
ATOM   670 N  N   . LEU A 1 97  ? 5.719   -0.390  7.800   1.00 15.98  ? 105 LEU A N   1 
ATOM   671 C  CA  . LEU A 1 97  ? 7.147   -0.555  7.541   1.00 19.22  ? 105 LEU A CA  1 
ATOM   672 C  C   . LEU A 1 97  ? 7.507   -1.983  7.165   1.00 20.25  ? 105 LEU A C   1 
ATOM   673 O  O   . LEU A 1 97  ? 6.901   -2.936  7.655   1.00 23.82  ? 105 LEU A O   1 
ATOM   674 C  CB  . LEU A 1 97  ? 7.958   -0.139  8.771   1.00 19.35  ? 105 LEU A CB  1 
ATOM   675 C  CG  . LEU A 1 97  ? 7.676   1.234   9.381   1.00 21.56  ? 105 LEU A CG  1 
ATOM   676 C  CD1 . LEU A 1 97  ? 8.453   1.404   10.680  1.00 27.11  ? 105 LEU A CD1 1 
ATOM   677 C  CD2 . LEU A 1 97  ? 8.007   2.349   8.397   1.00 19.56  ? 105 LEU A CD2 1 
ATOM   678 N  N   . ARG A 1 98  ? 8.508   -2.121  6.301   1.00 15.66  ? 106 ARG A N   1 
ATOM   679 C  CA  . ARG A 1 98  ? 8.984   -3.430  5.887   1.00 17.55  ? 106 ARG A CA  1 
ATOM   680 C  C   . ARG A 1 98  ? 9.488   -4.226  7.090   1.00 18.97  ? 106 ARG A C   1 
ATOM   681 O  O   . ARG A 1 98  ? 10.181  -3.688  7.952   1.00 20.59  ? 106 ARG A O   1 
ATOM   682 C  CB  . ARG A 1 98  ? 10.090  -3.287  4.835   1.00 15.88  ? 106 ARG A CB  1 
ATOM   683 C  CG  . ARG A 1 98  ? 10.553  -4.602  4.239   1.00 16.57  ? 106 ARG A CG  1 
ATOM   684 C  CD  . ARG A 1 98  ? 11.561  -4.364  3.120   1.00 20.50  ? 106 ARG A CD  1 
ATOM   685 N  NE  . ARG A 1 98  ? 12.717  -3.606  3.592   1.00 18.14  ? 106 ARG A NE  1 
ATOM   686 C  CZ  . ARG A 1 98  ? 13.357  -2.686  2.877   1.00 17.00  ? 106 ARG A CZ  1 
ATOM   687 N  NH1 . ARG A 1 98  ? 12.967  -2.407  1.638   1.00 17.46  ? 106 ARG A NH1 1 
ATOM   688 N  NH2 . ARG A 1 98  ? 14.397  -2.046  3.400   1.00 19.24  ? 106 ARG A NH2 1 
ATOM   689 N  N   . GLY A 1 99  ? 9.113   -5.502  7.144   1.00 22.03  ? 107 GLY A N   1 
ATOM   690 C  CA  . GLY A 1 99  ? 9.546   -6.393  8.206   1.00 29.17  ? 107 GLY A CA  1 
ATOM   691 C  C   . GLY A 1 99  ? 8.977   -6.067  9.574   1.00 27.86  ? 107 GLY A C   1 
ATOM   692 O  O   . GLY A 1 99  ? 9.480   -6.544  10.592  1.00 28.35  ? 107 GLY A O   1 
ATOM   693 N  N   . GLN A 1 100 ? 7.925   -5.253  9.607   1.00 26.38  ? 108 GLN A N   1 
ATOM   694 C  CA  . GLN A 1 100 ? 7.329   -4.833  10.872  1.00 27.10  ? 108 GLN A CA  1 
ATOM   695 C  C   . GLN A 1 100 ? 5.806   -4.899  10.843  1.00 24.95  ? 108 GLN A C   1 
ATOM   696 O  O   . GLN A 1 100 ? 5.132   -3.905  11.126  1.00 27.63  ? 108 GLN A O   1 
ATOM   697 C  CB  . GLN A 1 100 ? 7.776   -3.413  11.221  1.00 27.45  ? 108 GLN A CB  1 
ATOM   698 C  CG  . GLN A 1 100 ? 9.264   -3.277  11.481  1.00 28.67  ? 108 GLN A CG  1 
ATOM   699 C  CD  . GLN A 1 100 ? 9.678   -3.889  12.802  1.00 34.84  ? 108 GLN A CD  1 
ATOM   700 O  OE1 . GLN A 1 100 ? 8.950   -3.802  13.790  1.00 52.56  ? 108 GLN A OE1 1 
ATOM   701 N  NE2 . GLN A 1 100 ? 10.849  -4.513  12.828  1.00 33.17  ? 108 GLN A NE2 1 
ATOM   702 N  N   . GLU A 1 101 ? 5.269   -6.069  10.512  1.00 25.78  ? 109 GLU A N   1 
ATOM   703 C  CA  . GLU A 1 101 ? 3.822   -6.247  10.415  1.00 32.19  ? 109 GLU A CA  1 
ATOM   704 C  C   . GLU A 1 101 ? 3.124   -5.947  11.740  1.00 29.85  ? 109 GLU A C   1 
ATOM   705 O  O   . GLU A 1 101 ? 1.975   -5.508  11.761  1.00 28.83  ? 109 GLU A O   1 
ATOM   706 C  CB  . GLU A 1 101 ? 3.481   -7.670  9.956   1.00 23.74  ? 109 GLU A CB  1 
ATOM   707 C  CG  . GLU A 1 101 ? 1.991   -7.902  9.735   1.00 26.49  ? 109 GLU A CG  1 
ATOM   708 C  CD  . GLU A 1 101 ? 1.673   -9.292  9.218   1.00 36.23  ? 109 GLU A CD  1 
ATOM   709 O  OE1 . GLU A 1 101 ? 2.607   -10.107 9.070   1.00 38.18  ? 109 GLU A OE1 1 
ATOM   710 O  OE2 . GLU A 1 101 ? 0.482   -9.568  8.958   1.00 40.28  ? 109 GLU A OE2 1 
ATOM   711 N  N   . GLN A 1 102 ? 3.824   -6.165  12.847  1.00 26.51  ? 110 GLN A N   1 
ATOM   712 C  CA  . GLN A 1 102 ? 3.216   -5.983  14.160  1.00 29.32  ? 110 GLN A CA  1 
ATOM   713 C  C   . GLN A 1 102 ? 2.931   -4.513  14.476  1.00 35.75  ? 110 GLN A C   1 
ATOM   714 O  O   . GLN A 1 102 ? 2.155   -4.212  15.380  1.00 37.14  ? 110 GLN A O   1 
ATOM   715 C  CB  . GLN A 1 102 ? 4.103   -6.591  15.250  1.00 40.98  ? 110 GLN A CB  1 
ATOM   716 C  CG  . GLN A 1 102 ? 5.259   -5.712  15.691  1.00 44.35  ? 110 GLN A CG  1 
ATOM   717 C  CD  . GLN A 1 102 ? 6.442   -5.777  14.751  1.00 39.52  ? 110 GLN A CD  1 
ATOM   718 O  OE1 . GLN A 1 102 ? 6.429   -6.510  13.758  1.00 40.72  ? 110 GLN A OE1 1 
ATOM   719 N  NE2 . GLN A 1 102 ? 7.480   -5.011  15.060  1.00 38.40  ? 110 GLN A NE2 1 
ATOM   720 N  N   . LEU A 1 103 ? 3.545   -3.600  13.727  1.00 24.09  ? 111 LEU A N   1 
ATOM   721 C  CA  . LEU A 1 103 ? 3.319   -2.171  13.942  1.00 20.72  ? 111 LEU A CA  1 
ATOM   722 C  C   . LEU A 1 103 ? 1.996   -1.679  13.360  1.00 21.52  ? 111 LEU A C   1 
ATOM   723 O  O   . LEU A 1 103 ? 1.587   -0.544  13.615  1.00 25.78  ? 111 LEU A O   1 
ATOM   724 C  CB  . LEU A 1 103 ? 4.462   -1.344  13.351  1.00 26.42  ? 111 LEU A CB  1 
ATOM   725 C  CG  . LEU A 1 103 ? 5.819   -1.413  14.049  1.00 31.47  ? 111 LEU A CG  1 
ATOM   726 C  CD1 . LEU A 1 103 ? 6.796   -0.469  13.372  1.00 35.46  ? 111 LEU A CD1 1 
ATOM   727 C  CD2 . LEU A 1 103 ? 5.674   -1.069  15.521  1.00 30.59  ? 111 LEU A CD2 1 
ATOM   728 N  N   . LEU A 1 104 ? 1.331   -2.527  12.578  1.00 22.18  ? 112 LEU A N   1 
ATOM   729 C  CA  . LEU A 1 104 ? 0.044   -2.164  11.986  1.00 27.38  ? 112 LEU A CA  1 
ATOM   730 C  C   . LEU A 1 104 ? -1.006  -1.858  13.052  1.00 29.70  ? 112 LEU A C   1 
ATOM   731 O  O   . LEU A 1 104 ? -1.983  -1.158  12.792  1.00 25.31  ? 112 LEU A O   1 
ATOM   732 C  CB  . LEU A 1 104 ? -0.465  -3.282  11.074  1.00 19.79  ? 112 LEU A CB  1 
ATOM   733 C  CG  . LEU A 1 104 ? 0.359   -3.598  9.826   1.00 20.78  ? 112 LEU A CG  1 
ATOM   734 C  CD1 . LEU A 1 104 ? -0.266  -4.752  9.055   1.00 27.21  ? 112 LEU A CD1 1 
ATOM   735 C  CD2 . LEU A 1 104 ? 0.501   -2.358  8.946   1.00 21.99  ? 112 LEU A CD2 1 
ATOM   736 N  N   . GLU A 1 105 ? -0.791  -2.388  14.252  1.00 30.66  ? 113 GLU A N   1 
ATOM   737 C  CA  . GLU A 1 105 ? -1.706  -2.189  15.373  1.00 36.29  ? 113 GLU A CA  1 
ATOM   738 C  C   . GLU A 1 105 ? -1.823  -0.724  15.790  1.00 40.13  ? 113 GLU A C   1 
ATOM   739 O  O   . GLU A 1 105 ? -2.787  -0.337  16.448  1.00 37.11  ? 113 GLU A O   1 
ATOM   740 C  CB  . GLU A 1 105 ? -1.252  -3.022  16.574  1.00 33.73  ? 113 GLU A CB  1 
ATOM   741 C  CG  . GLU A 1 105 ? -1.114  -4.507  16.290  1.00 44.51  ? 113 GLU A CG  1 
ATOM   742 C  CD  . GLU A 1 105 ? -0.730  -5.298  17.526  1.00 68.68  ? 113 GLU A CD  1 
ATOM   743 O  OE1 . GLU A 1 105 ? -0.689  -4.701  18.623  1.00 70.99  ? 113 GLU A OE1 1 
ATOM   744 O  OE2 . GLU A 1 105 ? -0.470  -6.513  17.401  1.00 71.73  ? 113 GLU A OE2 1 
ATOM   745 N  N   . ASN A 1 106 ? -0.840  0.084   15.409  1.00 27.98  ? 114 ASN A N   1 
ATOM   746 C  CA  . ASN A 1 106 ? -0.787  1.478   15.829  1.00 23.13  ? 114 ASN A CA  1 
ATOM   747 C  C   . ASN A 1 106 ? -1.429  2.431   14.824  1.00 30.54  ? 114 ASN A C   1 
ATOM   748 O  O   . ASN A 1 106 ? -1.522  3.633   15.069  1.00 36.59  ? 114 ASN A O   1 
ATOM   749 C  CB  . ASN A 1 106 ? 0.664   1.887   16.092  1.00 28.76  ? 114 ASN A CB  1 
ATOM   750 C  CG  . ASN A 1 106 ? 1.336   1.005   17.129  1.00 41.27  ? 114 ASN A CG  1 
ATOM   751 O  OD1 . ASN A 1 106 ? 0.681   0.471   18.024  1.00 40.78  ? 114 ASN A OD1 1 
ATOM   752 N  ND2 . ASN A 1 106 ? 2.647   0.843   17.009  1.00 45.15  ? 114 ASN A ND2 1 
ATOM   753 N  N   . ILE A 1 107 ? -1.875  1.887   13.695  1.00 32.24  ? 115 ILE A N   1 
ATOM   754 C  CA  . ILE A 1 107 ? -2.575  2.674   12.685  1.00 32.05  ? 115 ILE A CA  1 
ATOM   755 C  C   . ILE A 1 107 ? -4.073  2.741   12.989  1.00 39.23  ? 115 ILE A C   1 
ATOM   756 O  O   . ILE A 1 107 ? -4.711  1.711   13.202  1.00 39.52  ? 115 ILE A O   1 
ATOM   757 C  CB  . ILE A 1 107 ? -2.379  2.086   11.270  1.00 33.89  ? 115 ILE A CB  1 
ATOM   758 C  CG1 . ILE A 1 107 ? -0.892  1.989   10.928  1.00 26.36  ? 115 ILE A CG1 1 
ATOM   759 C  CG2 . ILE A 1 107 ? -3.110  2.929   10.236  1.00 30.60  ? 115 ILE A CG2 1 
ATOM   760 C  CD1 . ILE A 1 107 ? -0.604  1.244   9.631   1.00 21.28  ? 115 ILE A CD1 1 
ATOM   761 N  N   . LYS A 1 108 ? -4.599  3.937   12.995  1.00 45.08  ? 116 LYS A N   1 
ATOM   762 C  CA  . LYS A 1 108 ? -6.006  4.111   13.268  1.00 43.38  ? 116 LYS A CA  1 
ATOM   763 C  C   . LYS A 1 108 ? -6.708  5.052   12.335  1.00 42.44  ? 116 LYS A C   1 
ATOM   764 O  O   . LYS A 1 108 ? -6.114  5.829   11.654  1.00 36.31  ? 116 LYS A O   1 
ATOM   765 C  CB  . LYS A 1 108 ? -6.223  4.590   14.695  1.00 48.22  ? 116 LYS A CB  1 
ATOM   766 C  CG  . LYS A 1 108 ? -5.665  3.676   15.766  1.00 60.15  ? 116 LYS A CG  1 
ATOM   767 C  CD  . LYS A 1 108 ? -4.994  4.437   16.908  1.00 68.13  ? 116 LYS A CD  1 
ATOM   768 C  CE  . LYS A 1 108 ? -4.216  5.654   16.407  1.00 70.42  ? 116 LYS A CE  1 
ATOM   769 N  NZ  . LYS A 1 108 ? -3.720  6.553   17.460  1.00 63.61  ? 116 LYS A NZ  1 
ATOM   770 N  N   . ARG A 1 109 ? -8.017  4.897   12.347  1.00 37.13  ? 117 ARG A N   1 
ATOM   771 C  CA  . ARG A 1 109 ? -9.028  5.677   11.660  1.00 54.04  ? 117 ARG A CA  1 
ATOM   772 C  C   . ARG A 1 109 ? -9.962  4.874   10.808  1.00 48.08  ? 117 ARG A C   1 
ATOM   773 O  O   . ARG A 1 109 ? -10.639 4.032   11.350  1.00 62.49  ? 117 ARG A O   1 
ATOM   774 C  CB  . ARG A 1 109 ? -8.540  6.937   11.007  1.00 51.43  ? 117 ARG A CB  1 
ATOM   775 C  CG  . ARG A 1 109 ? -8.777  8.107   11.888  1.00 50.14  ? 117 ARG A CG  1 
ATOM   776 C  CD  . ARG A 1 109 ? -9.736  9.036   11.209  1.00 85.42  ? 117 ARG A CD  1 
ATOM   777 N  NE  . ARG A 1 109 ? -9.227  9.331   9.893   1.00 75.75  ? 117 ARG A NE  1 
ATOM   778 C  CZ  . ARG A 1 109 ? -9.736  10.248  9.101   1.00 63.84  ? 117 ARG A CZ  1 
ATOM   779 N  NH1 . ARG A 1 109 ? -10.791 10.933  9.508   1.00 72.66  ? 117 ARG A NH1 1 
ATOM   780 N  NH2 . ARG A 1 109 ? -9.204  10.476  7.913   1.00 66.59  ? 117 ARG A NH2 1 
HETATM 781 NA NA  . NA  B 2 .   ? 5.210   -6.677  -3.536  1.00 22.83  ? 201 NA  A NA  1 
HETATM 782 O  O   . HOH C 3 .   ? 4.445   8.763   -14.086 1.00 60.69  ? 301 HOH A O   1 
HETATM 783 O  O   . HOH C 3 .   ? -11.321 -1.743  0.421   1.00 53.23  ? 302 HOH A O   1 
HETATM 784 O  O   . HOH C 3 .   ? -5.101  5.389   -11.674 1.00 50.69  ? 303 HOH A O   1 
HETATM 785 O  O   . HOH C 3 .   ? -10.460 -5.438  2.098   1.00 51.65  ? 304 HOH A O   1 
HETATM 786 O  O   . HOH C 3 .   ? 0.660   -11.459 -2.443  1.00 42.86  ? 305 HOH A O   1 
HETATM 787 O  O   . HOH C 3 .   ? -4.619  -0.621  13.239  1.00 37.70  ? 306 HOH A O   1 
HETATM 788 O  O   . HOH C 3 .   ? -12.340 9.491   -4.137  1.00 47.65  ? 307 HOH A O   1 
HETATM 789 O  O   . HOH C 3 .   ? -0.885  1.882   -16.007 1.00 47.04  ? 308 HOH A O   1 
HETATM 790 O  O   . HOH C 3 .   ? -6.041  -7.368  17.540  1.00 52.41  ? 309 HOH A O   1 
HETATM 791 O  O   . HOH C 3 .   ? -0.468  -12.037 -6.813  1.00 48.83  ? 310 HOH A O   1 
HETATM 792 O  O   . HOH C 3 .   ? 4.560   2.077   16.278  1.00 34.86  ? 311 HOH A O   1 
HETATM 793 O  O   . HOH C 3 .   ? 3.177   -3.251  -15.858 1.00 42.86  ? 312 HOH A O   1 
HETATM 794 O  O   . HOH C 3 .   ? -9.794  -9.216  -0.114  1.00 44.30  ? 313 HOH A O   1 
HETATM 795 O  O   . HOH C 3 .   ? 10.864  7.539   0.557   1.00 40.35  ? 314 HOH A O   1 
HETATM 796 O  O   . HOH C 3 .   ? 7.445   -2.846  -12.940 1.00 34.56  ? 315 HOH A O   1 
HETATM 797 O  O   . HOH C 3 .   ? -10.971 -0.562  6.404   1.00 27.70  ? 316 HOH A O   1 
HETATM 798 O  O   . HOH C 3 .   ? -14.588 5.441   -6.240  1.00 42.39  ? 317 HOH A O   1 
HETATM 799 O  O   . HOH C 3 .   ? 5.136   -10.799 8.912   1.00 41.41  ? 318 HOH A O   1 
HETATM 800 O  O   . HOH C 3 .   ? -5.997  -8.334  10.203  1.00 43.11  ? 319 HOH A O   1 
HETATM 801 O  O   . HOH C 3 .   ? 9.907   -3.663  -8.622  1.00 35.19  ? 320 HOH A O   1 
HETATM 802 O  O   . HOH C 3 .   ? 13.688  4.546   0.465   1.00 30.92  ? 321 HOH A O   1 
HETATM 803 O  O   . HOH C 3 .   ? 5.029   3.538   4.878   1.00 16.35  ? 322 HOH A O   1 
HETATM 804 O  O   . HOH C 3 .   ? 4.048   -2.014  9.538   1.00 22.74  ? 323 HOH A O   1 
HETATM 805 O  O   . HOH C 3 .   ? 11.569  -1.491  8.677   1.00 34.80  ? 324 HOH A O   1 
HETATM 806 O  O   . HOH C 3 .   ? 6.985   5.587   7.087   1.00 23.22  ? 325 HOH A O   1 
HETATM 807 O  O   . HOH C 3 .   ? -3.224  11.997  3.117   1.00 32.14  ? 326 HOH A O   1 
HETATM 808 O  O   . HOH C 3 .   ? 3.993   9.865   -5.440  1.00 29.86  ? 327 HOH A O   1 
HETATM 809 O  O   . HOH C 3 .   ? -15.925 -4.918  -7.086  1.00 28.11  ? 328 HOH A O   1 
HETATM 810 O  O   . HOH C 3 .   ? -6.904  -10.148 -11.170 1.00 43.67  ? 329 HOH A O   1 
HETATM 811 O  O   . HOH C 3 .   ? -1.762  4.682   17.744  1.00 62.84  ? 330 HOH A O   1 
HETATM 812 O  O   . HOH C 3 .   ? -9.694  -0.706  -13.542 1.00 42.08  ? 331 HOH A O   1 
HETATM 813 O  O   . HOH C 3 .   ? -1.781  11.378  8.404   1.00 40.84  ? 332 HOH A O   1 
HETATM 814 O  O   . HOH C 3 .   ? -9.939  -5.954  -13.884 1.00 31.51  ? 333 HOH A O   1 
HETATM 815 O  O   . HOH C 3 .   ? -0.428  -6.462  12.662  1.00 38.32  ? 334 HOH A O   1 
HETATM 816 O  O   . HOH C 3 .   ? 1.233   9.247   7.494   1.00 29.42  ? 335 HOH A O   1 
HETATM 817 O  O   . HOH C 3 .   ? 11.709  9.238   4.279   1.00 36.74  ? 336 HOH A O   1 
HETATM 818 O  O   . HOH C 3 .   ? 11.951  5.156   -3.401  1.00 30.96  ? 337 HOH A O   1 
HETATM 819 O  O   . HOH C 3 .   ? 8.397   5.364   11.246  1.00 33.68  ? 338 HOH A O   1 
HETATM 820 O  O   . HOH C 3 .   ? 11.298  -8.727  -6.016  1.00 43.16  ? 339 HOH A O   1 
HETATM 821 O  O   . HOH C 3 .   ? 8.647   21.204  -4.910  1.00 51.77  ? 340 HOH A O   1 
HETATM 822 O  O   . HOH C 3 .   ? -3.970  -4.936  -19.823 1.00 53.50  ? 341 HOH A O   1 
HETATM 823 O  O   . HOH C 3 .   ? -0.326  -12.216 9.092   1.00 49.54  ? 342 HOH A O   1 
HETATM 824 O  O   . HOH C 3 .   ? 17.060  -1.730  -0.073  1.00 28.07  ? 343 HOH A O   1 
HETATM 825 O  O   . HOH C 3 .   ? -12.833 6.035   -10.124 1.00 49.47  ? 344 HOH A O   1 
HETATM 826 O  O   . HOH C 3 .   ? 4.653   3.136   -13.199 1.00 46.11  ? 345 HOH A O   1 
HETATM 827 O  O   . HOH C 3 .   ? -3.116  6.815   11.176  1.00 34.88  ? 346 HOH A O   1 
HETATM 828 O  O   . HOH C 3 .   ? 8.558   -5.090  -1.758  1.00 23.14  ? 347 HOH A O   1 
HETATM 829 O  O   . HOH C 3 .   ? 6.212   -9.164  -9.677  1.00 32.90  ? 348 HOH A O   1 
HETATM 830 O  O   . HOH C 3 .   ? 9.535   -8.370  -1.667  1.00 35.37  ? 349 HOH A O   1 
HETATM 831 O  O   . HOH C 3 .   ? -12.761 3.175   -0.221  1.00 39.42  ? 350 HOH A O   1 
HETATM 832 O  O   . HOH C 3 .   ? 5.746   -14.907 -1.776  1.00 45.06  ? 351 HOH A O   1 
HETATM 833 O  O   . HOH C 3 .   ? -5.945  -1.175  15.278  1.00 44.69  ? 352 HOH A O   1 
HETATM 834 O  O   . HOH C 3 .   ? -12.190 -10.638 -7.349  1.00 28.81  ? 353 HOH A O   1 
HETATM 835 O  O   . HOH C 3 .   ? -12.127 -3.983  -0.576  1.00 44.63  ? 354 HOH A O   1 
HETATM 836 O  O   . HOH C 3 .   ? -1.516  -8.165  10.603  1.00 34.51  ? 355 HOH A O   1 
HETATM 837 O  O   . HOH C 3 .   ? 8.137   -7.109  4.874   1.00 24.69  ? 356 HOH A O   1 
HETATM 838 O  O   . HOH C 3 .   ? 3.903   -11.357 1.799   1.00 31.88  ? 357 HOH A O   1 
HETATM 839 O  O   . HOH C 3 .   ? -11.237 0.503   10.650  1.00 44.68  ? 358 HOH A O   1 
HETATM 840 O  O   . HOH C 3 .   ? 1.855   -11.325 6.220   1.00 42.56  ? 359 HOH A O   1 
HETATM 841 O  O   . HOH C 3 .   ? -9.506  -1.372  -1.168  1.00 28.87  ? 360 HOH A O   1 
HETATM 842 O  O   . HOH C 3 .   ? 12.073  -4.507  -0.194  1.00 21.88  ? 361 HOH A O   1 
HETATM 843 O  O   . HOH C 3 .   ? -5.197  -2.615  16.746  1.00 52.39  ? 362 HOH A O   1 
HETATM 844 O  O   . HOH C 3 .   ? -7.460  0.198   -15.047 1.00 46.51  ? 363 HOH A O   1 
HETATM 845 O  O   . HOH C 3 .   ? 6.893   -8.514  10.250  1.00 33.08  ? 364 HOH A O   1 
HETATM 846 O  O   . HOH C 3 .   ? -9.524  8.667   -4.016  1.00 32.12  ? 365 HOH A O   1 
HETATM 847 O  O   . HOH C 3 .   ? -10.747 8.842   2.943   1.00 40.33  ? 366 HOH A O   1 
HETATM 848 O  O   . HOH C 3 .   ? -9.243  13.598  4.096   1.00 44.16  ? 367 HOH A O   1 
HETATM 849 O  O   . HOH C 3 .   ? 9.385   -13.351 -7.566  1.00 42.70  ? 368 HOH A O   1 
HETATM 850 O  O   . HOH C 3 .   ? -10.510 -3.389  6.558   1.00 29.10  ? 369 HOH A O   1 
HETATM 851 O  O   . HOH C 3 .   ? -9.390  2.686   -11.394 1.00 37.16  ? 370 HOH A O   1 
HETATM 852 O  O   . HOH C 3 .   ? -14.581 1.159   -10.764 1.00 48.07  ? 371 HOH A O   1 
HETATM 853 O  O   . HOH C 3 .   ? 6.977   12.673  -7.662  1.00 36.11  ? 372 HOH A O   1 
HETATM 854 O  O   . HOH C 3 .   ? -10.452 -3.489  -14.819 1.00 36.77  ? 373 HOH A O   1 
HETATM 855 O  O   . HOH C 3 .   ? -14.908 -3.235  -9.058  1.00 27.82  ? 374 HOH A O   1 
HETATM 856 O  O   . HOH C 3 .   ? 3.660   10.088  6.465   1.00 31.37  ? 375 HOH A O   1 
HETATM 857 O  O   . HOH C 3 .   ? -6.317  8.484   10.232  1.00 56.75  ? 376 HOH A O   1 
HETATM 858 O  O   . HOH C 3 .   ? -2.696  -9.867  0.895   1.00 42.74  ? 377 HOH A O   1 
HETATM 859 O  O   . HOH C 3 .   ? 10.516  -10.705 -7.780  1.00 43.31  ? 378 HOH A O   1 
HETATM 860 O  O   . HOH C 3 .   ? -10.500 5.053   -9.906  1.00 39.05  ? 379 HOH A O   1 
HETATM 861 O  O   . HOH C 3 .   ? 11.345  -3.866  -2.793  1.00 34.25  ? 380 HOH A O   1 
HETATM 862 O  O   . HOH C 3 .   ? -1.500  3.973   -15.585 1.00 53.82  ? 381 HOH A O   1 
HETATM 863 O  O   . HOH C 3 .   ? 1.691   -12.439 -8.648  1.00 50.40  ? 382 HOH A O   1 
HETATM 864 O  O   . HOH C 3 .   ? 9.039   -10.282 2.245   1.00 49.21  ? 383 HOH A O   1 
HETATM 865 O  O   . HOH C 3 .   ? 6.265   3.273   14.216  1.00 40.86  ? 384 HOH A O   1 
HETATM 866 O  O   . HOH C 3 .   ? 2.516   -7.539  17.991  1.00 52.04  ? 385 HOH A O   1 
HETATM 867 O  O   . HOH C 3 .   ? 11.537  -4.972  -4.927  1.00 35.25  ? 386 HOH A O   1 
HETATM 868 O  O   . HOH C 3 .   ? 6.002   -12.203 -10.866 1.00 48.07  ? 387 HOH A O   1 
HETATM 869 O  O   . HOH C 3 .   ? -4.365  7.878   -7.981  1.00 45.00  ? 388 HOH A O   1 
HETATM 870 O  O   . HOH C 3 .   ? 10.356  -0.892  14.421  1.00 45.42  ? 389 HOH A O   1 
HETATM 871 O  O   . HOH C 3 .   ? -3.709  -6.085  18.071  1.00 62.23  ? 390 HOH A O   1 
HETATM 872 O  O   . HOH C 3 .   ? 11.568  7.093   8.055   1.00 35.10  ? 391 HOH A O   1 
HETATM 873 O  O   . HOH C 3 .   ? 6.969   -11.882 1.893   1.00 46.62  ? 392 HOH A O   1 
HETATM 874 O  O   . HOH C 3 .   ? -15.456 -0.613  -8.606  1.00 44.02  ? 393 HOH A O   1 
HETATM 875 O  O   . HOH C 3 .   ? 16.144  21.578  -7.540  1.00 51.49  ? 394 HOH A O   1 
HETATM 876 O  O   . HOH C 3 .   ? 3.174   4.284   17.080  1.00 45.33  ? 395 HOH A O   1 
HETATM 877 O  O   . HOH C 3 .   ? -11.788 -1.846  16.364  1.00 59.53  ? 396 HOH A O   1 
HETATM 878 O  O   . HOH C 3 .   ? -2.667  13.354  6.641   1.00 52.46  ? 397 HOH A O   1 
HETATM 879 O  O   . HOH C 3 .   ? -3.289  -14.578 -1.985  1.00 44.38  ? 398 HOH A O   1 
HETATM 880 O  O   . HOH C 3 .   ? -7.077  7.456   -7.752  1.00 42.91  ? 399 HOH A O   1 
HETATM 881 O  O   . HOH C 3 .   ? -6.680  -16.091 -7.507  1.00 49.69  ? 400 HOH A O   1 
HETATM 882 O  O   . HOH C 3 .   ? -12.894 0.039   -0.689  1.00 39.98  ? 401 HOH A O   1 
HETATM 883 O  O   . HOH C 3 .   ? -17.124 3.731   -5.607  1.00 48.20  ? 402 HOH A O   1 
HETATM 884 O  O   . HOH C 3 .   ? 9.317   -7.631  2.629   1.00 27.12  ? 403 HOH A O   1 
HETATM 885 O  O   . HOH C 3 .   ? 16.584  4.704   0.282   1.00 34.96  ? 404 HOH A O   1 
HETATM 886 O  O   . HOH C 3 .   ? 13.331  -7.324  3.402   1.00 34.97  ? 405 HOH A O   1 
HETATM 887 O  O   . HOH C 3 .   ? -4.993  -13.183 -1.873  1.00 53.10  ? 406 HOH A O   1 
HETATM 888 O  O   . HOH C 3 .   ? 0.998   8.714   12.125  1.00 41.75  ? 407 HOH A O   1 
HETATM 889 O  O   . HOH C 3 .   ? 12.824  6.233   -1.012  1.00 36.26  ? 408 HOH A O   1 
HETATM 890 O  O   . HOH C 3 .   ? 9.861   -8.282  -9.369  1.00 55.42  ? 409 HOH A O   1 
HETATM 891 O  O   . HOH C 3 .   ? -8.955  -12.109 -9.558  1.00 40.68  ? 410 HOH A O   1 
HETATM 892 O  O   . HOH C 3 .   ? 14.189  -5.946  0.490   1.00 46.17  ? 411 HOH A O   1 
HETATM 893 O  O   . HOH C 3 .   ? -14.193 -5.853  -13.581 1.00 33.64  ? 412 HOH A O   1 
HETATM 894 O  O   . HOH C 3 .   ? 8.300   -2.723  18.213  1.00 45.27  ? 413 HOH A O   1 
HETATM 895 O  O   . HOH C 3 .   ? 18.316  2.739   1.570   1.00 44.15  ? 414 HOH A O   1 
HETATM 896 O  O   . HOH C 3 .   ? -13.050 4.713   -13.169 1.00 61.55  ? 415 HOH A O   1 
HETATM 897 O  O   . HOH C 3 .   ? 2.043   -5.562  -15.353 1.00 46.41  ? 416 HOH A O   1 
HETATM 898 O  O   . HOH C 3 .   ? -10.406 -11.202 0.840   1.00 53.23  ? 417 HOH A O   1 
HETATM 899 O  O   . HOH C 3 .   ? -1.934  9.509   11.393  1.00 48.05  ? 418 HOH A O   1 
HETATM 900 O  O   . HOH C 3 .   ? 10.562  -6.684  0.174   1.00 28.10  ? 419 HOH A O   1 
HETATM 901 O  O   . HOH C 3 .   ? -7.000  -9.904  8.470   1.00 49.30  ? 420 HOH A O   1 
HETATM 902 O  O   . HOH C 3 .   ? -7.805  7.291   -9.981  1.00 56.69  ? 421 HOH A O   1 
HETATM 903 O  O   . HOH C 3 .   ? -2.523  9.439   -6.440  1.00 56.64  ? 422 HOH A O   1 
HETATM 904 O  O   . HOH C 3 .   ? -0.359  8.725   16.160  1.00 52.02  ? 423 HOH A O   1 
HETATM 905 O  O   . HOH C 3 .   ? -6.253  -12.016 -0.347  1.00 51.44  ? 424 HOH A O   1 
HETATM 906 O  O   . HOH C 3 .   ? 2.577   -13.791 1.390   1.00 39.07  ? 425 HOH A O   1 
HETATM 907 O  O   . HOH C 3 .   ? -0.002  12.434  10.110  1.00 47.28  ? 426 HOH A O   1 
HETATM 908 O  O   . HOH C 3 .   ? 8.839   -9.680  5.768   1.00 46.23  ? 427 HOH A O   1 
HETATM 909 O  O   . HOH C 3 .   ? -13.801 -0.240  7.654   1.00 48.85  ? 428 HOH A O   1 
HETATM 910 O  O   . HOH C 3 .   ? 4.048   -11.732 4.373   1.00 43.54  ? 429 HOH A O   1 
HETATM 911 O  O   . HOH C 3 .   ? -7.539  2.630   -13.321 1.00 49.46  ? 430 HOH A O   1 
HETATM 912 O  O   . HOH C 3 .   ? -11.821 -6.760  -12.254 1.00 31.38  ? 431 HOH A O   1 
HETATM 913 O  O   . HOH C 3 .   ? -11.962 -11.300 -9.954  1.00 35.19  ? 432 HOH A O   1 
HETATM 914 O  O   . HOH C 3 .   ? 10.213  3.655   12.813  1.00 52.23  ? 433 HOH A O   1 
HETATM 915 O  O   . HOH C 3 .   ? 11.657  -10.001 -0.984  1.00 48.00  ? 434 HOH A O   1 
HETATM 916 O  O   . HOH C 3 .   ? 11.226  -11.270 0.665   1.00 51.57  ? 435 HOH A O   1 
HETATM 917 O  O   . HOH C 3 .   ? 6.301   -12.067 7.148   1.00 45.88  ? 436 HOH A O   1 
HETATM 918 O  O   . HOH C 3 .   ? -7.904  9.347   -5.913  1.00 53.14  ? 437 HOH A O   1 
HETATM 919 O  O   . HOH C 3 .   ? 13.195  -7.640  0.953   1.00 49.56  ? 438 HOH A O   1 
HETATM 920 O  O   . HOH C 3 .   ? 7.254   -4.126  19.871  1.00 56.52  ? 439 HOH A O   1 
HETATM 921 O  O   . HOH C 3 .   ? -13.042 8.504   -8.785  1.00 55.90  ? 440 HOH A O   1 
HETATM 922 O  O   . HOH C 3 .   ? 18.101  4.296   -2.151  1.00 35.68  ? 441 HOH A O   1 
HETATM 923 O  O   . HOH C 3 .   ? 8.523   -11.513 5.183   1.00 47.06  ? 442 HOH A O   1 
HETATM 924 O  O   . HOH C 3 .   ? -0.020  11.541  -15.499 1.00 61.10  ? 443 HOH A O   1 
HETATM 925 O  O   . HOH C 3 .   ? -2.013  -19.454 -1.574  1.00 60.82  ? 444 HOH A O   1 
HETATM 926 O  O   . HOH C 3 .   ? 9.871   -15.178 1.687   0.50 59.51  ? 445 HOH A O   1 
HETATM 927 O  O   . HOH C 3 .   ? 0.036   7.802   -18.380 1.00 68.26  ? 446 HOH A O   1 
HETATM 928 O  O   . HOH C 3 .   ? -8.661  -13.412 10.931  1.00 56.11  ? 447 HOH A O   1 
HETATM 929 O  O   . HOH C 3 .   ? 13.350  2.658   13.474  0.25 51.15  ? 448 HOH A O   1 
HETATM 930 O  O   . HOH C 3 .   ? -5.013  -15.945 2.034   1.00 47.43  ? 449 HOH A O   1 
# 
loop_
_pdbx_poly_seq_scheme.asym_id 
_pdbx_poly_seq_scheme.entity_id 
_pdbx_poly_seq_scheme.seq_id 
_pdbx_poly_seq_scheme.mon_id 
_pdbx_poly_seq_scheme.ndb_seq_num 
_pdbx_poly_seq_scheme.pdb_seq_num 
_pdbx_poly_seq_scheme.auth_seq_num 
_pdbx_poly_seq_scheme.pdb_mon_id 
_pdbx_poly_seq_scheme.auth_mon_id 
_pdbx_poly_seq_scheme.pdb_strand_id 
_pdbx_poly_seq_scheme.pdb_ins_code 
_pdbx_poly_seq_scheme.hetero 
A 1 1   HIS 1   9   ?   ?   ?   A . n 
A 1 2   HIS 2   10  ?   ?   ?   A . n 
A 1 3   HIS 3   11  ?   ?   ?   A . n 
A 1 4   HIS 4   12  ?   ?   ?   A . n 
A 1 5   HIS 5   13  ?   ?   ?   A . n 
A 1 6   HIS 6   14  14  HIS HIS A . n 
A 1 7   VAL 7   15  15  VAL VAL A . n 
A 1 8   PRO 8   16  16  PRO PRO A . n 
A 1 9   ALA 9   17  17  ALA ALA A . n 
A 1 10  PHE 10  18  18  PHE PHE A . n 
A 1 11  LEU 11  19  19  LEU LEU A . n 
A 1 12  THR 12  20  20  THR THR A . n 
A 1 13  LYS 13  21  21  LYS LYS A . n 
A 1 14  LEU 14  22  22  LEU LEU A . n 
A 1 15  TRP 15  23  23  TRP TRP A . n 
A 1 16  THR 16  24  24  THR THR A . n 
A 1 17  LEU 17  25  25  LEU LEU A . n 
A 1 18  VAL 18  26  26  VAL VAL A . n 
A 1 19  SER 19  27  27  SER SER A . n 
A 1 20  ASP 20  28  28  ASP ASP A . n 
A 1 21  PRO 21  29  29  PRO PRO A . n 
A 1 22  ASP 22  30  30  ASP ASP A . n 
A 1 23  THR 23  31  31  THR THR A . n 
A 1 24  ASP 24  32  32  ASP ASP A . n 
A 1 25  ALA 25  33  33  ALA ALA A . n 
A 1 26  LEU 26  34  34  LEU LEU A . n 
A 1 27  ILE 27  35  35  ILE ILE A . n 
A 1 28  CYS 28  36  36  CYS CYS A . n 
A 1 29  TRP 29  37  37  TRP TRP A . n 
A 1 30  SER 30  38  38  SER SER A . n 
A 1 31  PRO 31  39  39  PRO PRO A . n 
A 1 32  SER 32  40  40  SER SER A . n 
A 1 33  GLY 33  41  41  GLY GLY A . n 
A 1 34  ASN 34  42  42  ASN ASN A . n 
A 1 35  SER 35  43  43  SER SER A . n 
A 1 36  PHE 36  44  44  PHE PHE A . n 
A 1 37  HIS 37  45  45  HIS HIS A . n 
A 1 38  VAL 38  46  46  VAL VAL A . n 
A 1 39  PHE 39  47  47  PHE PHE A . n 
A 1 40  ASP 40  48  48  ASP ASP A . n 
A 1 41  GLN 41  49  49  GLN GLN A . n 
A 1 42  GLY 42  50  50  GLY GLY A . n 
A 1 43  GLN 43  51  51  GLN GLN A . n 
A 1 44  PHE 44  52  52  PHE PHE A . n 
A 1 45  ALA 45  53  53  ALA ALA A . n 
A 1 46  LYS 46  54  54  LYS LYS A . n 
A 1 47  GLU 47  55  55  GLU GLU A . n 
A 1 48  VAL 48  56  56  VAL VAL A . n 
A 1 49  LEU 49  57  57  LEU LEU A . n 
A 1 50  PRO 50  58  58  PRO PRO A . n 
A 1 51  LYS 51  59  59  LYS LYS A . n 
A 1 52  TYR 52  60  60  TYR TYR A . n 
A 1 53  PHE 53  61  61  PHE PHE A . n 
A 1 54  LYS 54  62  62  LYS LYS A . n 
A 1 55  HIS 55  63  63  HIS HIS A . n 
A 1 56  ASN 56  64  64  ASN ASN A . n 
A 1 57  ASN 57  65  65  ASN ASN A . n 
A 1 58  MET 58  66  66  MET MET A . n 
A 1 59  ALA 59  67  67  ALA ALA A . n 
A 1 60  SER 60  68  68  SER SER A . n 
A 1 61  PHE 61  69  69  PHE PHE A . n 
A 1 62  VAL 62  70  70  VAL VAL A . n 
A 1 63  ARG 63  71  71  ARG ARG A . n 
A 1 64  GLN 64  72  72  GLN GLN A . n 
A 1 65  LEU 65  73  73  LEU LEU A . n 
A 1 66  ASN 66  74  74  ASN ASN A . n 
A 1 67  MET 67  75  75  MET MET A . n 
A 1 68  TYR 68  76  76  TYR TYR A . n 
A 1 69  GLY 69  77  77  GLY GLY A . n 
A 1 70  PHE 70  78  78  PHE PHE A . n 
A 1 71  ARG 71  79  79  ARG ARG A . n 
A 1 72  LYS 72  80  80  LYS LYS A . n 
A 1 73  VAL 73  81  81  VAL VAL A . n 
A 1 74  VAL 74  82  82  VAL VAL A . n 
A 1 75  HIS 75  83  83  HIS HIS A . n 
A 1 76  ILE 76  84  84  ILE ILE A . n 
A 1 77  GLU 77  85  85  GLU GLU A . n 
A 1 78  GLN 78  86  ?   ?   ?   A . n 
A 1 79  GLY 79  87  ?   ?   ?   A . n 
A 1 80  GLY 80  88  ?   ?   ?   A . n 
A 1 81  LEU 81  89  ?   ?   ?   A . n 
A 1 82  VAL 82  90  ?   ?   ?   A . n 
A 1 83  LYS 83  91  ?   ?   ?   A . n 
A 1 84  PRO 84  92  ?   ?   ?   A . n 
A 1 85  GLU 85  93  ?   ?   ?   A . n 
A 1 86  ARG 86  94  ?   ?   ?   A . n 
A 1 87  ASP 87  95  ?   ?   ?   A . n 
A 1 88  ASP 88  96  96  ASP ASP A . n 
A 1 89  THR 89  97  97  THR THR A . n 
A 1 90  GLU 90  98  98  GLU GLU A . n 
A 1 91  PHE 91  99  99  PHE PHE A . n 
A 1 92  GLN 92  100 100 GLN GLN A . n 
A 1 93  HIS 93  101 101 HIS HIS A . n 
A 1 94  PRO 94  102 102 PRO PRO A . n 
A 1 95  CYS 95  103 103 CYS CYS A . n 
A 1 96  PHE 96  104 104 PHE PHE A . n 
A 1 97  LEU 97  105 105 LEU LEU A . n 
A 1 98  ARG 98  106 106 ARG ARG A . n 
A 1 99  GLY 99  107 107 GLY GLY A . n 
A 1 100 GLN 100 108 108 GLN GLN A . n 
A 1 101 GLU 101 109 109 GLU GLU A . n 
A 1 102 GLN 102 110 110 GLN GLN A . n 
A 1 103 LEU 103 111 111 LEU LEU A . n 
A 1 104 LEU 104 112 112 LEU LEU A . n 
A 1 105 GLU 105 113 113 GLU GLU A . n 
A 1 106 ASN 106 114 114 ASN ASN A . n 
A 1 107 ILE 107 115 115 ILE ILE A . n 
A 1 108 LYS 108 116 116 LYS LYS A . n 
A 1 109 ARG 109 117 117 ARG ARG A . n 
A 1 110 LYS 110 118 ?   ?   ?   A . n 
A 1 111 VAL 111 119 ?   ?   ?   A . n 
A 1 112 THR 112 120 ?   ?   ?   A . n 
# 
loop_
_pdbx_nonpoly_scheme.asym_id 
_pdbx_nonpoly_scheme.entity_id 
_pdbx_nonpoly_scheme.mon_id 
_pdbx_nonpoly_scheme.ndb_seq_num 
_pdbx_nonpoly_scheme.pdb_seq_num 
_pdbx_nonpoly_scheme.auth_seq_num 
_pdbx_nonpoly_scheme.pdb_mon_id 
_pdbx_nonpoly_scheme.auth_mon_id 
_pdbx_nonpoly_scheme.pdb_strand_id 
_pdbx_nonpoly_scheme.pdb_ins_code 
B 2 NA  1   201 1   NA  NA  A . 
C 3 HOH 1   301 105 HOH HOH A . 
C 3 HOH 2   302 30  HOH HOH A . 
C 3 HOH 3   303 144 HOH HOH A . 
C 3 HOH 4   304 67  HOH HOH A . 
C 3 HOH 5   305 95  HOH HOH A . 
C 3 HOH 6   306 52  HOH HOH A . 
C 3 HOH 7   307 91  HOH HOH A . 
C 3 HOH 8   308 64  HOH HOH A . 
C 3 HOH 9   309 87  HOH HOH A . 
C 3 HOH 10  310 77  HOH HOH A . 
C 3 HOH 11  311 22  HOH HOH A . 
C 3 HOH 12  312 56  HOH HOH A . 
C 3 HOH 13  313 57  HOH HOH A . 
C 3 HOH 14  314 26  HOH HOH A . 
C 3 HOH 15  315 28  HOH HOH A . 
C 3 HOH 16  316 27  HOH HOH A . 
C 3 HOH 17  317 25  HOH HOH A . 
C 3 HOH 18  318 127 HOH HOH A . 
C 3 HOH 19  319 62  HOH HOH A . 
C 3 HOH 20  320 12  HOH HOH A . 
C 3 HOH 21  321 11  HOH HOH A . 
C 3 HOH 22  322 41  HOH HOH A . 
C 3 HOH 23  323 15  HOH HOH A . 
C 3 HOH 24  324 16  HOH HOH A . 
C 3 HOH 25  325 1   HOH HOH A . 
C 3 HOH 26  326 6   HOH HOH A . 
C 3 HOH 27  327 4   HOH HOH A . 
C 3 HOH 28  328 10  HOH HOH A . 
C 3 HOH 29  329 76  HOH HOH A . 
C 3 HOH 30  330 145 HOH HOH A . 
C 3 HOH 31  331 113 HOH HOH A . 
C 3 HOH 32  332 99  HOH HOH A . 
C 3 HOH 33  333 96  HOH HOH A . 
C 3 HOH 34  334 8   HOH HOH A . 
C 3 HOH 35  335 31  HOH HOH A . 
C 3 HOH 36  336 50  HOH HOH A . 
C 3 HOH 37  337 51  HOH HOH A . 
C 3 HOH 38  338 43  HOH HOH A . 
C 3 HOH 39  339 60  HOH HOH A . 
C 3 HOH 40  340 143 HOH HOH A . 
C 3 HOH 41  341 71  HOH HOH A . 
C 3 HOH 42  342 109 HOH HOH A . 
C 3 HOH 43  343 83  HOH HOH A . 
C 3 HOH 44  344 72  HOH HOH A . 
C 3 HOH 45  345 137 HOH HOH A . 
C 3 HOH 46  346 24  HOH HOH A . 
C 3 HOH 47  347 14  HOH HOH A . 
C 3 HOH 48  348 112 HOH HOH A . 
C 3 HOH 49  349 37  HOH HOH A . 
C 3 HOH 50  350 126 HOH HOH A . 
C 3 HOH 51  351 46  HOH HOH A . 
C 3 HOH 52  352 74  HOH HOH A . 
C 3 HOH 53  353 5   HOH HOH A . 
C 3 HOH 54  354 34  HOH HOH A . 
C 3 HOH 55  355 40  HOH HOH A . 
C 3 HOH 56  356 42  HOH HOH A . 
C 3 HOH 57  357 36  HOH HOH A . 
C 3 HOH 58  358 134 HOH HOH A . 
C 3 HOH 59  359 47  HOH HOH A . 
C 3 HOH 60  360 7   HOH HOH A . 
C 3 HOH 61  361 2   HOH HOH A . 
C 3 HOH 62  362 141 HOH HOH A . 
C 3 HOH 63  363 88  HOH HOH A . 
C 3 HOH 64  364 49  HOH HOH A . 
C 3 HOH 65  365 69  HOH HOH A . 
C 3 HOH 66  366 9   HOH HOH A . 
C 3 HOH 67  367 79  HOH HOH A . 
C 3 HOH 68  368 35  HOH HOH A . 
C 3 HOH 69  369 3   HOH HOH A . 
C 3 HOH 70  370 21  HOH HOH A . 
C 3 HOH 71  371 45  HOH HOH A . 
C 3 HOH 72  372 55  HOH HOH A . 
C 3 HOH 73  373 97  HOH HOH A . 
C 3 HOH 74  374 18  HOH HOH A . 
C 3 HOH 75  375 17  HOH HOH A . 
C 3 HOH 76  376 108 HOH HOH A . 
C 3 HOH 77  377 73  HOH HOH A . 
C 3 HOH 78  378 53  HOH HOH A . 
C 3 HOH 79  379 33  HOH HOH A . 
C 3 HOH 80  380 39  HOH HOH A . 
C 3 HOH 81  381 140 HOH HOH A . 
C 3 HOH 82  382 54  HOH HOH A . 
C 3 HOH 83  383 128 HOH HOH A . 
C 3 HOH 84  384 44  HOH HOH A . 
C 3 HOH 85  385 106 HOH HOH A . 
C 3 HOH 86  386 116 HOH HOH A . 
C 3 HOH 87  387 125 HOH HOH A . 
C 3 HOH 88  388 90  HOH HOH A . 
C 3 HOH 89  389 119 HOH HOH A . 
C 3 HOH 90  390 148 HOH HOH A . 
C 3 HOH 91  391 29  HOH HOH A . 
C 3 HOH 92  392 59  HOH HOH A . 
C 3 HOH 93  393 130 HOH HOH A . 
C 3 HOH 94  394 147 HOH HOH A . 
C 3 HOH 95  395 58  HOH HOH A . 
C 3 HOH 96  396 102 HOH HOH A . 
C 3 HOH 97  397 98  HOH HOH A . 
C 3 HOH 98  398 101 HOH HOH A . 
C 3 HOH 99  399 92  HOH HOH A . 
C 3 HOH 100 400 124 HOH HOH A . 
C 3 HOH 101 401 80  HOH HOH A . 
C 3 HOH 102 402 81  HOH HOH A . 
C 3 HOH 103 403 13  HOH HOH A . 
C 3 HOH 104 404 115 HOH HOH A . 
C 3 HOH 105 405 48  HOH HOH A . 
C 3 HOH 106 406 78  HOH HOH A . 
C 3 HOH 107 407 123 HOH HOH A . 
C 3 HOH 108 408 86  HOH HOH A . 
C 3 HOH 109 409 111 HOH HOH A . 
C 3 HOH 110 410 117 HOH HOH A . 
C 3 HOH 111 411 93  HOH HOH A . 
C 3 HOH 112 412 82  HOH HOH A . 
C 3 HOH 113 413 89  HOH HOH A . 
C 3 HOH 114 414 114 HOH HOH A . 
C 3 HOH 115 415 142 HOH HOH A . 
C 3 HOH 116 416 129 HOH HOH A . 
C 3 HOH 117 417 121 HOH HOH A . 
C 3 HOH 118 418 61  HOH HOH A . 
C 3 HOH 119 419 32  HOH HOH A . 
C 3 HOH 120 420 110 HOH HOH A . 
C 3 HOH 121 421 136 HOH HOH A . 
C 3 HOH 122 422 100 HOH HOH A . 
C 3 HOH 123 423 118 HOH HOH A . 
C 3 HOH 124 424 75  HOH HOH A . 
C 3 HOH 125 425 38  HOH HOH A . 
C 3 HOH 126 426 135 HOH HOH A . 
C 3 HOH 127 427 84  HOH HOH A . 
C 3 HOH 128 428 66  HOH HOH A . 
C 3 HOH 129 429 63  HOH HOH A . 
C 3 HOH 130 430 70  HOH HOH A . 
C 3 HOH 131 431 20  HOH HOH A . 
C 3 HOH 132 432 19  HOH HOH A . 
C 3 HOH 133 433 131 HOH HOH A . 
C 3 HOH 134 434 68  HOH HOH A . 
C 3 HOH 135 435 107 HOH HOH A . 
C 3 HOH 136 436 94  HOH HOH A . 
C 3 HOH 137 437 104 HOH HOH A . 
C 3 HOH 138 438 85  HOH HOH A . 
C 3 HOH 139 439 132 HOH HOH A . 
C 3 HOH 140 440 103 HOH HOH A . 
C 3 HOH 141 441 23  HOH HOH A . 
C 3 HOH 142 442 65  HOH HOH A . 
C 3 HOH 143 443 122 HOH HOH A . 
C 3 HOH 144 444 133 HOH HOH A . 
C 3 HOH 145 445 138 HOH HOH A . 
C 3 HOH 146 446 139 HOH HOH A . 
C 3 HOH 147 447 146 HOH HOH A . 
C 3 HOH 148 448 149 HOH HOH A . 
C 3 HOH 149 449 120 HOH HOH A . 
# 
loop_
_pdbx_struct_assembly.id 
_pdbx_struct_assembly.details 
_pdbx_struct_assembly.method_details 
_pdbx_struct_assembly.oligomeric_details 
_pdbx_struct_assembly.oligomeric_count 
1 author_defined_assembly   ?    monomeric 1 
2 software_defined_assembly PISA dimeric   2 
# 
loop_
_pdbx_struct_assembly_gen.assembly_id 
_pdbx_struct_assembly_gen.oper_expression 
_pdbx_struct_assembly_gen.asym_id_list 
1 1   A,B,C 
2 1,2 A,B,C 
# 
loop_
_pdbx_struct_assembly_prop.biol_id 
_pdbx_struct_assembly_prop.type 
_pdbx_struct_assembly_prop.value 
_pdbx_struct_assembly_prop.details 
2 'ABSA (A^2)' 1560  ? 
2 MORE         -5    ? 
2 'SSA (A^2)'  10280 ? 
# 
loop_
_pdbx_struct_oper_list.id 
_pdbx_struct_oper_list.type 
_pdbx_struct_oper_list.name 
_pdbx_struct_oper_list.symmetry_operation 
_pdbx_struct_oper_list.matrix[1][1] 
_pdbx_struct_oper_list.matrix[1][2] 
_pdbx_struct_oper_list.matrix[1][3] 
_pdbx_struct_oper_list.vector[1] 
_pdbx_struct_oper_list.matrix[2][1] 
_pdbx_struct_oper_list.matrix[2][2] 
_pdbx_struct_oper_list.matrix[2][3] 
_pdbx_struct_oper_list.vector[2] 
_pdbx_struct_oper_list.matrix[3][1] 
_pdbx_struct_oper_list.matrix[3][2] 
_pdbx_struct_oper_list.matrix[3][3] 
_pdbx_struct_oper_list.vector[3] 
1 'identity operation'         1_555 x,y,z   1.0000000000  0.0000000000  0.0000000000 0.0000000000  0.0000000000  1.0000000000  0.0000000000  0.0000000000  0.0000000000 0.0000000000  1.0000000000 0.0000000000 
2 'crystal symmetry operation' 3_555 -x,y,-z -0.6369767197 -0.4730393400 0.6086825457 14.9102622968 -0.4730393400 -0.3836036715 -0.7931469007 20.6791495534 0.6086825457 -0.7931469007 0.0205803911 7.1782556566 
# 
loop_
_pdbx_struct_special_symmetry.id 
_pdbx_struct_special_symmetry.PDB_model_num 
_pdbx_struct_special_symmetry.auth_asym_id 
_pdbx_struct_special_symmetry.auth_comp_id 
_pdbx_struct_special_symmetry.auth_seq_id 
_pdbx_struct_special_symmetry.PDB_ins_code 
_pdbx_struct_special_symmetry.label_asym_id 
_pdbx_struct_special_symmetry.label_comp_id 
_pdbx_struct_special_symmetry.label_seq_id 
1 1 A HOH 445 ? C HOH . 
2 1 A HOH 448 ? C HOH . 
# 
loop_
_pdbx_struct_conn_angle.id 
_pdbx_struct_conn_angle.ptnr1_label_atom_id 
_pdbx_struct_conn_angle.ptnr1_label_alt_id 
_pdbx_struct_conn_angle.ptnr1_label_asym_id 
_pdbx_struct_conn_angle.ptnr1_label_comp_id 
_pdbx_struct_conn_angle.ptnr1_label_seq_id 
_pdbx_struct_conn_angle.ptnr1_auth_atom_id 
_pdbx_struct_conn_angle.ptnr1_auth_asym_id 
_pdbx_struct_conn_angle.ptnr1_auth_comp_id 
_pdbx_struct_conn_angle.ptnr1_auth_seq_id 
_pdbx_struct_conn_angle.ptnr1_PDB_ins_code 
_pdbx_struct_conn_angle.ptnr1_symmetry 
_pdbx_struct_conn_angle.ptnr2_label_atom_id 
_pdbx_struct_conn_angle.ptnr2_label_alt_id 
_pdbx_struct_conn_angle.ptnr2_label_asym_id 
_pdbx_struct_conn_angle.ptnr2_label_comp_id 
_pdbx_struct_conn_angle.ptnr2_label_seq_id 
_pdbx_struct_conn_angle.ptnr2_auth_atom_id 
_pdbx_struct_conn_angle.ptnr2_auth_asym_id 
_pdbx_struct_conn_angle.ptnr2_auth_comp_id 
_pdbx_struct_conn_angle.ptnr2_auth_seq_id 
_pdbx_struct_conn_angle.ptnr2_PDB_ins_code 
_pdbx_struct_conn_angle.ptnr2_symmetry 
_pdbx_struct_conn_angle.ptnr3_label_atom_id 
_pdbx_struct_conn_angle.ptnr3_label_alt_id 
_pdbx_struct_conn_angle.ptnr3_label_asym_id 
_pdbx_struct_conn_angle.ptnr3_label_comp_id 
_pdbx_struct_conn_angle.ptnr3_label_seq_id 
_pdbx_struct_conn_angle.ptnr3_auth_atom_id 
_pdbx_struct_conn_angle.ptnr3_auth_asym_id 
_pdbx_struct_conn_angle.ptnr3_auth_comp_id 
_pdbx_struct_conn_angle.ptnr3_auth_seq_id 
_pdbx_struct_conn_angle.ptnr3_PDB_ins_code 
_pdbx_struct_conn_angle.ptnr3_symmetry 
_pdbx_struct_conn_angle.value 
_pdbx_struct_conn_angle.value_esd 
1  O   ? A LEU 17 ? A LEU 25 ? 1_555 NA ? B NA . ? A NA 201 ? 1_555 O   ? A VAL 18 ? A VAL 26 ? 1_555 76.0  ? 
2  O   ? A LEU 17 ? A LEU 25 ? 1_555 NA ? B NA . ? A NA 201 ? 1_555 O   ? A ASP 20 ? A ASP 28 ? 1_555 93.1  ? 
3  O   ? A VAL 18 ? A VAL 26 ? 1_555 NA ? B NA . ? A NA 201 ? 1_555 O   ? A ASP 20 ? A ASP 28 ? 1_555 107.3 ? 
4  O   ? A LEU 17 ? A LEU 25 ? 1_555 NA ? B NA . ? A NA 201 ? 1_555 OG1 ? A THR 23 ? A THR 31 ? 1_555 59.1  ? 
5  O   ? A VAL 18 ? A VAL 26 ? 1_555 NA ? B NA . ? A NA 201 ? 1_555 OG1 ? A THR 23 ? A THR 31 ? 1_555 134.5 ? 
6  O   ? A ASP 20 ? A ASP 28 ? 1_555 NA ? B NA . ? A NA 201 ? 1_555 OG1 ? A THR 23 ? A THR 31 ? 1_555 70.5  ? 
7  O   ? A LEU 17 ? A LEU 25 ? 1_555 NA ? B NA . ? A NA 201 ? 1_555 OD1 ? A ASP 24 ? A ASP 32 ? 1_555 160.9 ? 
8  O   ? A VAL 18 ? A VAL 26 ? 1_555 NA ? B NA . ? A NA 201 ? 1_555 OD1 ? A ASP 24 ? A ASP 32 ? 1_555 89.9  ? 
9  O   ? A ASP 20 ? A ASP 28 ? 1_555 NA ? B NA . ? A NA 201 ? 1_555 OD1 ? A ASP 24 ? A ASP 32 ? 1_555 78.5  ? 
10 OG1 ? A THR 23 ? A THR 31 ? 1_555 NA ? B NA . ? A NA 201 ? 1_555 OD1 ? A ASP 24 ? A ASP 32 ? 1_555 131.2 ? 
11 O   ? A LEU 17 ? A LEU 25 ? 1_555 NA ? B NA . ? A NA 201 ? 1_555 O   ? A ILE 27 ? A ILE 35 ? 1_555 104.6 ? 
12 O   ? A VAL 18 ? A VAL 26 ? 1_555 NA ? B NA . ? A NA 201 ? 1_555 O   ? A ILE 27 ? A ILE 35 ? 1_555 98.8  ? 
13 O   ? A ASP 20 ? A ASP 28 ? 1_555 NA ? B NA . ? A NA 201 ? 1_555 O   ? A ILE 27 ? A ILE 35 ? 1_555 151.4 ? 
14 OG1 ? A THR 23 ? A THR 31 ? 1_555 NA ? B NA . ? A NA 201 ? 1_555 O   ? A ILE 27 ? A ILE 35 ? 1_555 99.4  ? 
15 OD1 ? A ASP 24 ? A ASP 32 ? 1_555 NA ? B NA . ? A NA 201 ? 1_555 O   ? A ILE 27 ? A ILE 35 ? 1_555 90.2  ? 
# 
loop_
_pdbx_audit_revision_history.ordinal 
_pdbx_audit_revision_history.data_content_type 
_pdbx_audit_revision_history.major_revision 
_pdbx_audit_revision_history.minor_revision 
_pdbx_audit_revision_history.revision_date 
1 'Structure model' 1 0 2017-01-11 
2 'Structure model' 1 1 2023-11-08 
# 
_pdbx_audit_revision_details.ordinal             1 
_pdbx_audit_revision_details.revision_ordinal    1 
_pdbx_audit_revision_details.data_content_type   'Structure model' 
_pdbx_audit_revision_details.provider            repository 
_pdbx_audit_revision_details.type                'Initial release' 
_pdbx_audit_revision_details.description         ? 
_pdbx_audit_revision_details.details             ? 
# 
loop_
_pdbx_audit_revision_group.ordinal 
_pdbx_audit_revision_group.revision_ordinal 
_pdbx_audit_revision_group.data_content_type 
_pdbx_audit_revision_group.group 
1 2 'Structure model' 'Data collection'        
2 2 'Structure model' 'Database references'    
3 2 'Structure model' 'Refinement description' 
# 
loop_
_pdbx_audit_revision_category.ordinal 
_pdbx_audit_revision_category.revision_ordinal 
_pdbx_audit_revision_category.data_content_type 
_pdbx_audit_revision_category.category 
1 2 'Structure model' chem_comp_atom                
2 2 'Structure model' chem_comp_bond                
3 2 'Structure model' database_2                    
4 2 'Structure model' pdbx_initial_refinement_model 
# 
loop_
_pdbx_audit_revision_item.ordinal 
_pdbx_audit_revision_item.revision_ordinal 
_pdbx_audit_revision_item.data_content_type 
_pdbx_audit_revision_item.item 
1 2 'Structure model' '_database_2.pdbx_DOI'                
2 2 'Structure model' '_database_2.pdbx_database_accession' 
# 
loop_
_software.citation_id 
_software.classification 
_software.compiler_name 
_software.compiler_version 
_software.contact_author 
_software.contact_author_email 
_software.date 
_software.description 
_software.dependencies 
_software.hardware 
_software.language 
_software.location 
_software.mods 
_software.name 
_software.os 
_software.os_version 
_software.type 
_software.version 
_software.pdbx_ordinal 
? refinement       ? ? ? ? ? ? ? ? ? ? ? PHENIX ? ? ? 1.9_1692 1 
? 'data reduction' ? ? ? ? ? ? ? ? ? ? ? XSCALE ? ? ? .        2 
? 'data scaling'   ? ? ? ? ? ? ? ? ? ? ? XDS    ? ? ? .        3 
? phasing          ? ? ? ? ? ? ? ? ? ? ? PHENIX ? ? ? .        4 
# 
loop_
_pdbx_validate_close_contact.id 
_pdbx_validate_close_contact.PDB_model_num 
_pdbx_validate_close_contact.auth_atom_id_1 
_pdbx_validate_close_contact.auth_asym_id_1 
_pdbx_validate_close_contact.auth_comp_id_1 
_pdbx_validate_close_contact.auth_seq_id_1 
_pdbx_validate_close_contact.PDB_ins_code_1 
_pdbx_validate_close_contact.label_alt_id_1 
_pdbx_validate_close_contact.auth_atom_id_2 
_pdbx_validate_close_contact.auth_asym_id_2 
_pdbx_validate_close_contact.auth_comp_id_2 
_pdbx_validate_close_contact.auth_seq_id_2 
_pdbx_validate_close_contact.PDB_ins_code_2 
_pdbx_validate_close_contact.label_alt_id_2 
_pdbx_validate_close_contact.dist 
1 1 OD2 A ASP 96  ? ? O A HOH 301 ? ? 1.85 
2 1 O   A HOH 427 ? ? O A HOH 442 ? ? 1.95 
3 1 O   A HOH 411 ? ? O A HOH 438 ? ? 2.02 
4 1 NE2 A GLN 72  ? ? O A HOH 302 ? ? 2.12 
5 1 O   A HOH 434 ? ? O A HOH 435 ? ? 2.12 
6 1 O   A HOH 352 ? ? O A HOH 362 ? ? 2.19 
# 
loop_
_pdbx_validate_symm_contact.id 
_pdbx_validate_symm_contact.PDB_model_num 
_pdbx_validate_symm_contact.auth_atom_id_1 
_pdbx_validate_symm_contact.auth_asym_id_1 
_pdbx_validate_symm_contact.auth_comp_id_1 
_pdbx_validate_symm_contact.auth_seq_id_1 
_pdbx_validate_symm_contact.PDB_ins_code_1 
_pdbx_validate_symm_contact.label_alt_id_1 
_pdbx_validate_symm_contact.site_symmetry_1 
_pdbx_validate_symm_contact.auth_atom_id_2 
_pdbx_validate_symm_contact.auth_asym_id_2 
_pdbx_validate_symm_contact.auth_comp_id_2 
_pdbx_validate_symm_contact.auth_seq_id_2 
_pdbx_validate_symm_contact.PDB_ins_code_2 
_pdbx_validate_symm_contact.label_alt_id_2 
_pdbx_validate_symm_contact.site_symmetry_2 
_pdbx_validate_symm_contact.dist 
1 1 O A HOH 342 ? ? 1_555 O A HOH 415 ? ? 7_444 1.75 
2 1 O A HOH 320 ? ? 1_555 O A HOH 354 ? ? 8_544 1.79 
3 1 O A HOH 350 ? ? 1_555 O A HOH 409 ? ? 8_444 2.02 
4 1 O A HOH 446 ? ? 1_555 O A HOH 447 ? ? 8_544 2.05 
5 1 O A HOH 401 ? ? 1_555 O A HOH 409 ? ? 8_444 2.17 
# 
loop_
_pdbx_distant_solvent_atoms.id 
_pdbx_distant_solvent_atoms.PDB_model_num 
_pdbx_distant_solvent_atoms.auth_atom_id 
_pdbx_distant_solvent_atoms.label_alt_id 
_pdbx_distant_solvent_atoms.auth_asym_id 
_pdbx_distant_solvent_atoms.auth_comp_id 
_pdbx_distant_solvent_atoms.auth_seq_id 
_pdbx_distant_solvent_atoms.PDB_ins_code 
_pdbx_distant_solvent_atoms.neighbor_macromolecule_distance 
_pdbx_distant_solvent_atoms.neighbor_ligand_distance 
1 1 O ? A HOH 443 ? 6.57 . 
2 1 O ? A HOH 444 ? 6.79 . 
3 1 O ? A HOH 445 ? 6.88 . 
4 1 O ? A HOH 446 ? 7.49 . 
5 1 O ? A HOH 447 ? 7.55 . 
6 1 O ? A HOH 448 ? 7.62 . 
7 1 O ? A HOH 449 ? 7.66 . 
# 
loop_
_pdbx_unobs_or_zero_occ_residues.id 
_pdbx_unobs_or_zero_occ_residues.PDB_model_num 
_pdbx_unobs_or_zero_occ_residues.polymer_flag 
_pdbx_unobs_or_zero_occ_residues.occupancy_flag 
_pdbx_unobs_or_zero_occ_residues.auth_asym_id 
_pdbx_unobs_or_zero_occ_residues.auth_comp_id 
_pdbx_unobs_or_zero_occ_residues.auth_seq_id 
_pdbx_unobs_or_zero_occ_residues.PDB_ins_code 
_pdbx_unobs_or_zero_occ_residues.label_asym_id 
_pdbx_unobs_or_zero_occ_residues.label_comp_id 
_pdbx_unobs_or_zero_occ_residues.label_seq_id 
1  1 Y 1 A HIS 9   ? A HIS 1   
2  1 Y 1 A HIS 10  ? A HIS 2   
3  1 Y 1 A HIS 11  ? A HIS 3   
4  1 Y 1 A HIS 12  ? A HIS 4   
5  1 Y 1 A HIS 13  ? A HIS 5   
6  1 Y 1 A GLN 86  ? A GLN 78  
7  1 Y 1 A GLY 87  ? A GLY 79  
8  1 Y 1 A GLY 88  ? A GLY 80  
9  1 Y 1 A LEU 89  ? A LEU 81  
10 1 Y 1 A VAL 90  ? A VAL 82  
11 1 Y 1 A LYS 91  ? A LYS 83  
12 1 Y 1 A PRO 92  ? A PRO 84  
13 1 Y 1 A GLU 93  ? A GLU 85  
14 1 Y 1 A ARG 94  ? A ARG 86  
15 1 Y 1 A ASP 95  ? A ASP 87  
16 1 Y 1 A LYS 118 ? A LYS 110 
17 1 Y 1 A VAL 119 ? A VAL 111 
18 1 Y 1 A THR 120 ? A THR 112 
# 
loop_
_chem_comp_atom.comp_id 
_chem_comp_atom.atom_id 
_chem_comp_atom.type_symbol 
_chem_comp_atom.pdbx_aromatic_flag 
_chem_comp_atom.pdbx_stereo_config 
_chem_comp_atom.pdbx_ordinal 
ALA N    N  N N 1   
ALA CA   C  N S 2   
ALA C    C  N N 3   
ALA O    O  N N 4   
ALA CB   C  N N 5   
ALA OXT  O  N N 6   
ALA H    H  N N 7   
ALA H2   H  N N 8   
ALA HA   H  N N 9   
ALA HB1  H  N N 10  
ALA HB2  H  N N 11  
ALA HB3  H  N N 12  
ALA HXT  H  N N 13  
ARG N    N  N N 14  
ARG CA   C  N S 15  
ARG C    C  N N 16  
ARG O    O  N N 17  
ARG CB   C  N N 18  
ARG CG   C  N N 19  
ARG CD   C  N N 20  
ARG NE   N  N N 21  
ARG CZ   C  N N 22  
ARG NH1  N  N N 23  
ARG NH2  N  N N 24  
ARG OXT  O  N N 25  
ARG H    H  N N 26  
ARG H2   H  N N 27  
ARG HA   H  N N 28  
ARG HB2  H  N N 29  
ARG HB3  H  N N 30  
ARG HG2  H  N N 31  
ARG HG3  H  N N 32  
ARG HD2  H  N N 33  
ARG HD3  H  N N 34  
ARG HE   H  N N 35  
ARG HH11 H  N N 36  
ARG HH12 H  N N 37  
ARG HH21 H  N N 38  
ARG HH22 H  N N 39  
ARG HXT  H  N N 40  
ASN N    N  N N 41  
ASN CA   C  N S 42  
ASN C    C  N N 43  
ASN O    O  N N 44  
ASN CB   C  N N 45  
ASN CG   C  N N 46  
ASN OD1  O  N N 47  
ASN ND2  N  N N 48  
ASN OXT  O  N N 49  
ASN H    H  N N 50  
ASN H2   H  N N 51  
ASN HA   H  N N 52  
ASN HB2  H  N N 53  
ASN HB3  H  N N 54  
ASN HD21 H  N N 55  
ASN HD22 H  N N 56  
ASN HXT  H  N N 57  
ASP N    N  N N 58  
ASP CA   C  N S 59  
ASP C    C  N N 60  
ASP O    O  N N 61  
ASP CB   C  N N 62  
ASP CG   C  N N 63  
ASP OD1  O  N N 64  
ASP OD2  O  N N 65  
ASP OXT  O  N N 66  
ASP H    H  N N 67  
ASP H2   H  N N 68  
ASP HA   H  N N 69  
ASP HB2  H  N N 70  
ASP HB3  H  N N 71  
ASP HD2  H  N N 72  
ASP HXT  H  N N 73  
CYS N    N  N N 74  
CYS CA   C  N R 75  
CYS C    C  N N 76  
CYS O    O  N N 77  
CYS CB   C  N N 78  
CYS SG   S  N N 79  
CYS OXT  O  N N 80  
CYS H    H  N N 81  
CYS H2   H  N N 82  
CYS HA   H  N N 83  
CYS HB2  H  N N 84  
CYS HB3  H  N N 85  
CYS HG   H  N N 86  
CYS HXT  H  N N 87  
GLN N    N  N N 88  
GLN CA   C  N S 89  
GLN C    C  N N 90  
GLN O    O  N N 91  
GLN CB   C  N N 92  
GLN CG   C  N N 93  
GLN CD   C  N N 94  
GLN OE1  O  N N 95  
GLN NE2  N  N N 96  
GLN OXT  O  N N 97  
GLN H    H  N N 98  
GLN H2   H  N N 99  
GLN HA   H  N N 100 
GLN HB2  H  N N 101 
GLN HB3  H  N N 102 
GLN HG2  H  N N 103 
GLN HG3  H  N N 104 
GLN HE21 H  N N 105 
GLN HE22 H  N N 106 
GLN HXT  H  N N 107 
GLU N    N  N N 108 
GLU CA   C  N S 109 
GLU C    C  N N 110 
GLU O    O  N N 111 
GLU CB   C  N N 112 
GLU CG   C  N N 113 
GLU CD   C  N N 114 
GLU OE1  O  N N 115 
GLU OE2  O  N N 116 
GLU OXT  O  N N 117 
GLU H    H  N N 118 
GLU H2   H  N N 119 
GLU HA   H  N N 120 
GLU HB2  H  N N 121 
GLU HB3  H  N N 122 
GLU HG2  H  N N 123 
GLU HG3  H  N N 124 
GLU HE2  H  N N 125 
GLU HXT  H  N N 126 
GLY N    N  N N 127 
GLY CA   C  N N 128 
GLY C    C  N N 129 
GLY O    O  N N 130 
GLY OXT  O  N N 131 
GLY H    H  N N 132 
GLY H2   H  N N 133 
GLY HA2  H  N N 134 
GLY HA3  H  N N 135 
GLY HXT  H  N N 136 
HIS N    N  N N 137 
HIS CA   C  N S 138 
HIS C    C  N N 139 
HIS O    O  N N 140 
HIS CB   C  N N 141 
HIS CG   C  Y N 142 
HIS ND1  N  Y N 143 
HIS CD2  C  Y N 144 
HIS CE1  C  Y N 145 
HIS NE2  N  Y N 146 
HIS OXT  O  N N 147 
HIS H    H  N N 148 
HIS H2   H  N N 149 
HIS HA   H  N N 150 
HIS HB2  H  N N 151 
HIS HB3  H  N N 152 
HIS HD1  H  N N 153 
HIS HD2  H  N N 154 
HIS HE1  H  N N 155 
HIS HE2  H  N N 156 
HIS HXT  H  N N 157 
HOH O    O  N N 158 
HOH H1   H  N N 159 
HOH H2   H  N N 160 
ILE N    N  N N 161 
ILE CA   C  N S 162 
ILE C    C  N N 163 
ILE O    O  N N 164 
ILE CB   C  N S 165 
ILE CG1  C  N N 166 
ILE CG2  C  N N 167 
ILE CD1  C  N N 168 
ILE OXT  O  N N 169 
ILE H    H  N N 170 
ILE H2   H  N N 171 
ILE HA   H  N N 172 
ILE HB   H  N N 173 
ILE HG12 H  N N 174 
ILE HG13 H  N N 175 
ILE HG21 H  N N 176 
ILE HG22 H  N N 177 
ILE HG23 H  N N 178 
ILE HD11 H  N N 179 
ILE HD12 H  N N 180 
ILE HD13 H  N N 181 
ILE HXT  H  N N 182 
LEU N    N  N N 183 
LEU CA   C  N S 184 
LEU C    C  N N 185 
LEU O    O  N N 186 
LEU CB   C  N N 187 
LEU CG   C  N N 188 
LEU CD1  C  N N 189 
LEU CD2  C  N N 190 
LEU OXT  O  N N 191 
LEU H    H  N N 192 
LEU H2   H  N N 193 
LEU HA   H  N N 194 
LEU HB2  H  N N 195 
LEU HB3  H  N N 196 
LEU HG   H  N N 197 
LEU HD11 H  N N 198 
LEU HD12 H  N N 199 
LEU HD13 H  N N 200 
LEU HD21 H  N N 201 
LEU HD22 H  N N 202 
LEU HD23 H  N N 203 
LEU HXT  H  N N 204 
LYS N    N  N N 205 
LYS CA   C  N S 206 
LYS C    C  N N 207 
LYS O    O  N N 208 
LYS CB   C  N N 209 
LYS CG   C  N N 210 
LYS CD   C  N N 211 
LYS CE   C  N N 212 
LYS NZ   N  N N 213 
LYS OXT  O  N N 214 
LYS H    H  N N 215 
LYS H2   H  N N 216 
LYS HA   H  N N 217 
LYS HB2  H  N N 218 
LYS HB3  H  N N 219 
LYS HG2  H  N N 220 
LYS HG3  H  N N 221 
LYS HD2  H  N N 222 
LYS HD3  H  N N 223 
LYS HE2  H  N N 224 
LYS HE3  H  N N 225 
LYS HZ1  H  N N 226 
LYS HZ2  H  N N 227 
LYS HZ3  H  N N 228 
LYS HXT  H  N N 229 
MET N    N  N N 230 
MET CA   C  N S 231 
MET C    C  N N 232 
MET O    O  N N 233 
MET CB   C  N N 234 
MET CG   C  N N 235 
MET SD   S  N N 236 
MET CE   C  N N 237 
MET OXT  O  N N 238 
MET H    H  N N 239 
MET H2   H  N N 240 
MET HA   H  N N 241 
MET HB2  H  N N 242 
MET HB3  H  N N 243 
MET HG2  H  N N 244 
MET HG3  H  N N 245 
MET HE1  H  N N 246 
MET HE2  H  N N 247 
MET HE3  H  N N 248 
MET HXT  H  N N 249 
NA  NA   NA N N 250 
PHE N    N  N N 251 
PHE CA   C  N S 252 
PHE C    C  N N 253 
PHE O    O  N N 254 
PHE CB   C  N N 255 
PHE CG   C  Y N 256 
PHE CD1  C  Y N 257 
PHE CD2  C  Y N 258 
PHE CE1  C  Y N 259 
PHE CE2  C  Y N 260 
PHE CZ   C  Y N 261 
PHE OXT  O  N N 262 
PHE H    H  N N 263 
PHE H2   H  N N 264 
PHE HA   H  N N 265 
PHE HB2  H  N N 266 
PHE HB3  H  N N 267 
PHE HD1  H  N N 268 
PHE HD2  H  N N 269 
PHE HE1  H  N N 270 
PHE HE2  H  N N 271 
PHE HZ   H  N N 272 
PHE HXT  H  N N 273 
PRO N    N  N N 274 
PRO CA   C  N S 275 
PRO C    C  N N 276 
PRO O    O  N N 277 
PRO CB   C  N N 278 
PRO CG   C  N N 279 
PRO CD   C  N N 280 
PRO OXT  O  N N 281 
PRO H    H  N N 282 
PRO HA   H  N N 283 
PRO HB2  H  N N 284 
PRO HB3  H  N N 285 
PRO HG2  H  N N 286 
PRO HG3  H  N N 287 
PRO HD2  H  N N 288 
PRO HD3  H  N N 289 
PRO HXT  H  N N 290 
SER N    N  N N 291 
SER CA   C  N S 292 
SER C    C  N N 293 
SER O    O  N N 294 
SER CB   C  N N 295 
SER OG   O  N N 296 
SER OXT  O  N N 297 
SER H    H  N N 298 
SER H2   H  N N 299 
SER HA   H  N N 300 
SER HB2  H  N N 301 
SER HB3  H  N N 302 
SER HG   H  N N 303 
SER HXT  H  N N 304 
THR N    N  N N 305 
THR CA   C  N S 306 
THR C    C  N N 307 
THR O    O  N N 308 
THR CB   C  N R 309 
THR OG1  O  N N 310 
THR CG2  C  N N 311 
THR OXT  O  N N 312 
THR H    H  N N 313 
THR H2   H  N N 314 
THR HA   H  N N 315 
THR HB   H  N N 316 
THR HG1  H  N N 317 
THR HG21 H  N N 318 
THR HG22 H  N N 319 
THR HG23 H  N N 320 
THR HXT  H  N N 321 
TRP N    N  N N 322 
TRP CA   C  N S 323 
TRP C    C  N N 324 
TRP O    O  N N 325 
TRP CB   C  N N 326 
TRP CG   C  Y N 327 
TRP CD1  C  Y N 328 
TRP CD2  C  Y N 329 
TRP NE1  N  Y N 330 
TRP CE2  C  Y N 331 
TRP CE3  C  Y N 332 
TRP CZ2  C  Y N 333 
TRP CZ3  C  Y N 334 
TRP CH2  C  Y N 335 
TRP OXT  O  N N 336 
TRP H    H  N N 337 
TRP H2   H  N N 338 
TRP HA   H  N N 339 
TRP HB2  H  N N 340 
TRP HB3  H  N N 341 
TRP HD1  H  N N 342 
TRP HE1  H  N N 343 
TRP HE3  H  N N 344 
TRP HZ2  H  N N 345 
TRP HZ3  H  N N 346 
TRP HH2  H  N N 347 
TRP HXT  H  N N 348 
TYR N    N  N N 349 
TYR CA   C  N S 350 
TYR C    C  N N 351 
TYR O    O  N N 352 
TYR CB   C  N N 353 
TYR CG   C  Y N 354 
TYR CD1  C  Y N 355 
TYR CD2  C  Y N 356 
TYR CE1  C  Y N 357 
TYR CE2  C  Y N 358 
TYR CZ   C  Y N 359 
TYR OH   O  N N 360 
TYR OXT  O  N N 361 
TYR H    H  N N 362 
TYR H2   H  N N 363 
TYR HA   H  N N 364 
TYR HB2  H  N N 365 
TYR HB3  H  N N 366 
TYR HD1  H  N N 367 
TYR HD2  H  N N 368 
TYR HE1  H  N N 369 
TYR HE2  H  N N 370 
TYR HH   H  N N 371 
TYR HXT  H  N N 372 
VAL N    N  N N 373 
VAL CA   C  N S 374 
VAL C    C  N N 375 
VAL O    O  N N 376 
VAL CB   C  N N 377 
VAL CG1  C  N N 378 
VAL CG2  C  N N 379 
VAL OXT  O  N N 380 
VAL H    H  N N 381 
VAL H2   H  N N 382 
VAL HA   H  N N 383 
VAL HB   H  N N 384 
VAL HG11 H  N N 385 
VAL HG12 H  N N 386 
VAL HG13 H  N N 387 
VAL HG21 H  N N 388 
VAL HG22 H  N N 389 
VAL HG23 H  N N 390 
VAL HXT  H  N N 391 
# 
loop_
_chem_comp_bond.comp_id 
_chem_comp_bond.atom_id_1 
_chem_comp_bond.atom_id_2 
_chem_comp_bond.value_order 
_chem_comp_bond.pdbx_aromatic_flag 
_chem_comp_bond.pdbx_stereo_config 
_chem_comp_bond.pdbx_ordinal 
ALA N   CA   sing N N 1   
ALA N   H    sing N N 2   
ALA N   H2   sing N N 3   
ALA CA  C    sing N N 4   
ALA CA  CB   sing N N 5   
ALA CA  HA   sing N N 6   
ALA C   O    doub N N 7   
ALA C   OXT  sing N N 8   
ALA CB  HB1  sing N N 9   
ALA CB  HB2  sing N N 10  
ALA CB  HB3  sing N N 11  
ALA OXT HXT  sing N N 12  
ARG N   CA   sing N N 13  
ARG N   H    sing N N 14  
ARG N   H2   sing N N 15  
ARG CA  C    sing N N 16  
ARG CA  CB   sing N N 17  
ARG CA  HA   sing N N 18  
ARG C   O    doub N N 19  
ARG C   OXT  sing N N 20  
ARG CB  CG   sing N N 21  
ARG CB  HB2  sing N N 22  
ARG CB  HB3  sing N N 23  
ARG CG  CD   sing N N 24  
ARG CG  HG2  sing N N 25  
ARG CG  HG3  sing N N 26  
ARG CD  NE   sing N N 27  
ARG CD  HD2  sing N N 28  
ARG CD  HD3  sing N N 29  
ARG NE  CZ   sing N N 30  
ARG NE  HE   sing N N 31  
ARG CZ  NH1  sing N N 32  
ARG CZ  NH2  doub N N 33  
ARG NH1 HH11 sing N N 34  
ARG NH1 HH12 sing N N 35  
ARG NH2 HH21 sing N N 36  
ARG NH2 HH22 sing N N 37  
ARG OXT HXT  sing N N 38  
ASN N   CA   sing N N 39  
ASN N   H    sing N N 40  
ASN N   H2   sing N N 41  
ASN CA  C    sing N N 42  
ASN CA  CB   sing N N 43  
ASN CA  HA   sing N N 44  
ASN C   O    doub N N 45  
ASN C   OXT  sing N N 46  
ASN CB  CG   sing N N 47  
ASN CB  HB2  sing N N 48  
ASN CB  HB3  sing N N 49  
ASN CG  OD1  doub N N 50  
ASN CG  ND2  sing N N 51  
ASN ND2 HD21 sing N N 52  
ASN ND2 HD22 sing N N 53  
ASN OXT HXT  sing N N 54  
ASP N   CA   sing N N 55  
ASP N   H    sing N N 56  
ASP N   H2   sing N N 57  
ASP CA  C    sing N N 58  
ASP CA  CB   sing N N 59  
ASP CA  HA   sing N N 60  
ASP C   O    doub N N 61  
ASP C   OXT  sing N N 62  
ASP CB  CG   sing N N 63  
ASP CB  HB2  sing N N 64  
ASP CB  HB3  sing N N 65  
ASP CG  OD1  doub N N 66  
ASP CG  OD2  sing N N 67  
ASP OD2 HD2  sing N N 68  
ASP OXT HXT  sing N N 69  
CYS N   CA   sing N N 70  
CYS N   H    sing N N 71  
CYS N   H2   sing N N 72  
CYS CA  C    sing N N 73  
CYS CA  CB   sing N N 74  
CYS CA  HA   sing N N 75  
CYS C   O    doub N N 76  
CYS C   OXT  sing N N 77  
CYS CB  SG   sing N N 78  
CYS CB  HB2  sing N N 79  
CYS CB  HB3  sing N N 80  
CYS SG  HG   sing N N 81  
CYS OXT HXT  sing N N 82  
GLN N   CA   sing N N 83  
GLN N   H    sing N N 84  
GLN N   H2   sing N N 85  
GLN CA  C    sing N N 86  
GLN CA  CB   sing N N 87  
GLN CA  HA   sing N N 88  
GLN C   O    doub N N 89  
GLN C   OXT  sing N N 90  
GLN CB  CG   sing N N 91  
GLN CB  HB2  sing N N 92  
GLN CB  HB3  sing N N 93  
GLN CG  CD   sing N N 94  
GLN CG  HG2  sing N N 95  
GLN CG  HG3  sing N N 96  
GLN CD  OE1  doub N N 97  
GLN CD  NE2  sing N N 98  
GLN NE2 HE21 sing N N 99  
GLN NE2 HE22 sing N N 100 
GLN OXT HXT  sing N N 101 
GLU N   CA   sing N N 102 
GLU N   H    sing N N 103 
GLU N   H2   sing N N 104 
GLU CA  C    sing N N 105 
GLU CA  CB   sing N N 106 
GLU CA  HA   sing N N 107 
GLU C   O    doub N N 108 
GLU C   OXT  sing N N 109 
GLU CB  CG   sing N N 110 
GLU CB  HB2  sing N N 111 
GLU CB  HB3  sing N N 112 
GLU CG  CD   sing N N 113 
GLU CG  HG2  sing N N 114 
GLU CG  HG3  sing N N 115 
GLU CD  OE1  doub N N 116 
GLU CD  OE2  sing N N 117 
GLU OE2 HE2  sing N N 118 
GLU OXT HXT  sing N N 119 
GLY N   CA   sing N N 120 
GLY N   H    sing N N 121 
GLY N   H2   sing N N 122 
GLY CA  C    sing N N 123 
GLY CA  HA2  sing N N 124 
GLY CA  HA3  sing N N 125 
GLY C   O    doub N N 126 
GLY C   OXT  sing N N 127 
GLY OXT HXT  sing N N 128 
HIS N   CA   sing N N 129 
HIS N   H    sing N N 130 
HIS N   H2   sing N N 131 
HIS CA  C    sing N N 132 
HIS CA  CB   sing N N 133 
HIS CA  HA   sing N N 134 
HIS C   O    doub N N 135 
HIS C   OXT  sing N N 136 
HIS CB  CG   sing N N 137 
HIS CB  HB2  sing N N 138 
HIS CB  HB3  sing N N 139 
HIS CG  ND1  sing Y N 140 
HIS CG  CD2  doub Y N 141 
HIS ND1 CE1  doub Y N 142 
HIS ND1 HD1  sing N N 143 
HIS CD2 NE2  sing Y N 144 
HIS CD2 HD2  sing N N 145 
HIS CE1 NE2  sing Y N 146 
HIS CE1 HE1  sing N N 147 
HIS NE2 HE2  sing N N 148 
HIS OXT HXT  sing N N 149 
HOH O   H1   sing N N 150 
HOH O   H2   sing N N 151 
ILE N   CA   sing N N 152 
ILE N   H    sing N N 153 
ILE N   H2   sing N N 154 
ILE CA  C    sing N N 155 
ILE CA  CB   sing N N 156 
ILE CA  HA   sing N N 157 
ILE C   O    doub N N 158 
ILE C   OXT  sing N N 159 
ILE CB  CG1  sing N N 160 
ILE CB  CG2  sing N N 161 
ILE CB  HB   sing N N 162 
ILE CG1 CD1  sing N N 163 
ILE CG1 HG12 sing N N 164 
ILE CG1 HG13 sing N N 165 
ILE CG2 HG21 sing N N 166 
ILE CG2 HG22 sing N N 167 
ILE CG2 HG23 sing N N 168 
ILE CD1 HD11 sing N N 169 
ILE CD1 HD12 sing N N 170 
ILE CD1 HD13 sing N N 171 
ILE OXT HXT  sing N N 172 
LEU N   CA   sing N N 173 
LEU N   H    sing N N 174 
LEU N   H2   sing N N 175 
LEU CA  C    sing N N 176 
LEU CA  CB   sing N N 177 
LEU CA  HA   sing N N 178 
LEU C   O    doub N N 179 
LEU C   OXT  sing N N 180 
LEU CB  CG   sing N N 181 
LEU CB  HB2  sing N N 182 
LEU CB  HB3  sing N N 183 
LEU CG  CD1  sing N N 184 
LEU CG  CD2  sing N N 185 
LEU CG  HG   sing N N 186 
LEU CD1 HD11 sing N N 187 
LEU CD1 HD12 sing N N 188 
LEU CD1 HD13 sing N N 189 
LEU CD2 HD21 sing N N 190 
LEU CD2 HD22 sing N N 191 
LEU CD2 HD23 sing N N 192 
LEU OXT HXT  sing N N 193 
LYS N   CA   sing N N 194 
LYS N   H    sing N N 195 
LYS N   H2   sing N N 196 
LYS CA  C    sing N N 197 
LYS CA  CB   sing N N 198 
LYS CA  HA   sing N N 199 
LYS C   O    doub N N 200 
LYS C   OXT  sing N N 201 
LYS CB  CG   sing N N 202 
LYS CB  HB2  sing N N 203 
LYS CB  HB3  sing N N 204 
LYS CG  CD   sing N N 205 
LYS CG  HG2  sing N N 206 
LYS CG  HG3  sing N N 207 
LYS CD  CE   sing N N 208 
LYS CD  HD2  sing N N 209 
LYS CD  HD3  sing N N 210 
LYS CE  NZ   sing N N 211 
LYS CE  HE2  sing N N 212 
LYS CE  HE3  sing N N 213 
LYS NZ  HZ1  sing N N 214 
LYS NZ  HZ2  sing N N 215 
LYS NZ  HZ3  sing N N 216 
LYS OXT HXT  sing N N 217 
MET N   CA   sing N N 218 
MET N   H    sing N N 219 
MET N   H2   sing N N 220 
MET CA  C    sing N N 221 
MET CA  CB   sing N N 222 
MET CA  HA   sing N N 223 
MET C   O    doub N N 224 
MET C   OXT  sing N N 225 
MET CB  CG   sing N N 226 
MET CB  HB2  sing N N 227 
MET CB  HB3  sing N N 228 
MET CG  SD   sing N N 229 
MET CG  HG2  sing N N 230 
MET CG  HG3  sing N N 231 
MET SD  CE   sing N N 232 
MET CE  HE1  sing N N 233 
MET CE  HE2  sing N N 234 
MET CE  HE3  sing N N 235 
MET OXT HXT  sing N N 236 
PHE N   CA   sing N N 237 
PHE N   H    sing N N 238 
PHE N   H2   sing N N 239 
PHE CA  C    sing N N 240 
PHE CA  CB   sing N N 241 
PHE CA  HA   sing N N 242 
PHE C   O    doub N N 243 
PHE C   OXT  sing N N 244 
PHE CB  CG   sing N N 245 
PHE CB  HB2  sing N N 246 
PHE CB  HB3  sing N N 247 
PHE CG  CD1  doub Y N 248 
PHE CG  CD2  sing Y N 249 
PHE CD1 CE1  sing Y N 250 
PHE CD1 HD1  sing N N 251 
PHE CD2 CE2  doub Y N 252 
PHE CD2 HD2  sing N N 253 
PHE CE1 CZ   doub Y N 254 
PHE CE1 HE1  sing N N 255 
PHE CE2 CZ   sing Y N 256 
PHE CE2 HE2  sing N N 257 
PHE CZ  HZ   sing N N 258 
PHE OXT HXT  sing N N 259 
PRO N   CA   sing N N 260 
PRO N   CD   sing N N 261 
PRO N   H    sing N N 262 
PRO CA  C    sing N N 263 
PRO CA  CB   sing N N 264 
PRO CA  HA   sing N N 265 
PRO C   O    doub N N 266 
PRO C   OXT  sing N N 267 
PRO CB  CG   sing N N 268 
PRO CB  HB2  sing N N 269 
PRO CB  HB3  sing N N 270 
PRO CG  CD   sing N N 271 
PRO CG  HG2  sing N N 272 
PRO CG  HG3  sing N N 273 
PRO CD  HD2  sing N N 274 
PRO CD  HD3  sing N N 275 
PRO OXT HXT  sing N N 276 
SER N   CA   sing N N 277 
SER N   H    sing N N 278 
SER N   H2   sing N N 279 
SER CA  C    sing N N 280 
SER CA  CB   sing N N 281 
SER CA  HA   sing N N 282 
SER C   O    doub N N 283 
SER C   OXT  sing N N 284 
SER CB  OG   sing N N 285 
SER CB  HB2  sing N N 286 
SER CB  HB3  sing N N 287 
SER OG  HG   sing N N 288 
SER OXT HXT  sing N N 289 
THR N   CA   sing N N 290 
THR N   H    sing N N 291 
THR N   H2   sing N N 292 
THR CA  C    sing N N 293 
THR CA  CB   sing N N 294 
THR CA  HA   sing N N 295 
THR C   O    doub N N 296 
THR C   OXT  sing N N 297 
THR CB  OG1  sing N N 298 
THR CB  CG2  sing N N 299 
THR CB  HB   sing N N 300 
THR OG1 HG1  sing N N 301 
THR CG2 HG21 sing N N 302 
THR CG2 HG22 sing N N 303 
THR CG2 HG23 sing N N 304 
THR OXT HXT  sing N N 305 
TRP N   CA   sing N N 306 
TRP N   H    sing N N 307 
TRP N   H2   sing N N 308 
TRP CA  C    sing N N 309 
TRP CA  CB   sing N N 310 
TRP CA  HA   sing N N 311 
TRP C   O    doub N N 312 
TRP C   OXT  sing N N 313 
TRP CB  CG   sing N N 314 
TRP CB  HB2  sing N N 315 
TRP CB  HB3  sing N N 316 
TRP CG  CD1  doub Y N 317 
TRP CG  CD2  sing Y N 318 
TRP CD1 NE1  sing Y N 319 
TRP CD1 HD1  sing N N 320 
TRP CD2 CE2  doub Y N 321 
TRP CD2 CE3  sing Y N 322 
TRP NE1 CE2  sing Y N 323 
TRP NE1 HE1  sing N N 324 
TRP CE2 CZ2  sing Y N 325 
TRP CE3 CZ3  doub Y N 326 
TRP CE3 HE3  sing N N 327 
TRP CZ2 CH2  doub Y N 328 
TRP CZ2 HZ2  sing N N 329 
TRP CZ3 CH2  sing Y N 330 
TRP CZ3 HZ3  sing N N 331 
TRP CH2 HH2  sing N N 332 
TRP OXT HXT  sing N N 333 
TYR N   CA   sing N N 334 
TYR N   H    sing N N 335 
TYR N   H2   sing N N 336 
TYR CA  C    sing N N 337 
TYR CA  CB   sing N N 338 
TYR CA  HA   sing N N 339 
TYR C   O    doub N N 340 
TYR C   OXT  sing N N 341 
TYR CB  CG   sing N N 342 
TYR CB  HB2  sing N N 343 
TYR CB  HB3  sing N N 344 
TYR CG  CD1  doub Y N 345 
TYR CG  CD2  sing Y N 346 
TYR CD1 CE1  sing Y N 347 
TYR CD1 HD1  sing N N 348 
TYR CD2 CE2  doub Y N 349 
TYR CD2 HD2  sing N N 350 
TYR CE1 CZ   doub Y N 351 
TYR CE1 HE1  sing N N 352 
TYR CE2 CZ   sing Y N 353 
TYR CE2 HE2  sing N N 354 
TYR CZ  OH   sing N N 355 
TYR OH  HH   sing N N 356 
TYR OXT HXT  sing N N 357 
VAL N   CA   sing N N 358 
VAL N   H    sing N N 359 
VAL N   H2   sing N N 360 
VAL CA  C    sing N N 361 
VAL CA  CB   sing N N 362 
VAL CA  HA   sing N N 363 
VAL C   O    doub N N 364 
VAL C   OXT  sing N N 365 
VAL CB  CG1  sing N N 366 
VAL CB  CG2  sing N N 367 
VAL CB  HB   sing N N 368 
VAL CG1 HG11 sing N N 369 
VAL CG1 HG12 sing N N 370 
VAL CG1 HG13 sing N N 371 
VAL CG2 HG21 sing N N 372 
VAL CG2 HG22 sing N N 373 
VAL CG2 HG23 sing N N 374 
VAL OXT HXT  sing N N 375 
# 
loop_
_pdbx_entity_nonpoly.entity_id 
_pdbx_entity_nonpoly.name 
_pdbx_entity_nonpoly.comp_id 
2 'SODIUM ION' NA  
3 water        HOH 
# 
_pdbx_initial_refinement_model.id               1 
_pdbx_initial_refinement_model.entity_id_list   ? 
_pdbx_initial_refinement_model.type             'experimental model' 
_pdbx_initial_refinement_model.source_name      PDB 
_pdbx_initial_refinement_model.accession_code   3HTS 
_pdbx_initial_refinement_model.details          ? 
# 
